data_1VL2
#
_entry.id   1VL2
#
_cell.length_a   95.322
_cell.length_b   114.906
_cell.length_c   149.606
_cell.angle_alpha   90.00
_cell.angle_beta   90.00
_cell.angle_gamma   90.00
#
_symmetry.space_group_name_H-M   'P 21 21 21'
#
loop_
_entity.id
_entity.type
_entity.pdbx_description
1 polymer 'Argininosuccinate synthase'
2 water water
#
_entity_poly.entity_id   1
_entity_poly.type   'polypeptide(L)'
_entity_poly.pdbx_seq_one_letter_code
;MGSDKIHHHHHHMKEKVVLAYSGGLDTSVILKWLCEKGFDVIAYVANVGQKDDFVAIKEKALKTGASKVYVEDLRREFVT
DYIFTALLGNAMYEGRYLLGTAIARPLIAKRQVEIAEKEGAQYVAHGATGKGNDQVRFELTYAALNPNLKVISPWKDPEF
LAKFKGRTDLINYAMEKGIPIKVSKKRPYSEDENLMHISHEAGKLEDPAHIPDEDVFTWTVSPKDAPDEETLLEIHFENG
IPVKVVNLKDGTEKTDPLELFEYLNEVGAKNGVGRLDMVENRFIGIKSRGVYETPGATILWIAHRDLEGITMDKEVMHLR
DMLAPKFAELIYNGFWFSPEMEFLLAAFRKAQENVTGKVTVSIYKGNVMPVARYSPYSLYNPELSSMDVEGGFDATDSKG
FINIHALRLKVHQLVKKGYQR
;
_entity_poly.pdbx_strand_id   A,B,C,D
#
# COMPACT_ATOMS: atom_id res chain seq x y z
N LYS A 14 -12.91 37.65 33.70
CA LYS A 14 -12.25 36.40 34.23
C LYS A 14 -11.92 35.40 33.13
N GLU A 15 -10.79 34.71 33.29
CA GLU A 15 -10.34 33.73 32.29
C GLU A 15 -11.10 32.42 32.51
N LYS A 16 -11.77 31.94 31.46
CA LYS A 16 -12.64 30.76 31.53
C LYS A 16 -11.91 29.58 30.89
N VAL A 17 -11.81 28.47 31.62
CA VAL A 17 -11.27 27.23 31.06
C VAL A 17 -12.33 26.15 31.13
N VAL A 18 -12.44 25.34 30.08
CA VAL A 18 -13.28 24.13 30.11
C VAL A 18 -12.34 22.95 30.36
N LEU A 19 -12.48 22.35 31.56
CA LEU A 19 -11.63 21.24 31.92
C LEU A 19 -12.40 19.93 31.71
N ALA A 20 -11.77 19.01 31.01
CA ALA A 20 -12.28 17.63 30.93
C ALA A 20 -12.12 16.97 32.31
N TYR A 21 -13.24 16.78 33.00
CA TYR A 21 -13.21 16.42 34.42
C TYR A 21 -13.77 15.02 34.64
N SER A 22 -12.97 14.13 35.22
CA SER A 22 -13.32 12.72 35.37
C SER A 22 -13.76 12.40 36.79
N GLY A 23 -13.39 13.25 37.75
CA GLY A 23 -13.74 13.03 39.16
C GLY A 23 -12.66 12.33 39.97
N GLY A 24 -11.61 11.91 39.31
CA GLY A 24 -10.51 11.23 39.94
C GLY A 24 -9.52 12.22 40.53
N LEU A 25 -8.44 11.67 41.05
CA LEU A 25 -7.51 12.47 41.84
C LEU A 25 -6.83 13.53 40.98
N ASP A 26 -6.31 13.11 39.81
CA ASP A 26 -5.62 14.05 38.89
C ASP A 26 -6.46 15.22 38.46
N THR A 27 -7.66 14.99 37.91
CA THR A 27 -8.47 16.13 37.51
C THR A 27 -9.07 16.94 38.62
N SER A 28 -9.22 16.38 39.83
CA SER A 28 -9.73 17.17 40.96
C SER A 28 -8.67 18.18 41.43
N VAL A 29 -7.43 17.71 41.51
CA VAL A 29 -6.30 18.59 41.80
C VAL A 29 -6.16 19.70 40.73
N ILE A 30 -6.33 19.35 39.46
CA ILE A 30 -6.19 20.33 38.41
C ILE A 30 -7.28 21.37 38.49
N LEU A 31 -8.49 20.94 38.82
CA LEU A 31 -9.60 21.83 38.96
C LEU A 31 -9.26 22.88 40.02
N LYS A 32 -8.79 22.40 41.17
CA LYS A 32 -8.45 23.23 42.32
C LYS A 32 -7.35 24.25 41.96
N TRP A 33 -6.28 23.69 41.42
CA TRP A 33 -5.09 24.41 40.98
C TRP A 33 -5.45 25.50 39.99
N LEU A 34 -6.37 25.24 39.07
CA LEU A 34 -6.73 26.26 38.10
C LEU A 34 -7.58 27.32 38.72
N CYS A 35 -8.39 26.93 39.70
CA CYS A 35 -9.04 27.90 40.58
C CYS A 35 -8.02 28.78 41.33
N GLU A 36 -6.99 28.15 41.91
CA GLU A 36 -5.95 28.83 42.71
C GLU A 36 -5.08 29.76 41.86
N LYS A 37 -4.95 29.45 40.57
CA LYS A 37 -4.27 30.31 39.59
C LYS A 37 -5.17 31.41 39.03
N GLY A 38 -6.43 31.44 39.45
CA GLY A 38 -7.32 32.54 39.10
C GLY A 38 -8.27 32.33 37.93
N PHE A 39 -8.38 31.09 37.46
CA PHE A 39 -9.30 30.79 36.35
C PHE A 39 -10.71 30.56 36.85
N ASP A 40 -11.66 30.97 36.04
CA ASP A 40 -13.04 30.51 36.12
C ASP A 40 -13.13 29.14 35.42
N VAL A 41 -13.26 28.04 36.17
CA VAL A 41 -13.25 26.69 35.58
C VAL A 41 -14.65 26.12 35.37
N ILE A 42 -14.92 25.69 34.15
CA ILE A 42 -16.10 24.91 33.85
C ILE A 42 -15.68 23.43 33.83
N ALA A 43 -16.30 22.60 34.66
CA ALA A 43 -16.00 21.19 34.67
C ALA A 43 -16.90 20.51 33.65
N TYR A 44 -16.30 19.78 32.70
CA TYR A 44 -17.02 19.07 31.66
C TYR A 44 -16.86 17.56 31.87
N VAL A 45 -17.98 16.88 32.09
CA VAL A 45 -17.98 15.48 32.49
C VAL A 45 -18.67 14.74 31.37
N ALA A 46 -17.92 13.91 30.67
CA ALA A 46 -18.43 13.23 29.49
C ALA A 46 -18.84 11.84 29.92
N ASN A 47 -20.12 11.55 29.76
CA ASN A 47 -20.66 10.24 29.99
C ASN A 47 -20.60 9.48 28.69
N VAL A 48 -19.58 8.61 28.58
CA VAL A 48 -19.44 7.74 27.41
C VAL A 48 -19.62 6.27 27.80
N GLY A 49 -20.35 6.04 28.88
CA GLY A 49 -20.74 4.72 29.28
C GLY A 49 -20.01 4.18 30.48
N GLN A 50 -19.13 4.98 31.08
CA GLN A 50 -18.45 4.54 32.29
C GLN A 50 -19.47 4.33 33.43
N LYS A 51 -19.21 3.40 34.34
CA LYS A 51 -20.21 3.10 35.35
C LYS A 51 -19.91 3.91 36.57
N ASP A 52 -19.95 5.21 36.39
CA ASP A 52 -19.60 6.17 37.42
C ASP A 52 -20.85 6.86 37.95
N ASP A 53 -20.76 7.35 39.18
CA ASP A 53 -21.83 8.15 39.77
C ASP A 53 -21.63 9.59 39.38
N PHE A 54 -22.30 10.01 38.30
CA PHE A 54 -22.15 11.36 37.77
C PHE A 54 -22.73 12.44 38.70
N VAL A 55 -23.70 12.07 39.53
CA VAL A 55 -24.19 12.98 40.54
C VAL A 55 -23.10 13.32 41.56
N ALA A 56 -22.46 12.32 42.13
CA ALA A 56 -21.29 12.51 43.01
C ALA A 56 -20.13 13.25 42.34
N ILE A 57 -19.87 12.98 41.05
CA ILE A 57 -18.78 13.67 40.34
C ILE A 57 -19.06 15.17 40.21
N LYS A 58 -20.28 15.50 39.82
CA LYS A 58 -20.65 16.87 39.68
C LYS A 58 -20.53 17.59 41.04
N GLU A 59 -20.98 16.94 42.11
CA GLU A 59 -20.86 17.55 43.44
C GLU A 59 -19.40 17.74 43.87
N LYS A 60 -18.55 16.74 43.59
CA LYS A 60 -17.11 16.79 43.86
C LYS A 60 -16.50 17.95 43.11
N ALA A 61 -16.94 18.16 41.85
CA ALA A 61 -16.47 19.29 41.04
C ALA A 61 -16.76 20.62 41.72
N LEU A 62 -17.99 20.80 42.16
CA LEU A 62 -18.41 22.02 42.89
C LEU A 62 -17.72 22.13 44.25
N LYS A 63 -17.64 21.04 45.01
CA LYS A 63 -16.88 21.07 46.27
C LYS A 63 -15.39 21.45 46.04
N THR A 64 -14.87 21.07 44.87
CA THR A 64 -13.47 21.26 44.57
C THR A 64 -13.23 22.66 43.98
N GLY A 65 -14.28 23.35 43.56
CA GLY A 65 -14.17 24.75 43.14
C GLY A 65 -14.77 25.16 41.80
N ALA A 66 -15.25 24.21 41.00
CA ALA A 66 -15.76 24.51 39.67
C ALA A 66 -16.94 25.44 39.74
N SER A 67 -17.02 26.36 38.79
CA SER A 67 -18.11 27.33 38.77
C SER A 67 -19.37 26.72 38.24
N LYS A 68 -19.22 25.77 37.32
CA LYS A 68 -20.35 25.23 36.61
C LYS A 68 -19.91 23.85 36.08
N VAL A 69 -20.85 22.92 35.97
CA VAL A 69 -20.58 21.55 35.53
C VAL A 69 -21.51 21.19 34.39
N TYR A 70 -20.96 20.64 33.30
CA TYR A 70 -21.75 20.07 32.22
C TYR A 70 -21.57 18.58 32.32
N VAL A 71 -22.68 17.85 32.46
CA VAL A 71 -22.65 16.40 32.40
C VAL A 71 -23.33 16.01 31.10
N GLU A 72 -22.56 15.51 30.13
CA GLU A 72 -23.04 15.30 28.75
C GLU A 72 -23.22 13.80 28.47
N ASP A 73 -24.44 13.39 28.11
CA ASP A 73 -24.72 12.00 27.79
C ASP A 73 -24.37 11.78 26.33
N LEU A 74 -23.18 11.22 26.10
CA LEU A 74 -22.64 11.05 24.73
C LEU A 74 -22.73 9.60 24.21
N ARG A 75 -23.44 8.76 24.92
CA ARG A 75 -23.38 7.32 24.66
C ARG A 75 -23.92 6.99 23.28
N ARG A 76 -25.08 7.56 22.93
CA ARG A 76 -25.66 7.28 21.62
C ARG A 76 -24.78 7.73 20.48
N GLU A 77 -24.27 8.95 20.58
CA GLU A 77 -23.38 9.48 19.59
C GLU A 77 -22.10 8.65 19.47
N PHE A 78 -21.61 8.25 20.61
CA PHE A 78 -20.44 7.36 20.65
C PHE A 78 -20.68 6.14 19.78
N VAL A 79 -21.81 5.50 19.97
CA VAL A 79 -22.13 4.32 19.14
C VAL A 79 -22.23 4.70 17.67
N THR A 80 -23.13 5.63 17.35
CA THR A 80 -23.47 5.81 15.93
C THR A 80 -22.44 6.50 15.08
N ASP A 81 -21.70 7.44 15.67
CA ASP A 81 -20.79 8.27 14.93
C ASP A 81 -19.29 7.95 15.13
N TYR A 82 -18.97 7.10 16.10
CA TYR A 82 -17.61 6.75 16.44
C TYR A 82 -17.37 5.23 16.36
N ILE A 83 -18.03 4.45 17.21
CA ILE A 83 -17.86 3.00 17.15
C ILE A 83 -18.26 2.52 15.78
N PHE A 84 -19.43 2.95 15.29
CA PHE A 84 -19.87 2.45 13.97
C PHE A 84 -18.99 2.98 12.86
N THR A 85 -18.34 4.13 13.02
CA THR A 85 -17.35 4.56 12.04
C THR A 85 -16.13 3.66 12.02
N ALA A 86 -15.59 3.33 13.18
CA ALA A 86 -14.47 2.39 13.22
C ALA A 86 -14.80 1.03 12.57
N LEU A 87 -16.06 0.57 12.77
CA LEU A 87 -16.58 -0.66 12.23
C LEU A 87 -16.49 -0.69 10.71
N LEU A 88 -16.53 0.46 10.07
CA LEU A 88 -16.51 0.47 8.58
C LEU A 88 -15.25 -0.15 8.02
N GLY A 89 -14.15 -0.05 8.79
CA GLY A 89 -12.84 -0.62 8.45
C GLY A 89 -12.52 -1.92 9.17
N ASN A 90 -13.48 -2.48 9.94
CA ASN A 90 -13.19 -3.49 10.97
C ASN A 90 -11.91 -3.10 11.69
N ALA A 91 -11.84 -1.86 12.19
CA ALA A 91 -10.52 -1.35 12.61
C ALA A 91 -9.95 -2.20 13.73
N MET A 92 -8.71 -2.66 13.56
CA MET A 92 -7.98 -3.39 14.57
C MET A 92 -6.54 -2.94 14.47
N TYR A 93 -6.03 -2.44 15.55
CA TYR A 93 -4.68 -1.88 15.60
C TYR A 93 -3.73 -3.03 15.89
N GLU A 94 -2.74 -3.13 15.04
CA GLU A 94 -1.72 -4.21 15.19
C GLU A 94 -2.30 -5.60 15.28
N GLY A 95 -3.32 -5.81 14.43
CA GLY A 95 -3.97 -7.06 14.25
C GLY A 95 -4.99 -7.45 15.29
N ARG A 96 -5.11 -6.68 16.39
CA ARG A 96 -5.75 -7.20 17.59
C ARG A 96 -6.64 -6.21 18.38
N TYR A 97 -6.18 -4.97 18.48
CA TYR A 97 -6.76 -4.05 19.44
C TYR A 97 -7.93 -3.30 18.80
N LEU A 98 -9.12 -3.39 19.41
CA LEU A 98 -10.30 -2.77 18.85
C LEU A 98 -10.47 -1.28 19.22
N LEU A 99 -9.51 -0.67 19.87
CA LEU A 99 -9.37 0.79 19.91
C LEU A 99 -10.38 1.43 20.79
N GLY A 100 -10.87 0.74 21.82
CA GLY A 100 -11.96 1.35 22.61
C GLY A 100 -11.66 2.74 23.20
N THR A 101 -10.45 2.96 23.71
CA THR A 101 -10.09 4.27 24.30
C THR A 101 -9.93 5.33 23.24
N ALA A 102 -9.29 4.89 22.17
CA ALA A 102 -8.98 5.80 21.09
C ALA A 102 -10.18 6.31 20.35
N ILE A 103 -11.21 5.48 20.23
CA ILE A 103 -12.43 5.89 19.53
C ILE A 103 -13.21 6.90 20.38
N ALA A 104 -13.18 6.79 21.70
CA ALA A 104 -13.93 7.70 22.57
C ALA A 104 -13.30 9.07 22.68
N ARG A 105 -11.97 9.18 22.70
CA ARG A 105 -11.35 10.46 23.01
C ARG A 105 -11.70 11.58 22.04
N PRO A 106 -11.70 11.36 20.71
CA PRO A 106 -12.07 12.47 19.80
C PRO A 106 -13.49 13.00 20.03
N LEU A 107 -14.43 12.13 20.35
CA LEU A 107 -15.80 12.57 20.66
C LEU A 107 -15.76 13.42 21.92
N ILE A 108 -15.08 12.93 22.96
CA ILE A 108 -14.98 13.72 24.19
C ILE A 108 -14.35 15.09 23.96
N ALA A 109 -13.27 15.14 23.17
CA ALA A 109 -12.56 16.38 22.92
C ALA A 109 -13.43 17.33 22.05
N LYS A 110 -14.12 16.77 21.08
CA LYS A 110 -14.97 17.58 20.21
C LYS A 110 -16.07 18.27 21.04
N ARG A 111 -16.77 17.50 21.88
CA ARG A 111 -17.80 18.12 22.73
C ARG A 111 -17.21 19.20 23.66
N GLN A 112 -15.98 18.99 24.13
CA GLN A 112 -15.29 19.95 24.98
C GLN A 112 -15.09 21.23 24.21
N VAL A 113 -14.61 21.12 22.97
CA VAL A 113 -14.41 22.30 22.13
C VAL A 113 -15.74 23.03 21.95
N GLU A 114 -16.82 22.28 21.73
CA GLU A 114 -18.13 22.90 21.49
C GLU A 114 -18.62 23.64 22.73
N ILE A 115 -18.36 23.11 23.93
CA ILE A 115 -18.74 23.78 25.19
C ILE A 115 -17.86 24.99 25.43
N ALA A 116 -16.58 24.94 25.08
CA ALA A 116 -15.76 26.15 25.25
C ALA A 116 -16.27 27.25 24.34
N GLU A 117 -16.67 26.88 23.13
CA GLU A 117 -17.16 27.87 22.16
C GLU A 117 -18.52 28.45 22.54
N LYS A 118 -19.41 27.61 23.06
CA LYS A 118 -20.71 28.09 23.56
C LYS A 118 -20.51 29.07 24.71
N GLU A 119 -19.52 28.79 25.54
CA GLU A 119 -19.28 29.55 26.76
C GLU A 119 -18.36 30.75 26.54
N GLY A 120 -17.77 30.84 25.35
CA GLY A 120 -16.71 31.80 25.09
C GLY A 120 -15.52 31.59 26.02
N ALA A 121 -15.14 30.33 26.25
CA ALA A 121 -13.94 30.10 27.04
C ALA A 121 -12.75 30.25 26.12
N GLN A 122 -11.65 30.73 26.67
CA GLN A 122 -10.46 30.96 25.89
C GLN A 122 -9.57 29.74 25.89
N TYR A 123 -9.78 28.84 26.88
CA TYR A 123 -8.89 27.72 27.12
C TYR A 123 -9.70 26.42 27.27
N VAL A 124 -9.10 25.34 26.80
CA VAL A 124 -9.54 23.99 27.11
C VAL A 124 -8.42 23.32 27.88
N ALA A 125 -8.78 22.47 28.84
CA ALA A 125 -7.76 21.80 29.60
C ALA A 125 -8.06 20.31 29.76
N HIS A 126 -7.02 19.53 29.92
CA HIS A 126 -7.20 18.10 30.18
C HIS A 126 -6.16 17.59 31.15
N GLY A 127 -6.45 16.45 31.77
CA GLY A 127 -5.56 15.82 32.76
C GLY A 127 -4.88 14.57 32.33
N ALA A 128 -4.78 14.31 31.01
CA ALA A 128 -4.11 13.17 30.53
C ALA A 128 -2.62 13.31 30.87
N THR A 129 -1.97 12.18 31.05
CA THR A 129 -0.61 12.18 31.55
C THR A 129 0.34 12.65 30.48
N GLY A 130 1.46 13.16 30.95
CA GLY A 130 2.47 13.76 30.06
C GLY A 130 3.21 12.77 29.20
N LYS A 131 3.11 11.49 29.50
CA LYS A 131 3.82 10.47 28.77
C LYS A 131 2.95 9.35 28.15
N GLY A 132 1.64 9.55 28.01
CA GLY A 132 0.79 8.58 27.33
C GLY A 132 0.20 9.02 25.97
N ASN A 133 -0.74 8.24 25.45
CA ASN A 133 -1.42 8.49 24.16
C ASN A 133 -2.63 9.42 24.24
N ASP A 134 -3.36 9.38 25.33
CA ASP A 134 -4.62 10.18 25.36
C ASP A 134 -4.41 11.64 25.17
N GLN A 135 -3.32 12.18 25.74
CA GLN A 135 -2.97 13.60 25.56
C GLN A 135 -2.95 13.97 24.07
N VAL A 136 -2.43 13.09 23.25
CA VAL A 136 -2.33 13.35 21.79
C VAL A 136 -3.73 13.38 21.17
N ARG A 137 -4.57 12.46 21.59
CA ARG A 137 -5.89 12.37 21.06
C ARG A 137 -6.69 13.62 21.40
N PHE A 138 -6.55 14.11 22.63
CA PHE A 138 -7.19 15.36 22.99
C PHE A 138 -6.64 16.48 22.07
N GLU A 139 -5.32 16.65 22.09
CA GLU A 139 -4.73 17.89 21.57
C GLU A 139 -4.73 17.97 20.05
N LEU A 140 -4.66 16.84 19.38
CA LEU A 140 -4.82 16.84 17.92
C LEU A 140 -6.27 17.21 17.52
N THR A 141 -7.27 16.78 18.30
CA THR A 141 -8.64 17.15 18.10
C THR A 141 -8.80 18.65 18.33
N TYR A 142 -8.29 19.16 19.44
CA TYR A 142 -8.35 20.62 19.65
C TYR A 142 -7.76 21.35 18.43
N ALA A 143 -6.59 20.93 17.95
CA ALA A 143 -5.94 21.65 16.82
C ALA A 143 -6.78 21.56 15.56
N ALA A 144 -7.41 20.42 15.34
CA ALA A 144 -8.16 20.17 14.11
C ALA A 144 -9.47 20.95 14.04
N LEU A 145 -10.08 21.18 15.19
CA LEU A 145 -11.43 21.75 15.29
C LEU A 145 -11.40 23.22 15.60
N ASN A 146 -10.54 23.63 16.51
CA ASN A 146 -10.44 25.07 16.85
C ASN A 146 -9.07 25.48 17.39
N PRO A 147 -8.16 25.79 16.48
CA PRO A 147 -6.81 26.24 16.82
C PRO A 147 -6.73 27.55 17.59
N ASN A 148 -7.83 28.28 17.65
CA ASN A 148 -7.90 29.53 18.39
C ASN A 148 -8.03 29.29 19.93
N LEU A 149 -8.45 28.10 20.35
CA LEU A 149 -8.47 27.80 21.78
C LEU A 149 -7.07 27.52 22.29
N LYS A 150 -6.74 28.03 23.47
CA LYS A 150 -5.45 27.77 24.07
C LYS A 150 -5.59 26.52 24.93
N VAL A 151 -4.51 25.74 24.98
CA VAL A 151 -4.57 24.42 25.61
C VAL A 151 -3.78 24.40 26.91
N ILE A 152 -4.43 23.99 27.99
CA ILE A 152 -3.74 23.77 29.26
C ILE A 152 -3.59 22.27 29.54
N SER A 153 -2.35 21.82 29.69
CA SER A 153 -2.03 20.43 29.98
C SER A 153 -1.08 20.43 31.17
N PRO A 154 -1.63 20.38 32.38
CA PRO A 154 -0.78 20.50 33.57
C PRO A 154 0.32 19.44 33.64
N TRP A 155 0.06 18.24 33.18
CA TRP A 155 1.08 17.21 33.20
C TRP A 155 2.29 17.44 32.24
N LYS A 156 2.24 18.50 31.45
CA LYS A 156 3.37 18.92 30.62
C LYS A 156 3.86 20.27 31.03
N ASP A 157 3.31 20.80 32.15
CA ASP A 157 3.61 22.15 32.65
C ASP A 157 4.72 22.00 33.67
N PRO A 158 5.89 22.60 33.44
CA PRO A 158 7.04 22.40 34.34
C PRO A 158 6.78 22.65 35.83
N GLU A 159 6.07 23.73 36.14
CA GLU A 159 5.66 24.07 37.50
C GLU A 159 4.85 22.93 38.12
N PHE A 160 3.70 22.64 37.46
CA PHE A 160 2.78 21.65 37.97
C PHE A 160 3.58 20.38 38.14
N LEU A 161 4.40 20.08 37.16
CA LEU A 161 5.13 18.83 37.14
C LEU A 161 6.08 18.75 38.35
N ALA A 162 6.74 19.85 38.68
CA ALA A 162 7.73 19.87 39.77
C ALA A 162 7.06 19.55 41.12
N LYS A 163 5.93 20.22 41.37
CA LYS A 163 5.12 19.98 42.57
C LYS A 163 4.65 18.53 42.76
N PHE A 164 4.24 17.88 41.66
CA PHE A 164 3.54 16.63 41.78
C PHE A 164 4.31 15.42 41.26
N LYS A 165 5.59 15.38 41.61
CA LYS A 165 6.48 14.29 41.21
C LYS A 165 5.82 12.93 41.21
N THR A 168 3.04 10.50 46.27
CA THR A 168 2.11 10.99 47.32
C THR A 168 1.77 12.48 47.32
N ASP A 169 2.30 13.24 46.36
CA ASP A 169 2.15 14.69 46.40
C ASP A 169 0.74 15.17 46.04
N LEU A 170 0.01 14.40 45.22
CA LEU A 170 -1.34 14.84 44.81
C LEU A 170 -2.30 14.75 46.00
N ILE A 171 -2.27 13.59 46.64
CA ILE A 171 -3.09 13.31 47.84
C ILE A 171 -2.84 14.33 48.96
N ASN A 172 -1.58 14.73 49.14
CA ASN A 172 -1.26 15.73 50.16
C ASN A 172 -1.87 17.09 49.84
N TYR A 173 -1.86 17.50 48.57
CA TYR A 173 -2.49 18.77 48.18
C TYR A 173 -4.04 18.75 48.28
N ALA A 174 -4.65 17.62 47.97
CA ALA A 174 -6.11 17.46 48.06
C ALA A 174 -6.52 17.75 49.53
N MET A 175 -5.77 17.14 50.43
CA MET A 175 -5.97 17.35 51.90
C MET A 175 -5.92 18.81 52.29
N GLU A 176 -4.87 19.53 51.84
CA GLU A 176 -4.69 20.94 52.18
C GLU A 176 -5.84 21.77 51.65
N LYS A 177 -6.31 21.48 50.43
CA LYS A 177 -7.31 22.36 49.80
C LYS A 177 -8.75 21.97 50.01
N GLY A 178 -8.97 20.90 50.76
CA GLY A 178 -10.32 20.53 51.11
C GLY A 178 -10.91 19.75 49.97
N ILE A 179 -10.06 19.17 49.13
CA ILE A 179 -10.59 18.36 48.01
C ILE A 179 -10.91 16.95 48.49
N PRO A 180 -12.14 16.50 48.33
CA PRO A 180 -12.50 15.12 48.75
C PRO A 180 -11.61 14.10 48.07
N ILE A 181 -11.25 13.03 48.80
CA ILE A 181 -10.53 11.92 48.23
C ILE A 181 -11.24 10.62 48.47
N LYS A 182 -10.89 9.65 47.65
CA LYS A 182 -11.59 8.40 47.62
C LYS A 182 -11.57 7.75 49.00
N VAL A 183 -12.69 7.19 49.42
CA VAL A 183 -12.86 6.68 50.81
C VAL A 183 -12.37 5.23 51.00
N SER A 184 -11.79 4.67 49.96
CA SER A 184 -11.28 3.29 49.99
C SER A 184 -10.20 3.09 48.93
N LYS A 185 -9.45 2.00 49.07
CA LYS A 185 -8.30 1.69 48.23
C LYS A 185 -8.72 1.49 46.77
N LYS A 186 -7.97 2.11 45.88
CA LYS A 186 -8.18 1.94 44.43
C LYS A 186 -7.57 0.62 43.99
N ARG A 187 -8.20 0.03 43.00
CA ARG A 187 -7.69 -1.16 42.34
C ARG A 187 -6.30 -0.85 41.84
N PRO A 188 -5.38 -1.81 41.92
CA PRO A 188 -3.99 -1.56 41.62
C PRO A 188 -3.59 -1.64 40.14
N TYR A 189 -4.46 -1.15 39.27
CA TYR A 189 -4.20 -1.05 37.84
C TYR A 189 -4.69 0.31 37.36
N SER A 190 -4.11 0.79 36.25
CA SER A 190 -4.66 1.96 35.54
C SER A 190 -5.78 1.48 34.63
N GLU A 191 -7.00 1.97 34.84
CA GLU A 191 -8.15 1.44 34.13
C GLU A 191 -8.92 2.59 33.48
N ASP A 192 -9.37 2.37 32.24
CA ASP A 192 -10.23 3.33 31.51
C ASP A 192 -11.46 2.55 31.13
N GLU A 193 -12.63 3.12 31.26
CA GLU A 193 -13.84 2.37 30.91
C GLU A 193 -14.84 3.24 30.12
N ASN A 194 -15.47 2.63 29.14
CA ASN A 194 -16.54 3.31 28.40
C ASN A 194 -17.46 2.24 27.89
N LEU A 195 -18.43 2.63 27.08
CA LEU A 195 -19.39 1.68 26.55
C LEU A 195 -18.79 0.60 25.69
N MET A 196 -17.60 0.84 25.16
CA MET A 196 -16.99 -0.06 24.20
C MET A 196 -16.06 -1.06 24.92
N HIS A 197 -15.32 -0.57 25.94
CA HIS A 197 -14.35 -1.47 26.59
C HIS A 197 -14.03 -1.07 28.01
N ILE A 198 -13.36 -1.97 28.75
CA ILE A 198 -12.59 -1.56 29.92
C ILE A 198 -11.13 -1.98 29.59
N SER A 199 -10.20 -1.09 29.88
CA SER A 199 -8.75 -1.37 29.70
C SER A 199 -8.12 -1.47 31.07
N HIS A 200 -7.07 -2.29 31.16
CA HIS A 200 -6.33 -2.45 32.38
C HIS A 200 -4.83 -2.51 32.01
N GLU A 201 -4.04 -1.64 32.62
CA GLU A 201 -2.61 -1.60 32.42
C GLU A 201 -1.88 -1.18 33.71
N ALA A 202 -0.57 -1.23 33.61
CA ALA A 202 0.31 -0.88 34.72
C ALA A 202 0.20 -1.83 35.89
N GLY A 203 0.71 -1.41 37.04
CA GLY A 203 0.83 -2.32 38.14
C GLY A 203 1.58 -3.59 37.70
N LYS A 204 1.08 -4.75 38.13
CA LYS A 204 1.73 -6.03 37.80
C LYS A 204 1.64 -6.35 36.33
N LEU A 205 0.67 -5.77 35.62
CA LEU A 205 0.56 -6.05 34.19
C LEU A 205 1.69 -5.48 33.36
N GLU A 206 2.45 -4.56 33.91
CA GLU A 206 3.55 -3.92 33.23
C GLU A 206 4.57 -4.95 32.72
N ASP A 207 4.72 -6.02 33.47
CA ASP A 207 5.64 -7.12 33.06
C ASP A 207 4.87 -8.04 32.12
N PRO A 208 5.20 -8.07 30.83
CA PRO A 208 4.44 -8.90 29.90
C PRO A 208 4.52 -10.41 30.12
N ALA A 209 5.43 -10.87 31.01
CA ALA A 209 5.47 -12.29 31.39
C ALA A 209 4.60 -12.61 32.58
N HIS A 210 3.97 -11.61 33.17
CA HIS A 210 3.03 -11.80 34.30
C HIS A 210 1.67 -12.17 33.73
N ILE A 211 1.14 -13.33 34.10
CA ILE A 211 -0.19 -13.74 33.67
C ILE A 211 -1.22 -12.98 34.52
N PRO A 212 -2.17 -12.36 33.85
CA PRO A 212 -3.17 -11.59 34.59
C PRO A 212 -4.02 -12.50 35.46
N ASP A 213 -4.25 -12.13 36.71
CA ASP A 213 -5.18 -12.95 37.48
C ASP A 213 -6.60 -12.57 37.17
N GLU A 214 -7.53 -13.42 37.59
CA GLU A 214 -8.93 -13.21 37.23
C GLU A 214 -9.49 -11.89 37.73
N ASP A 215 -8.97 -11.41 38.86
CA ASP A 215 -9.42 -10.10 39.41
C ASP A 215 -9.02 -8.89 38.59
N VAL A 216 -8.16 -9.05 37.59
CA VAL A 216 -7.91 -7.97 36.67
C VAL A 216 -9.19 -7.60 35.92
N PHE A 217 -9.95 -8.61 35.55
CA PHE A 217 -11.14 -8.47 34.71
C PHE A 217 -12.32 -8.02 35.56
N THR A 218 -13.04 -7.03 35.03
CA THR A 218 -14.16 -6.48 35.78
C THR A 218 -15.47 -6.37 35.01
N TRP A 219 -15.53 -6.80 33.74
CA TRP A 219 -16.75 -6.70 32.98
C TRP A 219 -17.17 -8.08 32.50
N THR A 220 -16.32 -8.72 31.70
CA THR A 220 -16.63 -10.03 31.16
C THR A 220 -16.40 -11.05 32.26
N VAL A 221 -17.22 -12.10 32.22
CA VAL A 221 -16.87 -13.35 32.94
C VAL A 221 -15.81 -14.10 32.15
N SER A 222 -15.04 -14.98 32.78
CA SER A 222 -14.12 -15.77 31.99
C SER A 222 -14.91 -16.82 31.13
N PRO A 223 -14.35 -17.24 30.02
CA PRO A 223 -14.89 -18.40 29.31
C PRO A 223 -15.09 -19.58 30.21
N LYS A 224 -14.19 -19.78 31.17
CA LYS A 224 -14.34 -20.91 32.12
C LYS A 224 -15.62 -20.81 32.93
N ASP A 225 -15.89 -19.58 33.40
CA ASP A 225 -17.11 -19.28 34.18
C ASP A 225 -18.39 -19.07 33.38
N ALA A 226 -18.29 -18.84 32.08
CA ALA A 226 -19.46 -18.59 31.27
C ALA A 226 -20.35 -19.86 31.19
N PRO A 227 -21.64 -19.68 30.95
CA PRO A 227 -22.58 -20.81 30.92
C PRO A 227 -22.25 -21.84 29.85
N ASP A 228 -22.37 -23.12 30.21
CA ASP A 228 -22.14 -24.17 29.26
C ASP A 228 -23.38 -24.35 28.41
N GLU A 229 -23.70 -23.32 27.63
CA GLU A 229 -24.90 -23.28 26.78
C GLU A 229 -24.68 -22.25 25.64
N GLU A 230 -25.05 -22.59 24.42
CA GLU A 230 -24.83 -21.66 23.32
C GLU A 230 -25.97 -20.68 23.22
N THR A 231 -25.65 -19.45 22.78
CA THR A 231 -26.61 -18.43 22.39
C THR A 231 -26.44 -18.13 20.91
N LEU A 232 -27.54 -18.11 20.17
CA LEU A 232 -27.51 -17.76 18.77
C LEU A 232 -28.15 -16.41 18.60
N LEU A 233 -27.44 -15.49 17.95
CA LEU A 233 -27.95 -14.17 17.63
C LEU A 233 -27.98 -13.99 16.13
N GLU A 234 -28.94 -13.22 15.66
CA GLU A 234 -28.92 -12.74 14.29
C GLU A 234 -28.62 -11.26 14.36
N ILE A 235 -27.63 -10.78 13.58
CA ILE A 235 -27.28 -9.40 13.57
C ILE A 235 -27.51 -8.92 12.16
N HIS A 236 -28.33 -7.91 12.03
CA HIS A 236 -28.70 -7.33 10.73
C HIS A 236 -27.96 -6.04 10.48
N PHE A 237 -27.54 -5.84 9.22
CA PHE A 237 -26.81 -4.63 8.81
C PHE A 237 -27.48 -4.02 7.59
N GLU A 238 -27.33 -2.71 7.47
CA GLU A 238 -27.69 -1.95 6.27
C GLU A 238 -26.55 -1.00 5.92
N ASN A 239 -25.95 -1.20 4.74
CA ASN A 239 -24.77 -0.43 4.33
C ASN A 239 -23.68 -0.40 5.39
N GLY A 240 -23.48 -1.57 5.97
CA GLY A 240 -22.43 -1.74 6.94
C GLY A 240 -22.75 -1.25 8.33
N ILE A 241 -23.97 -0.78 8.55
CA ILE A 241 -24.39 -0.26 9.86
C ILE A 241 -25.32 -1.26 10.51
N PRO A 242 -25.07 -1.67 11.77
CA PRO A 242 -25.95 -2.58 12.49
C PRO A 242 -27.31 -1.94 12.67
N VAL A 243 -28.36 -2.68 12.34
CA VAL A 243 -29.74 -2.14 12.46
C VAL A 243 -30.71 -3.02 13.24
N LYS A 244 -30.33 -4.27 13.56
CA LYS A 244 -31.19 -5.13 14.39
C LYS A 244 -30.33 -6.23 15.00
N VAL A 245 -30.62 -6.58 16.27
CA VAL A 245 -30.12 -7.82 16.86
C VAL A 245 -31.32 -8.62 17.37
N VAL A 246 -31.31 -9.91 17.08
CA VAL A 246 -32.37 -10.83 17.51
C VAL A 246 -31.71 -12.03 18.20
N ASN A 247 -32.19 -12.35 19.39
CA ASN A 247 -31.75 -13.55 20.10
C ASN A 247 -32.69 -14.65 19.62
N LEU A 248 -32.11 -15.68 18.97
CA LEU A 248 -32.95 -16.71 18.31
C LEU A 248 -33.49 -17.73 19.30
N LYS A 249 -32.98 -17.69 20.51
CA LYS A 249 -33.42 -18.59 21.60
C LYS A 249 -34.54 -17.94 22.39
N ASP A 250 -34.33 -16.70 22.83
CA ASP A 250 -35.26 -16.08 23.80
C ASP A 250 -36.09 -14.95 23.26
N GLY A 251 -35.89 -14.64 21.98
CA GLY A 251 -36.71 -13.71 21.27
C GLY A 251 -36.43 -12.22 21.43
N THR A 252 -35.51 -11.84 22.32
CA THR A 252 -35.13 -10.46 22.47
C THR A 252 -34.82 -9.86 21.10
N GLU A 253 -35.33 -8.66 20.82
CA GLU A 253 -35.01 -7.92 19.58
C GLU A 253 -34.73 -6.49 19.94
N LYS A 254 -33.72 -5.91 19.32
CA LYS A 254 -33.32 -4.53 19.55
C LYS A 254 -32.99 -3.94 18.18
N THR A 255 -33.51 -2.76 17.89
CA THR A 255 -33.17 -2.00 16.67
C THR A 255 -32.49 -0.64 16.92
N ASP A 256 -32.72 -0.06 18.08
CA ASP A 256 -32.12 1.20 18.40
C ASP A 256 -30.61 0.98 18.47
N PRO A 257 -29.79 1.85 17.88
CA PRO A 257 -28.32 1.60 17.92
C PRO A 257 -27.72 1.52 19.31
N LEU A 258 -28.11 2.40 20.23
CA LEU A 258 -27.60 2.30 21.58
C LEU A 258 -28.07 1.02 22.28
N GLU A 259 -29.37 0.70 22.18
CA GLU A 259 -29.89 -0.50 22.84
C GLU A 259 -29.26 -1.78 22.29
N LEU A 260 -29.11 -1.82 20.99
CA LEU A 260 -28.56 -2.99 20.33
C LEU A 260 -27.11 -3.20 20.74
N PHE A 261 -26.38 -2.11 20.84
CA PHE A 261 -24.97 -2.23 21.19
C PHE A 261 -24.83 -2.65 22.66
N GLU A 262 -25.63 -2.07 23.54
CA GLU A 262 -25.67 -2.47 24.95
C GLU A 262 -26.06 -3.93 25.15
N TYR A 263 -26.99 -4.40 24.33
CA TYR A 263 -27.38 -5.79 24.36
C TYR A 263 -26.24 -6.71 23.94
N LEU A 264 -25.51 -6.35 22.86
CA LEU A 264 -24.32 -7.13 22.48
C LEU A 264 -23.29 -7.15 23.62
N ASN A 265 -23.13 -6.01 24.32
CA ASN A 265 -22.24 -5.94 25.50
C ASN A 265 -22.68 -6.95 26.56
N GLU A 266 -23.99 -6.96 26.83
CA GLU A 266 -24.54 -7.87 27.84
C GLU A 266 -24.30 -9.33 27.47
N VAL A 267 -24.69 -9.71 26.25
CA VAL A 267 -24.54 -11.08 25.79
C VAL A 267 -23.07 -11.47 25.81
N GLY A 268 -22.23 -10.60 25.28
CA GLY A 268 -20.81 -10.89 25.28
C GLY A 268 -20.21 -11.10 26.65
N ALA A 269 -20.50 -10.18 27.56
CA ALA A 269 -19.92 -10.21 28.88
C ALA A 269 -20.35 -11.49 29.59
N LYS A 270 -21.63 -11.84 29.48
CA LYS A 270 -22.18 -13.04 30.16
C LYS A 270 -21.51 -14.33 29.64
N ASN A 271 -21.13 -14.32 28.34
CA ASN A 271 -20.60 -15.49 27.68
C ASN A 271 -19.08 -15.46 27.51
N GLY A 272 -18.39 -14.58 28.19
CA GLY A 272 -16.91 -14.60 28.28
C GLY A 272 -16.19 -14.08 27.02
N VAL A 273 -16.90 -13.25 26.24
CA VAL A 273 -16.41 -12.77 24.95
C VAL A 273 -15.65 -11.47 25.10
N GLY A 274 -14.53 -11.36 24.42
CA GLY A 274 -13.89 -10.05 24.23
C GLY A 274 -12.67 -9.73 25.04
N ARG A 275 -12.01 -10.74 25.62
CA ARG A 275 -10.78 -10.51 26.36
C ARG A 275 -9.59 -10.53 25.40
N LEU A 276 -8.66 -9.61 25.67
CA LEU A 276 -7.42 -9.42 24.87
C LEU A 276 -6.30 -9.04 25.82
N ASP A 277 -5.17 -9.72 25.64
CA ASP A 277 -3.94 -9.42 26.38
C ASP A 277 -2.85 -9.28 25.32
N MET A 278 -2.31 -8.08 25.18
CA MET A 278 -1.29 -7.81 24.16
C MET A 278 -0.32 -6.76 24.58
N VAL A 279 0.82 -6.71 23.86
CA VAL A 279 1.77 -5.60 23.90
C VAL A 279 1.58 -4.83 22.61
N GLU A 280 1.33 -3.54 22.79
CA GLU A 280 1.10 -2.62 21.68
C GLU A 280 2.21 -1.56 21.61
N ASN A 281 2.44 -1.05 20.42
CA ASN A 281 3.37 0.04 20.24
C ASN A 281 2.62 1.32 20.39
N ARG A 282 3.08 2.17 21.28
CA ARG A 282 2.44 3.44 21.56
C ARG A 282 2.80 4.46 20.50
N PHE A 283 2.07 5.58 20.46
CA PHE A 283 2.46 6.68 19.58
C PHE A 283 3.55 7.54 20.33
N ILE A 284 3.27 7.87 21.60
CA ILE A 284 4.25 8.52 22.50
C ILE A 284 4.74 7.42 23.42
N GLY A 285 6.02 7.12 23.28
CA GLY A 285 6.61 5.99 23.96
C GLY A 285 6.82 4.81 23.01
N ILE A 286 7.20 3.69 23.62
CA ILE A 286 7.65 2.55 22.89
C ILE A 286 6.57 1.47 22.80
N LYS A 287 6.55 0.64 23.85
CA LYS A 287 5.62 -0.49 23.95
C LYS A 287 4.93 -0.48 25.30
N SER A 288 3.70 -1.04 25.37
CA SER A 288 2.95 -1.13 26.60
C SER A 288 2.10 -2.39 26.59
N ARG A 289 2.02 -3.09 27.72
CA ARG A 289 1.18 -4.28 27.84
C ARG A 289 -0.19 -3.84 28.37
N GLY A 290 -1.24 -4.29 27.68
CA GLY A 290 -2.60 -4.01 28.05
C GLY A 290 -3.50 -5.20 28.05
N VAL A 291 -4.51 -5.17 28.94
CA VAL A 291 -5.52 -6.18 28.96
C VAL A 291 -6.83 -5.43 28.70
N TYR A 292 -7.57 -5.90 27.70
CA TYR A 292 -8.82 -5.22 27.25
C TYR A 292 -9.99 -6.14 27.26
N GLU A 293 -11.15 -5.60 27.65
CA GLU A 293 -12.42 -6.34 27.62
C GLU A 293 -13.40 -5.58 26.74
N THR A 294 -13.73 -6.15 25.58
CA THR A 294 -14.54 -5.49 24.57
C THR A 294 -15.65 -6.45 24.10
N PRO A 295 -16.61 -6.73 24.97
CA PRO A 295 -17.61 -7.80 24.69
C PRO A 295 -18.48 -7.56 23.45
N GLY A 296 -19.10 -6.42 23.40
CA GLY A 296 -20.08 -6.19 22.32
C GLY A 296 -19.41 -5.96 20.98
N ALA A 297 -18.42 -5.12 20.92
CA ALA A 297 -17.78 -4.85 19.62
C ALA A 297 -17.07 -6.03 19.07
N THR A 298 -16.58 -6.92 19.94
CA THR A 298 -15.91 -8.14 19.44
C THR A 298 -16.89 -8.92 18.60
N ILE A 299 -18.12 -9.03 19.10
CA ILE A 299 -19.20 -9.70 18.35
C ILE A 299 -19.52 -8.98 17.04
N LEU A 300 -19.70 -7.68 17.10
CA LEU A 300 -20.11 -6.90 15.93
C LEU A 300 -19.07 -6.93 14.84
N TRP A 301 -17.80 -6.81 15.22
CA TRP A 301 -16.70 -6.83 14.24
C TRP A 301 -16.67 -8.18 13.50
N ILE A 302 -16.86 -9.28 14.23
CA ILE A 302 -16.80 -10.62 13.62
C ILE A 302 -17.98 -10.81 12.68
N ALA A 303 -19.15 -10.38 13.12
CA ALA A 303 -20.33 -10.50 12.31
C ALA A 303 -20.24 -9.64 11.02
N HIS A 304 -19.71 -8.45 11.16
CA HIS A 304 -19.61 -7.54 10.04
C HIS A 304 -18.68 -8.09 8.96
N ARG A 305 -17.50 -8.59 9.36
CA ARG A 305 -16.56 -9.19 8.39
C ARG A 305 -17.24 -10.39 7.72
N ASP A 306 -18.00 -11.19 8.48
CA ASP A 306 -18.67 -12.33 7.83
C ASP A 306 -19.66 -11.89 6.74
N LEU A 307 -20.43 -10.84 7.00
CA LEU A 307 -21.35 -10.32 5.99
C LEU A 307 -20.59 -9.78 4.78
N GLU A 308 -19.45 -9.12 5.00
CA GLU A 308 -18.63 -8.66 3.89
C GLU A 308 -18.19 -9.77 2.95
N GLY A 309 -18.01 -10.98 3.49
CA GLY A 309 -17.69 -12.14 2.67
C GLY A 309 -18.66 -12.41 1.55
N ILE A 310 -19.97 -12.21 1.81
CA ILE A 310 -20.97 -12.50 0.79
C ILE A 310 -21.40 -11.30 -0.05
N THR A 311 -21.05 -10.08 0.39
CA THR A 311 -21.53 -8.85 -0.22
C THR A 311 -20.44 -8.02 -0.93
N MET A 312 -19.20 -8.06 -0.45
CA MET A 312 -18.23 -7.08 -0.94
C MET A 312 -17.52 -7.65 -2.17
N ASP A 313 -17.25 -6.76 -3.13
CA ASP A 313 -16.40 -7.12 -4.26
C ASP A 313 -14.97 -7.44 -3.80
N LYS A 314 -14.38 -8.47 -4.41
CA LYS A 314 -13.06 -8.96 -4.04
C LYS A 314 -11.96 -7.91 -4.08
N GLU A 315 -11.93 -7.12 -5.16
CA GLU A 315 -10.84 -6.15 -5.33
C GLU A 315 -11.01 -4.95 -4.40
N VAL A 316 -12.27 -4.57 -4.15
CA VAL A 316 -12.59 -3.58 -3.12
C VAL A 316 -12.12 -4.09 -1.71
N MET A 317 -12.50 -5.32 -1.38
CA MET A 317 -12.08 -5.90 -0.07
C MET A 317 -10.56 -5.91 0.01
N HIS A 318 -9.90 -6.34 -1.05
CA HIS A 318 -8.46 -6.38 -1.03
C HIS A 318 -7.82 -5.00 -0.78
N LEU A 319 -8.31 -3.97 -1.46
CA LEU A 319 -7.77 -2.62 -1.28
C LEU A 319 -8.07 -2.09 0.14
N ARG A 320 -9.30 -2.31 0.58
CA ARG A 320 -9.71 -1.90 1.90
C ARG A 320 -8.83 -2.54 2.96
N ASP A 321 -8.60 -3.85 2.83
CA ASP A 321 -7.77 -4.57 3.81
C ASP A 321 -6.31 -4.12 3.80
N MET A 322 -5.80 -3.75 2.64
CA MET A 322 -4.46 -3.13 2.55
C MET A 322 -4.33 -1.83 3.29
N LEU A 323 -5.43 -1.08 3.33
CA LEU A 323 -5.48 0.23 3.94
C LEU A 323 -5.97 0.21 5.39
N ALA A 324 -6.48 -0.92 5.83
CA ALA A 324 -7.09 -1.00 7.14
C ALA A 324 -6.04 -0.80 8.27
N PRO A 325 -4.80 -1.27 8.16
CA PRO A 325 -3.82 -0.88 9.16
C PRO A 325 -3.61 0.60 9.30
N LYS A 326 -3.56 1.35 8.20
CA LYS A 326 -3.46 2.79 8.23
C LYS A 326 -4.66 3.41 8.89
N PHE A 327 -5.83 2.91 8.56
CA PHE A 327 -7.09 3.44 9.19
C PHE A 327 -7.06 3.27 10.71
N ALA A 328 -6.64 2.09 11.18
CA ALA A 328 -6.52 1.85 12.59
C ALA A 328 -5.44 2.72 13.25
N GLU A 329 -4.31 2.90 12.54
CA GLU A 329 -3.22 3.78 13.02
C GLU A 329 -3.69 5.20 13.25
N LEU A 330 -4.43 5.72 12.29
CA LEU A 330 -4.96 7.06 12.35
C LEU A 330 -5.84 7.19 13.60
N ILE A 331 -6.74 6.21 13.84
CA ILE A 331 -7.57 6.26 15.04
C ILE A 331 -6.70 6.22 16.31
N TYR A 332 -5.78 5.24 16.37
CA TYR A 332 -4.93 5.07 17.54
C TYR A 332 -4.14 6.34 17.87
N ASN A 333 -3.61 6.98 16.85
CA ASN A 333 -2.71 8.09 17.04
C ASN A 333 -3.43 9.40 17.38
N GLY A 334 -4.72 9.49 17.15
CA GLY A 334 -5.43 10.72 17.41
C GLY A 334 -5.79 11.57 16.22
N PHE A 335 -5.67 11.02 15.04
CA PHE A 335 -5.95 11.75 13.77
C PHE A 335 -7.37 11.48 13.27
N TRP A 336 -8.31 11.31 14.19
CA TRP A 336 -9.72 11.14 13.80
C TRP A 336 -10.24 12.24 12.88
N PHE A 337 -9.90 13.47 13.23
CA PHE A 337 -10.36 14.67 12.51
C PHE A 337 -9.21 15.19 11.68
N SER A 338 -8.69 14.34 10.80
CA SER A 338 -7.60 14.73 9.90
C SER A 338 -8.05 14.64 8.45
N PRO A 339 -7.35 15.35 7.56
CA PRO A 339 -7.65 15.19 6.13
C PRO A 339 -7.42 13.75 5.59
N GLU A 340 -6.39 13.07 6.11
CA GLU A 340 -6.09 11.75 5.66
C GLU A 340 -7.19 10.77 6.11
N MET A 341 -7.75 10.98 7.33
CA MET A 341 -8.92 10.17 7.70
C MET A 341 -10.13 10.42 6.78
N GLU A 342 -10.41 11.66 6.42
CA GLU A 342 -11.50 11.97 5.52
C GLU A 342 -11.33 11.27 4.16
N PHE A 343 -10.08 11.27 3.67
CA PHE A 343 -9.69 10.56 2.41
C PHE A 343 -10.04 9.08 2.50
N LEU A 344 -9.61 8.44 3.57
CA LEU A 344 -9.88 6.99 3.75
C LEU A 344 -11.34 6.74 3.96
N LEU A 345 -11.99 7.53 4.80
CA LEU A 345 -13.42 7.30 5.04
C LEU A 345 -14.30 7.40 3.76
N ALA A 346 -13.96 8.30 2.85
CA ALA A 346 -14.70 8.42 1.57
C ALA A 346 -14.69 7.05 0.87
N ALA A 347 -13.50 6.44 0.79
CA ALA A 347 -13.40 5.13 0.15
C ALA A 347 -14.04 4.05 1.01
N PHE A 348 -13.78 4.06 2.30
CA PHE A 348 -14.30 2.98 3.17
C PHE A 348 -15.83 2.96 3.24
N ARG A 349 -16.45 4.15 3.27
CA ARG A 349 -17.91 4.23 3.18
C ARG A 349 -18.43 3.74 1.87
N LYS A 350 -17.74 4.07 0.76
CA LYS A 350 -18.14 3.56 -0.55
C LYS A 350 -18.13 2.03 -0.58
N ALA A 351 -17.11 1.41 0.03
CA ALA A 351 -16.99 -0.07 0.12
C ALA A 351 -18.13 -0.71 0.92
N GLN A 352 -18.77 0.06 1.80
CA GLN A 352 -19.88 -0.46 2.63
C GLN A 352 -21.27 -0.39 1.98
N GLU A 353 -21.38 0.27 0.84
CA GLU A 353 -22.66 0.32 0.14
C GLU A 353 -23.08 -1.11 -0.19
N ASN A 354 -24.29 -1.42 0.20
CA ASN A 354 -24.86 -2.77 0.05
C ASN A 354 -24.24 -3.91 0.86
N VAL A 355 -23.42 -3.58 1.87
CA VAL A 355 -23.11 -4.50 2.95
C VAL A 355 -24.36 -4.57 3.85
N THR A 356 -25.32 -5.36 3.39
CA THR A 356 -26.70 -5.32 3.88
C THR A 356 -27.23 -6.72 3.93
N GLY A 357 -27.68 -7.16 5.08
CA GLY A 357 -28.05 -8.53 5.24
C GLY A 357 -28.01 -8.89 6.70
N LYS A 358 -27.88 -10.18 6.96
CA LYS A 358 -27.97 -10.66 8.32
C LYS A 358 -26.98 -11.80 8.49
N VAL A 359 -26.41 -11.90 9.69
CA VAL A 359 -25.47 -12.93 10.03
C VAL A 359 -25.92 -13.59 11.29
N THR A 360 -25.92 -14.93 11.31
CA THR A 360 -26.17 -15.68 12.54
C THR A 360 -24.86 -16.10 13.17
N VAL A 361 -24.67 -15.72 14.44
CA VAL A 361 -23.47 -16.04 15.19
C VAL A 361 -23.85 -16.93 16.39
N SER A 362 -23.06 -17.96 16.56
CA SER A 362 -23.14 -18.78 17.75
C SER A 362 -22.17 -18.19 18.78
N ILE A 363 -22.64 -18.00 20.00
CA ILE A 363 -21.85 -17.42 21.08
C ILE A 363 -21.76 -18.46 22.19
N TYR A 364 -20.56 -18.84 22.58
CA TYR A 364 -20.35 -19.95 23.55
C TYR A 364 -18.98 -19.80 24.18
N LYS A 365 -18.92 -19.55 25.49
CA LYS A 365 -17.67 -19.57 26.24
C LYS A 365 -16.51 -18.95 25.46
N GLY A 366 -16.65 -17.67 25.14
CA GLY A 366 -15.55 -16.93 24.53
C GLY A 366 -15.55 -16.92 23.03
N ASN A 367 -16.25 -17.85 22.41
CA ASN A 367 -16.28 -17.98 20.98
C ASN A 367 -17.44 -17.26 20.34
N VAL A 368 -17.15 -16.58 19.25
CA VAL A 368 -18.13 -15.89 18.42
C VAL A 368 -17.95 -16.48 17.01
N MET A 369 -18.83 -17.38 16.64
CA MET A 369 -18.69 -18.13 15.39
C MET A 369 -19.83 -17.93 14.39
N PRO A 370 -19.58 -17.21 13.27
CA PRO A 370 -20.58 -17.10 12.24
C PRO A 370 -20.91 -18.50 11.77
N VAL A 371 -22.20 -18.78 11.68
CA VAL A 371 -22.71 -20.07 11.16
C VAL A 371 -23.59 -19.98 9.95
N ALA A 372 -24.07 -18.78 9.60
CA ALA A 372 -24.97 -18.58 8.46
C ALA A 372 -25.00 -17.09 8.17
N ARG A 373 -25.25 -16.74 6.90
CA ARG A 373 -25.44 -15.35 6.53
C ARG A 373 -26.24 -15.28 5.26
N TYR A 374 -26.91 -14.14 5.05
CA TYR A 374 -27.77 -13.94 3.93
C TYR A 374 -27.72 -12.46 3.55
N SER A 375 -27.79 -12.17 2.26
CA SER A 375 -27.91 -10.81 1.76
C SER A 375 -28.77 -10.82 0.50
N PRO A 376 -29.71 -9.88 0.41
CA PRO A 376 -30.46 -9.70 -0.84
C PRO A 376 -29.56 -9.23 -1.98
N TYR A 377 -28.38 -8.70 -1.67
CA TYR A 377 -27.46 -8.15 -2.65
C TYR A 377 -26.30 -9.08 -2.92
N SER A 378 -26.65 -10.32 -3.24
CA SER A 378 -25.61 -11.28 -3.54
C SER A 378 -26.11 -12.31 -4.53
N LEU A 379 -25.16 -12.97 -5.21
CA LEU A 379 -25.48 -14.07 -6.14
C LEU A 379 -26.26 -15.21 -5.49
N TYR A 380 -26.20 -15.32 -4.18
CA TYR A 380 -26.97 -16.35 -3.49
C TYR A 380 -28.42 -15.98 -3.22
N ASN A 381 -28.81 -14.75 -3.54
CA ASN A 381 -30.22 -14.35 -3.50
C ASN A 381 -30.98 -15.16 -4.56
N PRO A 382 -31.83 -16.10 -4.11
CA PRO A 382 -32.67 -16.91 -5.00
C PRO A 382 -33.93 -16.15 -5.43
N GLY A 391 -21.87 -20.96 -13.68
CA GLY A 391 -22.46 -21.22 -14.99
C GLY A 391 -21.92 -20.27 -16.07
N GLY A 392 -21.38 -19.14 -15.60
CA GLY A 392 -20.92 -18.07 -16.49
C GLY A 392 -19.54 -18.26 -17.08
N PHE A 393 -18.94 -19.44 -16.87
CA PHE A 393 -17.67 -19.73 -17.51
C PHE A 393 -17.47 -21.24 -17.63
N ASP A 394 -16.49 -21.67 -18.42
CA ASP A 394 -16.23 -23.08 -18.54
C ASP A 394 -14.77 -23.41 -18.48
N ALA A 395 -14.46 -24.69 -18.59
CA ALA A 395 -13.09 -25.16 -18.53
C ALA A 395 -12.18 -24.58 -19.60
N THR A 396 -12.74 -24.26 -20.76
CA THR A 396 -11.98 -23.58 -21.81
C THR A 396 -11.56 -22.16 -21.37
N ASP A 397 -12.44 -21.50 -20.65
CA ASP A 397 -12.06 -20.18 -20.08
C ASP A 397 -10.93 -20.28 -19.06
N SER A 398 -11.03 -21.27 -18.19
CA SER A 398 -9.96 -21.51 -17.23
C SER A 398 -8.62 -21.70 -17.87
N LYS A 399 -8.58 -22.45 -18.94
CA LYS A 399 -7.36 -22.77 -19.66
C LYS A 399 -6.72 -21.49 -20.16
N GLY A 400 -7.52 -20.62 -20.76
CA GLY A 400 -6.98 -19.38 -21.28
C GLY A 400 -6.47 -18.45 -20.18
N PHE A 401 -7.29 -18.30 -19.14
CA PHE A 401 -6.92 -17.50 -17.95
C PHE A 401 -5.60 -17.97 -17.36
N ILE A 402 -5.46 -19.27 -17.11
CA ILE A 402 -4.18 -19.82 -16.63
C ILE A 402 -3.03 -19.53 -17.60
N ASN A 403 -3.25 -19.74 -18.90
CA ASN A 403 -2.16 -19.66 -19.84
C ASN A 403 -1.62 -18.24 -19.92
N ILE A 404 -2.50 -17.26 -19.81
CA ILE A 404 -2.05 -15.86 -19.90
C ILE A 404 -1.28 -15.51 -18.62
N HIS A 405 -1.82 -15.92 -17.47
CA HIS A 405 -1.12 -15.67 -16.23
C HIS A 405 0.22 -16.40 -16.20
N ALA A 406 0.31 -17.58 -16.77
CA ALA A 406 1.54 -18.37 -16.72
C ALA A 406 2.66 -17.76 -17.58
N LEU A 407 2.30 -17.04 -18.63
CA LEU A 407 3.31 -16.46 -19.56
C LEU A 407 4.45 -15.71 -18.87
N ARG A 408 4.05 -14.77 -18.02
CA ARG A 408 4.95 -13.96 -17.27
C ARG A 408 5.92 -14.77 -16.39
N LEU A 409 5.44 -15.88 -15.85
CA LEU A 409 6.23 -16.73 -14.98
C LEU A 409 7.23 -17.51 -15.77
N LYS A 410 6.84 -17.91 -16.96
CA LYS A 410 7.76 -18.61 -17.83
C LYS A 410 8.98 -17.70 -18.13
N VAL A 411 8.75 -16.39 -18.30
CA VAL A 411 9.83 -15.43 -18.54
C VAL A 411 10.69 -15.25 -17.34
N HIS A 412 10.12 -15.09 -16.17
CA HIS A 412 10.97 -15.03 -15.02
C HIS A 412 11.89 -16.25 -14.89
N GLN A 413 11.39 -17.43 -15.23
CA GLN A 413 12.20 -18.63 -15.05
C GLN A 413 13.36 -18.62 -16.05
N LEU A 414 13.07 -18.30 -17.29
CA LEU A 414 14.11 -18.23 -18.33
C LEU A 414 14.82 -16.89 -18.23
N VAL A 415 15.45 -16.65 -17.08
CA VAL A 415 16.14 -15.39 -16.72
C VAL A 415 16.88 -15.66 -15.43
N LYS A 416 16.20 -16.28 -14.46
CA LYS A 416 16.82 -16.76 -13.23
C LYS A 416 17.61 -18.06 -13.45
N LYS A 417 17.26 -18.80 -14.52
CA LYS A 417 17.93 -20.07 -14.86
C LYS A 417 19.37 -19.83 -15.28
N GLY A 418 19.55 -18.81 -16.12
CA GLY A 418 20.86 -18.57 -16.73
C GLY A 418 21.94 -18.06 -15.79
N TYR A 419 23.09 -17.75 -16.40
CA TYR A 419 24.17 -17.07 -15.71
C TYR A 419 23.63 -15.75 -15.21
N GLN A 420 23.79 -15.54 -13.91
CA GLN A 420 23.38 -14.33 -13.21
C GLN A 420 24.60 -13.46 -12.96
N ARG A 421 24.73 -12.35 -13.67
CA ARG A 421 25.85 -11.43 -13.38
C ARG A 421 25.56 -10.46 -12.21
N LYS B 14 6.84 -44.28 -25.43
CA LYS B 14 8.18 -43.63 -25.48
C LYS B 14 8.24 -42.41 -24.54
N GLU B 15 7.44 -41.40 -24.83
CA GLU B 15 7.41 -40.19 -24.03
C GLU B 15 6.93 -40.46 -22.60
N LYS B 16 7.58 -39.84 -21.61
CA LYS B 16 7.29 -40.06 -20.19
C LYS B 16 6.47 -38.87 -19.66
N VAL B 17 5.54 -39.21 -18.78
CA VAL B 17 4.69 -38.25 -18.08
C VAL B 17 4.72 -38.57 -16.61
N VAL B 18 4.82 -37.53 -15.78
CA VAL B 18 4.75 -37.73 -14.36
C VAL B 18 3.39 -37.23 -13.95
N LEU B 19 2.52 -38.15 -13.56
CA LEU B 19 1.14 -37.79 -13.14
C LEU B 19 1.05 -37.68 -11.64
N ALA B 20 0.46 -36.59 -11.14
CA ALA B 20 0.15 -36.46 -9.76
C ALA B 20 -1.06 -37.36 -9.44
N TYR B 21 -0.79 -38.46 -8.74
CA TYR B 21 -1.73 -39.56 -8.60
C TYR B 21 -2.24 -39.68 -7.17
N SER B 22 -3.56 -39.65 -6.99
CA SER B 22 -4.16 -39.63 -5.68
C SER B 22 -4.73 -40.99 -5.31
N GLY B 23 -4.89 -41.85 -6.30
CA GLY B 23 -5.58 -43.12 -6.10
C GLY B 23 -7.09 -43.04 -6.25
N GLY B 24 -7.65 -41.84 -6.38
CA GLY B 24 -9.08 -41.68 -6.52
C GLY B 24 -9.52 -42.06 -7.93
N LEU B 25 -10.82 -41.99 -8.16
CA LEU B 25 -11.39 -42.36 -9.44
C LEU B 25 -10.81 -41.53 -10.60
N ASP B 26 -10.83 -40.20 -10.47
CA ASP B 26 -10.33 -39.34 -11.58
C ASP B 26 -8.89 -39.65 -11.98
N THR B 27 -7.94 -39.66 -11.02
CA THR B 27 -6.55 -39.90 -11.42
C THR B 27 -6.29 -41.34 -11.82
N SER B 28 -7.10 -42.31 -11.37
CA SER B 28 -6.93 -43.70 -11.87
C SER B 28 -7.38 -43.80 -13.32
N VAL B 29 -8.50 -43.15 -13.64
CA VAL B 29 -8.95 -43.11 -15.02
C VAL B 29 -7.91 -42.41 -15.88
N ILE B 30 -7.40 -41.27 -15.41
CA ILE B 30 -6.38 -40.54 -16.16
C ILE B 30 -5.13 -41.36 -16.39
N LEU B 31 -4.68 -42.11 -15.38
CA LEU B 31 -3.48 -42.95 -15.55
C LEU B 31 -3.70 -43.95 -16.70
N LYS B 32 -4.81 -44.66 -16.64
CA LYS B 32 -5.11 -45.62 -17.71
C LYS B 32 -5.21 -44.97 -19.08
N TRP B 33 -5.91 -43.85 -19.13
CA TRP B 33 -6.15 -43.09 -20.35
C TRP B 33 -4.83 -42.64 -21.00
N LEU B 34 -3.89 -42.15 -20.18
CA LEU B 34 -2.57 -41.75 -20.69
C LEU B 34 -1.77 -42.94 -21.19
N CYS B 35 -1.81 -44.04 -20.44
CA CYS B 35 -1.21 -45.31 -20.84
C CYS B 35 -1.73 -45.74 -22.21
N GLU B 36 -3.05 -45.76 -22.35
CA GLU B 36 -3.71 -46.12 -23.63
C GLU B 36 -3.32 -45.19 -24.78
N LYS B 37 -3.09 -43.90 -24.49
CA LYS B 37 -2.57 -42.98 -25.50
C LYS B 37 -1.10 -43.27 -25.83
N GLY B 38 -0.44 -44.11 -25.04
CA GLY B 38 0.89 -44.57 -25.36
C GLY B 38 2.01 -43.91 -24.59
N PHE B 39 1.67 -43.22 -23.49
CA PHE B 39 2.67 -42.61 -22.65
C PHE B 39 3.19 -43.62 -21.68
N ASP B 40 4.45 -43.45 -21.30
CA ASP B 40 5.04 -44.14 -20.16
C ASP B 40 4.74 -43.26 -18.96
N VAL B 41 3.83 -43.72 -18.10
CA VAL B 41 3.38 -42.90 -16.97
C VAL B 41 4.09 -43.25 -15.69
N ILE B 42 4.69 -42.22 -15.07
CA ILE B 42 5.21 -42.35 -13.72
C ILE B 42 4.16 -41.75 -12.78
N ALA B 43 3.72 -42.54 -11.82
CA ALA B 43 2.76 -42.12 -10.79
C ALA B 43 3.45 -41.54 -9.57
N TYR B 44 3.09 -40.30 -9.26
CA TYR B 44 3.68 -39.57 -8.14
C TYR B 44 2.61 -39.38 -7.07
N VAL B 45 2.88 -39.98 -5.91
CA VAL B 45 1.94 -40.01 -4.84
C VAL B 45 2.46 -39.16 -3.68
N ALA B 46 1.84 -38.02 -3.42
CA ALA B 46 2.32 -37.10 -2.40
C ALA B 46 1.63 -37.31 -1.10
N ASN B 47 2.41 -37.63 -0.07
CA ASN B 47 1.92 -37.72 1.27
C ASN B 47 2.22 -36.38 1.98
N VAL B 48 1.18 -35.58 2.09
CA VAL B 48 1.20 -34.29 2.83
C VAL B 48 0.31 -34.36 4.07
N GLY B 49 0.08 -35.57 4.59
CA GLY B 49 -0.61 -35.76 5.84
C GLY B 49 -2.01 -36.27 5.73
N GLN B 50 -2.46 -36.57 4.52
CA GLN B 50 -3.78 -37.12 4.37
C GLN B 50 -3.80 -38.53 4.98
N LYS B 51 -4.97 -38.98 5.37
CA LYS B 51 -5.09 -40.32 6.00
C LYS B 51 -5.35 -41.39 4.96
N ASP B 52 -4.45 -41.58 4.02
CA ASP B 52 -4.60 -42.59 2.98
C ASP B 52 -3.69 -43.81 3.16
N ASP B 53 -4.07 -44.93 2.55
CA ASP B 53 -3.23 -46.11 2.51
C ASP B 53 -2.31 -46.05 1.29
N PHE B 54 -1.12 -45.46 1.47
CA PHE B 54 -0.19 -45.23 0.37
C PHE B 54 0.38 -46.50 -0.26
N VAL B 55 0.41 -47.57 0.53
CA VAL B 55 0.84 -48.88 0.04
C VAL B 55 -0.18 -49.38 -0.99
N ALA B 56 -1.45 -49.33 -0.62
CA ALA B 56 -2.51 -49.72 -1.55
C ALA B 56 -2.52 -48.87 -2.81
N ILE B 57 -2.27 -47.56 -2.66
CA ILE B 57 -2.30 -46.63 -3.80
C ILE B 57 -1.18 -46.97 -4.75
N LYS B 58 0.01 -47.25 -4.23
CA LYS B 58 1.14 -47.61 -5.06
C LYS B 58 0.83 -48.89 -5.82
N GLU B 59 0.20 -49.87 -5.16
CA GLU B 59 -0.13 -51.14 -5.85
C GLU B 59 -1.15 -50.90 -6.98
N LYS B 60 -2.18 -50.12 -6.68
CA LYS B 60 -3.16 -49.75 -7.69
C LYS B 60 -2.53 -49.07 -8.92
N ALA B 61 -1.61 -48.13 -8.71
CA ALA B 61 -0.95 -47.46 -9.83
C ALA B 61 -0.22 -48.44 -10.79
N LEU B 62 0.52 -49.35 -10.21
CA LEU B 62 1.23 -50.34 -10.99
C LEU B 62 0.22 -51.25 -11.69
N LYS B 63 -0.84 -51.64 -10.98
CA LYS B 63 -1.90 -52.50 -11.53
C LYS B 63 -2.60 -51.82 -12.70
N THR B 64 -2.65 -50.50 -12.68
CA THR B 64 -3.39 -49.70 -13.64
C THR B 64 -2.50 -49.37 -14.83
N GLY B 65 -1.17 -49.53 -14.66
CA GLY B 65 -0.25 -49.42 -15.77
C GLY B 65 0.91 -48.46 -15.62
N ALA B 66 1.03 -47.79 -14.47
CA ALA B 66 2.21 -46.98 -14.25
C ALA B 66 3.50 -47.82 -14.36
N SER B 67 4.52 -47.29 -15.00
CA SER B 67 5.80 -48.03 -15.06
C SER B 67 6.60 -47.94 -13.75
N LYS B 68 6.41 -46.85 -12.98
CA LYS B 68 7.11 -46.64 -11.72
C LYS B 68 6.23 -45.74 -10.86
N VAL B 69 6.25 -45.93 -9.54
CA VAL B 69 5.55 -45.04 -8.56
C VAL B 69 6.51 -44.42 -7.54
N TYR B 70 6.36 -43.12 -7.29
CA TYR B 70 7.11 -42.43 -6.27
C TYR B 70 6.13 -42.09 -5.17
N VAL B 71 6.28 -42.66 -3.98
CA VAL B 71 5.49 -42.24 -2.81
C VAL B 71 6.38 -41.36 -1.95
N GLU B 72 6.03 -40.08 -1.87
CA GLU B 72 6.89 -39.09 -1.26
C GLU B 72 6.33 -38.62 0.07
N ASP B 73 7.09 -38.82 1.17
CA ASP B 73 6.65 -38.30 2.45
C ASP B 73 7.11 -36.83 2.55
N LEU B 74 6.18 -35.91 2.29
CA LEU B 74 6.52 -34.49 2.20
C LEU B 74 6.09 -33.75 3.43
N ARG B 75 5.68 -34.46 4.47
CA ARG B 75 5.08 -33.81 5.66
C ARG B 75 6.04 -32.85 6.34
N ARG B 76 7.28 -33.26 6.58
CA ARG B 76 8.19 -32.36 7.30
C ARG B 76 8.52 -31.10 6.50
N GLU B 77 8.75 -31.26 5.19
CA GLU B 77 9.01 -30.14 4.27
C GLU B 77 7.80 -29.21 4.17
N PHE B 78 6.61 -29.80 4.19
CA PHE B 78 5.33 -29.04 4.22
C PHE B 78 5.38 -28.09 5.41
N VAL B 79 5.78 -28.60 6.57
CA VAL B 79 5.86 -27.76 7.78
C VAL B 79 6.94 -26.72 7.63
N THR B 80 8.20 -27.14 7.42
CA THR B 80 9.32 -26.21 7.55
C THR B 80 9.40 -25.18 6.45
N ASP B 81 9.05 -25.57 5.22
CA ASP B 81 9.26 -24.70 4.05
C ASP B 81 8.00 -24.07 3.47
N TYR B 82 6.83 -24.49 3.92
CA TYR B 82 5.57 -24.00 3.36
C TYR B 82 4.73 -23.40 4.50
N ILE B 83 4.30 -24.20 5.47
CA ILE B 83 3.48 -23.65 6.59
C ILE B 83 4.25 -22.58 7.35
N PHE B 84 5.53 -22.85 7.67
CA PHE B 84 6.32 -21.88 8.37
C PHE B 84 6.59 -20.65 7.49
N THR B 85 6.55 -20.81 6.17
CA THR B 85 6.73 -19.63 5.31
C THR B 85 5.48 -18.74 5.34
N ALA B 86 4.32 -19.34 5.23
CA ALA B 86 3.07 -18.59 5.39
C ALA B 86 3.03 -17.86 6.75
N LEU B 87 3.55 -18.51 7.80
CA LEU B 87 3.54 -17.97 9.14
C LEU B 87 4.31 -16.66 9.18
N LEU B 88 5.30 -16.49 8.32
CA LEU B 88 6.15 -15.26 8.34
C LEU B 88 5.31 -13.99 8.19
N GLY B 89 4.17 -14.09 7.46
CA GLY B 89 3.27 -12.95 7.28
C GLY B 89 1.96 -13.04 8.01
N ASN B 90 1.85 -14.01 8.95
CA ASN B 90 0.60 -14.41 9.59
C ASN B 90 -0.48 -14.54 8.52
N ALA B 91 -0.14 -15.19 7.41
CA ALA B 91 -0.99 -15.15 6.25
C ALA B 91 -2.40 -15.54 6.56
N MET B 92 -3.36 -14.67 6.22
CA MET B 92 -4.80 -14.96 6.40
C MET B 92 -5.51 -14.30 5.23
N TYR B 93 -6.15 -15.09 4.42
CA TYR B 93 -6.81 -14.59 3.19
C TYR B 93 -8.18 -14.05 3.57
N GLU B 94 -8.44 -12.82 3.13
CA GLU B 94 -9.70 -12.14 3.40
C GLU B 94 -10.09 -12.11 4.89
N GLY B 95 -9.06 -11.89 5.69
CA GLY B 95 -9.16 -11.74 7.12
C GLY B 95 -9.15 -12.97 7.97
N ARG B 96 -9.36 -14.13 7.36
CA ARG B 96 -9.82 -15.29 8.13
C ARG B 96 -9.17 -16.65 7.74
N TYR B 97 -9.01 -16.86 6.45
CA TYR B 97 -8.67 -18.17 5.93
C TYR B 97 -7.17 -18.47 6.00
N LEU B 98 -6.79 -19.59 6.63
CA LEU B 98 -5.39 -19.87 6.89
C LEU B 98 -4.73 -20.65 5.74
N LEU B 99 -5.45 -20.85 4.65
CA LEU B 99 -4.81 -21.24 3.36
C LEU B 99 -4.32 -22.68 3.28
N GLY B 100 -4.91 -23.53 4.09
CA GLY B 100 -4.49 -24.95 4.09
C GLY B 100 -4.32 -25.66 2.77
N THR B 101 -5.28 -25.46 1.90
CA THR B 101 -5.20 -26.13 0.58
C THR B 101 -4.16 -25.48 -0.30
N ALA B 102 -4.13 -24.14 -0.24
CA ALA B 102 -3.27 -23.36 -1.12
C ALA B 102 -1.79 -23.55 -0.79
N ILE B 103 -1.48 -23.74 0.48
CA ILE B 103 -0.07 -23.84 0.89
C ILE B 103 0.52 -25.18 0.44
N ALA B 104 -0.29 -26.26 0.45
CA ALA B 104 0.24 -27.60 0.13
C ALA B 104 0.49 -27.75 -1.37
N ARG B 105 -0.31 -27.12 -2.21
CA ARG B 105 -0.24 -27.45 -3.65
C ARG B 105 1.09 -27.09 -4.31
N PRO B 106 1.67 -25.91 -4.05
CA PRO B 106 3.00 -25.62 -4.68
C PRO B 106 4.07 -26.63 -4.30
N LEU B 107 4.01 -27.11 -3.07
CA LEU B 107 4.95 -28.17 -2.65
C LEU B 107 4.74 -29.42 -3.50
N ILE B 108 3.50 -29.83 -3.63
CA ILE B 108 3.20 -31.04 -4.36
C ILE B 108 3.69 -30.89 -5.79
N ALA B 109 3.39 -29.75 -6.41
CA ALA B 109 3.76 -29.47 -7.76
C ALA B 109 5.28 -29.36 -7.96
N LYS B 110 5.98 -28.70 -7.03
CA LYS B 110 7.43 -28.62 -7.09
C LYS B 110 8.09 -30.00 -7.11
N ARG B 111 7.70 -30.85 -6.18
CA ARG B 111 8.30 -32.21 -6.15
C ARG B 111 7.95 -32.97 -7.43
N GLN B 112 6.76 -32.77 -7.99
CA GLN B 112 6.43 -33.36 -9.27
C GLN B 112 7.39 -32.93 -10.41
N VAL B 113 7.69 -31.64 -10.47
CA VAL B 113 8.66 -31.12 -11.43
C VAL B 113 10.05 -31.75 -11.18
N GLU B 114 10.41 -31.94 -9.92
CA GLU B 114 11.72 -32.54 -9.53
C GLU B 114 11.83 -34.00 -10.00
N ILE B 115 10.73 -34.74 -9.84
CA ILE B 115 10.67 -36.11 -10.36
C ILE B 115 10.74 -36.14 -11.88
N ALA B 116 10.06 -35.21 -12.56
CA ALA B 116 10.09 -35.16 -14.00
C ALA B 116 11.51 -34.90 -14.47
N GLU B 117 12.17 -33.94 -13.82
CA GLU B 117 13.57 -33.65 -14.14
C GLU B 117 14.47 -34.87 -13.98
N LYS B 118 14.32 -35.57 -12.86
CA LYS B 118 15.08 -36.80 -12.55
C LYS B 118 14.88 -37.92 -13.59
N GLU B 119 13.63 -38.14 -14.00
CA GLU B 119 13.27 -39.18 -14.97
C GLU B 119 13.50 -38.77 -16.42
N GLY B 120 13.90 -37.53 -16.65
CA GLY B 120 13.99 -37.00 -17.99
C GLY B 120 12.64 -36.96 -18.68
N ALA B 121 11.56 -36.84 -17.88
CA ALA B 121 10.20 -36.75 -18.43
C ALA B 121 9.92 -35.39 -19.04
N GLN B 122 9.22 -35.37 -20.15
CA GLN B 122 8.91 -34.16 -20.88
C GLN B 122 7.51 -33.58 -20.58
N TYR B 123 6.70 -34.34 -19.82
CA TYR B 123 5.30 -33.97 -19.49
C TYR B 123 5.04 -34.13 -18.02
N VAL B 124 4.22 -33.24 -17.47
CA VAL B 124 3.60 -33.46 -16.17
C VAL B 124 2.09 -33.39 -16.36
N ALA B 125 1.36 -34.13 -15.55
CA ALA B 125 -0.11 -34.17 -15.64
C ALA B 125 -0.71 -34.08 -14.27
N HIS B 126 -1.92 -33.53 -14.21
CA HIS B 126 -2.67 -33.52 -12.98
C HIS B 126 -4.14 -33.68 -13.28
N GLY B 127 -4.88 -34.02 -12.25
CA GLY B 127 -6.30 -34.37 -12.38
C GLY B 127 -7.21 -33.38 -11.65
N ALA B 128 -6.70 -32.18 -11.39
CA ALA B 128 -7.55 -31.17 -10.76
C ALA B 128 -8.66 -30.76 -11.75
N THR B 129 -9.78 -30.34 -11.21
CA THR B 129 -10.96 -30.03 -12.01
C THR B 129 -10.81 -28.75 -12.81
N GLY B 130 -11.63 -28.64 -13.85
CA GLY B 130 -11.49 -27.56 -14.83
C GLY B 130 -12.03 -26.19 -14.44
N LYS B 131 -12.80 -26.09 -13.34
CA LYS B 131 -13.39 -24.83 -12.90
C LYS B 131 -13.03 -24.48 -11.46
N GLY B 132 -12.00 -25.12 -10.92
CA GLY B 132 -11.51 -24.88 -9.55
C GLY B 132 -10.22 -24.09 -9.47
N ASN B 133 -9.72 -23.89 -8.24
CA ASN B 133 -8.52 -23.11 -7.95
C ASN B 133 -7.26 -24.00 -7.99
N ASP B 134 -7.40 -25.30 -7.67
CA ASP B 134 -6.16 -26.12 -7.54
C ASP B 134 -5.41 -26.24 -8.85
N GLN B 135 -6.14 -26.31 -9.94
CA GLN B 135 -5.48 -26.41 -11.24
C GLN B 135 -4.53 -25.26 -11.49
N VAL B 136 -4.90 -24.10 -10.99
CA VAL B 136 -4.07 -22.90 -11.16
C VAL B 136 -2.79 -23.03 -10.34
N ARG B 137 -2.93 -23.52 -9.11
CA ARG B 137 -1.80 -23.69 -8.24
C ARG B 137 -0.79 -24.69 -8.83
N PHE B 138 -1.30 -25.77 -9.40
CA PHE B 138 -0.38 -26.67 -10.11
C PHE B 138 0.32 -25.95 -11.26
N GLU B 139 -0.47 -25.40 -12.18
CA GLU B 139 0.05 -24.93 -13.47
C GLU B 139 0.88 -23.68 -13.39
N LEU B 140 0.59 -22.78 -12.47
CA LEU B 140 1.49 -21.65 -12.27
C LEU B 140 2.81 -22.13 -11.68
N THR B 141 2.80 -23.19 -10.86
CA THR B 141 4.06 -23.71 -10.33
C THR B 141 4.86 -24.37 -11.42
N TYR B 142 4.21 -25.17 -12.26
CA TYR B 142 4.92 -25.76 -13.41
C TYR B 142 5.61 -24.67 -14.24
N ALA B 143 4.86 -23.61 -14.55
CA ALA B 143 5.37 -22.52 -15.41
C ALA B 143 6.56 -21.80 -14.78
N ALA B 144 6.48 -21.58 -13.49
CA ALA B 144 7.49 -20.85 -12.74
C ALA B 144 8.80 -21.63 -12.57
N LEU B 145 8.69 -22.95 -12.48
CA LEU B 145 9.81 -23.80 -12.15
C LEU B 145 10.45 -24.44 -13.37
N ASN B 146 9.65 -24.86 -14.32
CA ASN B 146 10.22 -25.47 -15.54
C ASN B 146 9.23 -25.31 -16.72
N PRO B 147 9.28 -24.18 -17.40
CA PRO B 147 8.40 -23.98 -18.54
C PRO B 147 8.66 -24.89 -19.75
N ASN B 148 9.71 -25.70 -19.71
CA ASN B 148 9.99 -26.59 -20.83
C ASN B 148 9.11 -27.81 -20.77
N LEU B 149 8.60 -28.10 -19.57
CA LEU B 149 7.70 -29.25 -19.38
C LEU B 149 6.37 -28.97 -20.04
N LYS B 150 5.84 -29.98 -20.72
CA LYS B 150 4.52 -29.87 -21.32
C LYS B 150 3.50 -30.33 -20.29
N VAL B 151 2.35 -29.67 -20.26
CA VAL B 151 1.37 -29.88 -19.21
C VAL B 151 0.13 -30.54 -19.81
N ILE B 152 -0.30 -31.60 -19.14
CA ILE B 152 -1.52 -32.33 -19.52
C ILE B 152 -2.53 -32.16 -18.39
N SER B 153 -3.69 -31.63 -18.75
CA SER B 153 -4.78 -31.38 -17.81
C SER B 153 -6.04 -31.93 -18.44
N PRO B 154 -6.31 -33.22 -18.22
CA PRO B 154 -7.42 -33.87 -18.89
C PRO B 154 -8.76 -33.18 -18.69
N TRP B 155 -8.98 -32.54 -17.54
CA TRP B 155 -10.26 -31.89 -17.28
C TRP B 155 -10.42 -30.55 -18.01
N LYS B 156 -9.40 -30.15 -18.78
CA LYS B 156 -9.58 -29.02 -19.74
C LYS B 156 -9.35 -29.42 -21.18
N ASP B 157 -9.31 -30.74 -21.41
CA ASP B 157 -9.06 -31.32 -22.76
C ASP B 157 -10.41 -31.67 -23.37
N PRO B 158 -10.73 -31.05 -24.50
CA PRO B 158 -12.05 -31.27 -25.10
C PRO B 158 -12.39 -32.75 -25.34
N GLU B 159 -11.39 -33.55 -25.71
CA GLU B 159 -11.63 -34.97 -25.98
C GLU B 159 -11.95 -35.73 -24.69
N PHE B 160 -11.21 -35.45 -23.64
CA PHE B 160 -11.44 -36.14 -22.37
C PHE B 160 -12.79 -35.73 -21.82
N LEU B 161 -13.11 -34.45 -21.95
CA LEU B 161 -14.37 -33.92 -21.47
C LEU B 161 -15.57 -34.49 -22.21
N ALA B 162 -15.38 -34.74 -23.51
CA ALA B 162 -16.42 -35.34 -24.34
C ALA B 162 -16.67 -36.76 -23.83
N LYS B 163 -15.60 -37.53 -23.67
CA LYS B 163 -15.71 -38.92 -23.23
C LYS B 163 -16.30 -39.06 -21.83
N PHE B 164 -15.86 -38.21 -20.90
CA PHE B 164 -16.24 -38.36 -19.51
C PHE B 164 -17.17 -37.24 -19.08
N LYS B 165 -18.40 -37.30 -19.60
CA LYS B 165 -19.41 -36.28 -19.32
C LYS B 165 -19.85 -36.30 -17.88
N GLY B 166 -19.75 -37.46 -17.23
CA GLY B 166 -20.12 -37.58 -15.83
C GLY B 166 -19.48 -38.78 -15.14
N ARG B 167 -19.77 -38.91 -13.86
CA ARG B 167 -19.17 -39.95 -13.03
C ARG B 167 -19.44 -41.36 -13.57
N THR B 168 -20.64 -41.57 -14.09
CA THR B 168 -20.96 -42.86 -14.67
C THR B 168 -19.98 -43.24 -15.77
N ASP B 169 -19.56 -42.27 -16.57
CA ASP B 169 -18.64 -42.57 -17.65
C ASP B 169 -17.28 -43.02 -17.10
N LEU B 170 -16.86 -42.37 -16.03
CA LEU B 170 -15.59 -42.68 -15.38
C LEU B 170 -15.66 -44.10 -14.83
N ILE B 171 -16.77 -44.39 -14.17
CA ILE B 171 -16.99 -45.70 -13.56
C ILE B 171 -17.02 -46.83 -14.60
N ASN B 172 -17.73 -46.61 -15.70
CA ASN B 172 -17.80 -47.63 -16.74
C ASN B 172 -16.44 -47.89 -17.40
N TYR B 173 -15.69 -46.83 -17.61
CA TYR B 173 -14.37 -46.97 -18.23
C TYR B 173 -13.46 -47.78 -17.31
N ALA B 174 -13.50 -47.49 -16.01
CA ALA B 174 -12.71 -48.23 -15.04
C ALA B 174 -13.02 -49.70 -15.13
N MET B 175 -14.32 -50.03 -15.22
CA MET B 175 -14.78 -51.44 -15.31
C MET B 175 -14.29 -52.05 -16.61
N GLU B 176 -14.53 -51.35 -17.69
CA GLU B 176 -14.10 -51.77 -19.01
C GLU B 176 -12.58 -52.03 -19.12
N LYS B 177 -11.75 -51.18 -18.50
CA LYS B 177 -10.28 -51.29 -18.65
C LYS B 177 -9.62 -52.03 -17.50
N GLY B 178 -10.41 -52.52 -16.56
CA GLY B 178 -9.90 -53.34 -15.48
C GLY B 178 -9.12 -52.49 -14.49
N ILE B 179 -9.58 -51.27 -14.28
CA ILE B 179 -8.95 -50.44 -13.26
C ILE B 179 -9.55 -50.88 -11.94
N PRO B 180 -8.71 -51.23 -10.97
CA PRO B 180 -9.22 -51.62 -9.64
C PRO B 180 -10.19 -50.57 -9.05
N ILE B 181 -11.29 -51.02 -8.47
CA ILE B 181 -12.40 -50.13 -8.05
C ILE B 181 -12.79 -49.19 -9.20
N LYS B 186 -18.65 -41.39 0.23
CA LYS B 186 -19.15 -41.55 1.60
C LYS B 186 -19.86 -40.31 2.14
N ARG B 187 -19.30 -39.11 1.90
CA ARG B 187 -19.84 -37.86 2.48
C ARG B 187 -20.42 -36.95 1.39
N PRO B 188 -21.48 -36.19 1.70
CA PRO B 188 -22.10 -35.32 0.74
C PRO B 188 -21.44 -33.95 0.68
N TYR B 189 -20.13 -33.90 0.92
CA TYR B 189 -19.29 -32.69 0.82
C TYR B 189 -18.00 -32.99 0.06
N SER B 190 -17.53 -31.97 -0.64
CA SER B 190 -16.22 -32.01 -1.26
C SER B 190 -15.23 -31.63 -0.15
N GLU B 191 -14.21 -32.46 0.06
CA GLU B 191 -13.30 -32.30 1.22
C GLU B 191 -11.86 -32.47 0.75
N ASP B 192 -10.97 -31.62 1.27
CA ASP B 192 -9.50 -31.62 1.02
C ASP B 192 -8.88 -31.82 2.42
N GLU B 193 -7.90 -32.71 2.56
CA GLU B 193 -7.34 -33.01 3.86
C GLU B 193 -5.83 -33.06 3.77
N ASN B 194 -5.16 -32.38 4.67
CA ASN B 194 -3.69 -32.53 4.75
C ASN B 194 -3.29 -32.26 6.21
N LEU B 195 -2.00 -32.20 6.47
CA LEU B 195 -1.52 -31.99 7.83
C LEU B 195 -1.98 -30.69 8.47
N MET B 196 -2.30 -29.70 7.64
CA MET B 196 -2.66 -28.37 8.12
C MET B 196 -4.17 -28.21 8.34
N HIS B 197 -4.99 -28.82 7.48
CA HIS B 197 -6.44 -28.64 7.64
C HIS B 197 -7.25 -29.74 7.01
N ILE B 198 -8.54 -29.70 7.30
CA ILE B 198 -9.53 -30.36 6.46
C ILE B 198 -10.55 -29.30 6.07
N SER B 199 -10.87 -29.29 4.79
CA SER B 199 -11.94 -28.40 4.29
C SER B 199 -13.15 -29.18 3.90
N HIS B 200 -14.30 -28.50 3.99
CA HIS B 200 -15.58 -29.10 3.67
C HIS B 200 -16.37 -28.05 2.88
N GLU B 201 -16.82 -28.41 1.68
CA GLU B 201 -17.59 -27.46 0.83
C GLU B 201 -18.62 -28.20 -0.01
N ALA B 202 -19.47 -27.41 -0.67
CA ALA B 202 -20.48 -27.97 -1.59
C ALA B 202 -21.52 -28.79 -0.87
N GLY B 203 -22.34 -29.58 -1.59
CA GLY B 203 -23.52 -30.14 -0.97
C GLY B 203 -24.35 -29.04 -0.32
N LYS B 204 -24.89 -29.35 0.85
CA LYS B 204 -25.72 -28.40 1.59
C LYS B 204 -24.97 -27.14 2.01
N LEU B 205 -23.65 -27.26 2.18
CA LEU B 205 -22.89 -26.07 2.59
C LEU B 205 -22.84 -24.99 1.54
N GLU B 206 -23.17 -25.31 0.27
CA GLU B 206 -23.12 -24.36 -0.80
C GLU B 206 -24.02 -23.13 -0.53
N ASP B 207 -25.11 -23.36 0.17
CA ASP B 207 -26.05 -22.29 0.63
C ASP B 207 -25.48 -21.63 1.87
N PRO B 208 -24.97 -20.39 1.78
CA PRO B 208 -24.36 -19.75 2.97
C PRO B 208 -25.30 -19.49 4.13
N ALA B 209 -26.61 -19.65 3.92
CA ALA B 209 -27.57 -19.52 4.98
C ALA B 209 -27.88 -20.83 5.70
N HIS B 210 -27.33 -21.93 5.19
CA HIS B 210 -27.44 -23.26 5.82
C HIS B 210 -26.44 -23.37 6.94
N ILE B 211 -26.90 -23.59 8.16
CA ILE B 211 -26.01 -23.82 9.29
C ILE B 211 -25.42 -25.23 9.24
N PRO B 212 -24.09 -25.35 9.29
CA PRO B 212 -23.49 -26.72 9.23
C PRO B 212 -23.91 -27.58 10.43
N ASP B 213 -24.38 -28.80 10.15
CA ASP B 213 -24.57 -29.84 11.15
C ASP B 213 -23.23 -30.11 11.81
N GLU B 214 -23.25 -30.44 13.10
CA GLU B 214 -22.03 -30.89 13.77
C GLU B 214 -21.31 -32.02 13.06
N ASP B 215 -22.07 -32.88 12.37
CA ASP B 215 -21.49 -33.96 11.58
C ASP B 215 -20.58 -33.53 10.44
N VAL B 216 -20.64 -32.28 10.01
CA VAL B 216 -19.74 -31.79 8.96
C VAL B 216 -18.28 -31.88 9.44
N PHE B 217 -18.10 -31.61 10.73
CA PHE B 217 -16.76 -31.52 11.32
C PHE B 217 -16.25 -32.93 11.57
N THR B 218 -15.02 -33.19 11.15
CA THR B 218 -14.48 -34.53 11.34
C THR B 218 -13.15 -34.65 12.05
N TRP B 219 -12.49 -33.52 12.30
CA TRP B 219 -11.18 -33.54 12.92
C TRP B 219 -11.26 -32.98 14.37
N THR B 220 -11.71 -31.74 14.48
CA THR B 220 -11.84 -31.10 15.76
C THR B 220 -13.13 -31.51 16.46
N VAL B 221 -13.04 -31.65 17.78
CA VAL B 221 -14.26 -31.75 18.60
C VAL B 221 -14.91 -30.38 18.70
N SER B 222 -16.20 -30.31 19.00
CA SER B 222 -16.83 -29.00 19.16
C SER B 222 -16.33 -28.45 20.48
N PRO B 223 -16.20 -27.13 20.57
CA PRO B 223 -15.99 -26.48 21.83
C PRO B 223 -16.92 -27.01 22.92
N LYS B 224 -18.17 -27.31 22.57
CA LYS B 224 -19.11 -27.82 23.56
C LYS B 224 -18.68 -29.16 24.17
N ASP B 225 -18.05 -29.99 23.35
CA ASP B 225 -17.58 -31.32 23.80
C ASP B 225 -16.14 -31.40 24.32
N ALA B 226 -15.39 -30.31 24.18
CA ALA B 226 -14.02 -30.26 24.62
C ALA B 226 -13.94 -30.22 26.16
N PRO B 227 -12.81 -30.66 26.70
CA PRO B 227 -12.62 -30.72 28.15
C PRO B 227 -12.81 -29.39 28.86
N ASP B 228 -13.37 -29.40 30.05
CA ASP B 228 -13.68 -28.14 30.74
C ASP B 228 -12.52 -27.79 31.67
N GLU B 229 -11.31 -27.79 31.14
CA GLU B 229 -10.08 -27.47 31.86
C GLU B 229 -9.14 -26.88 30.83
N GLU B 230 -8.47 -25.78 31.16
CA GLU B 230 -7.60 -25.20 30.17
C GLU B 230 -6.29 -25.96 30.11
N THR B 231 -5.73 -25.95 28.92
CA THR B 231 -4.34 -26.34 28.68
C THR B 231 -3.45 -25.13 28.49
N LEU B 232 -2.29 -25.12 29.17
CA LEU B 232 -1.33 -24.03 28.97
C LEU B 232 -0.13 -24.54 28.20
N LEU B 233 0.16 -23.89 27.08
CA LEU B 233 1.34 -24.25 26.26
C LEU B 233 2.28 -23.06 26.21
N GLU B 234 3.57 -23.34 26.21
CA GLU B 234 4.55 -22.32 25.97
C GLU B 234 5.13 -22.66 24.59
N ILE B 235 5.11 -21.72 23.64
CA ILE B 235 5.59 -21.92 22.32
C ILE B 235 6.76 -20.95 22.12
N HIS B 236 7.89 -21.51 21.74
CA HIS B 236 9.14 -20.79 21.63
C HIS B 236 9.42 -20.60 20.16
N PHE B 237 9.99 -19.44 19.81
CA PHE B 237 10.31 -19.10 18.42
C PHE B 237 11.73 -18.57 18.39
N GLU B 238 12.37 -18.76 17.22
CA GLU B 238 13.65 -18.13 16.87
C GLU B 238 13.55 -17.56 15.47
N ASN B 239 13.71 -16.26 15.36
CA ASN B 239 13.55 -15.58 14.05
C ASN B 239 12.22 -15.91 13.34
N GLY B 240 11.14 -15.96 14.13
CA GLY B 240 9.85 -16.20 13.59
C GLY B 240 9.50 -17.67 13.33
N ILE B 241 10.43 -18.58 13.65
CA ILE B 241 10.27 -20.00 13.36
C ILE B 241 10.02 -20.67 14.68
N PRO B 242 8.97 -21.50 14.82
CA PRO B 242 8.73 -22.26 16.05
C PRO B 242 9.84 -23.28 16.27
N VAL B 243 10.39 -23.33 17.48
CA VAL B 243 11.47 -24.23 17.82
C VAL B 243 11.21 -25.14 19.00
N LYS B 244 10.15 -24.89 19.74
CA LYS B 244 9.82 -25.73 20.89
C LYS B 244 8.39 -25.48 21.32
N VAL B 245 7.72 -26.54 21.71
CA VAL B 245 6.43 -26.46 22.40
C VAL B 245 6.51 -27.24 23.71
N VAL B 246 6.07 -26.64 24.81
CA VAL B 246 6.04 -27.27 26.11
C VAL B 246 4.61 -27.20 26.67
N ASN B 247 4.11 -28.33 27.16
CA ASN B 247 2.81 -28.34 27.84
C ASN B 247 3.14 -28.12 29.29
N LEU B 248 2.66 -27.00 29.84
CA LEU B 248 3.02 -26.62 31.21
C LEU B 248 2.35 -27.45 32.26
N LYS B 249 1.26 -28.13 31.94
CA LYS B 249 0.61 -28.95 32.96
C LYS B 249 1.09 -30.41 32.94
N ASP B 250 1.40 -30.96 31.75
CA ASP B 250 1.74 -32.40 31.63
C ASP B 250 3.13 -32.73 31.18
N GLY B 251 3.88 -31.70 30.84
CA GLY B 251 5.28 -31.80 30.63
C GLY B 251 5.70 -32.24 29.25
N THR B 252 4.75 -32.52 28.37
CA THR B 252 5.10 -32.85 27.00
C THR B 252 5.96 -31.74 26.39
N GLU B 253 7.01 -32.12 25.68
CA GLU B 253 7.91 -31.17 25.03
C GLU B 253 8.35 -31.70 23.67
N LYS B 254 8.22 -30.87 22.64
CA LYS B 254 8.63 -31.20 21.29
C LYS B 254 9.45 -30.08 20.69
N THR B 255 10.53 -30.42 19.97
CA THR B 255 11.34 -29.46 19.27
C THR B 255 11.41 -29.72 17.76
N ASP B 256 11.27 -30.96 17.33
CA ASP B 256 11.30 -31.25 15.91
C ASP B 256 10.12 -30.54 15.25
N PRO B 257 10.32 -29.90 14.11
CA PRO B 257 9.23 -29.09 13.53
C PRO B 257 7.99 -29.91 13.17
N LEU B 258 8.15 -31.10 12.60
CA LEU B 258 7.02 -31.96 12.35
C LEU B 258 6.32 -32.42 13.62
N GLU B 259 7.08 -32.94 14.58
CA GLU B 259 6.48 -33.35 15.86
C GLU B 259 5.74 -32.21 16.59
N LEU B 260 6.36 -31.02 16.60
CA LEU B 260 5.77 -29.87 17.26
C LEU B 260 4.47 -29.50 16.58
N PHE B 261 4.46 -29.51 15.27
CA PHE B 261 3.24 -29.09 14.54
C PHE B 261 2.11 -30.11 14.76
N GLU B 262 2.42 -31.40 14.67
CA GLU B 262 1.44 -32.43 14.95
C GLU B 262 0.91 -32.35 16.39
N TYR B 263 1.77 -32.02 17.34
CA TYR B 263 1.35 -31.82 18.71
C TYR B 263 0.38 -30.68 18.85
N LEU B 264 0.63 -29.55 18.17
CA LEU B 264 -0.32 -28.46 18.15
C LEU B 264 -1.62 -28.91 17.51
N ASN B 265 -1.56 -29.68 16.44
CA ASN B 265 -2.80 -30.23 15.88
C ASN B 265 -3.60 -31.05 16.92
N GLU B 266 -2.91 -31.91 17.69
CA GLU B 266 -3.56 -32.74 18.69
C GLU B 266 -4.20 -31.90 19.77
N VAL B 267 -3.44 -30.95 20.31
CA VAL B 267 -3.98 -30.11 21.36
C VAL B 267 -5.17 -29.28 20.84
N GLY B 268 -5.00 -28.68 19.67
CA GLY B 268 -6.11 -27.93 19.10
C GLY B 268 -7.36 -28.78 18.88
N ALA B 269 -7.18 -29.92 18.22
CA ALA B 269 -8.36 -30.72 17.88
C ALA B 269 -9.09 -31.20 19.13
N LYS B 270 -8.37 -31.67 20.14
CA LYS B 270 -8.95 -32.15 21.40
C LYS B 270 -9.75 -31.08 22.14
N ASN B 271 -9.38 -29.81 21.88
CA ASN B 271 -9.93 -28.67 22.64
C ASN B 271 -10.79 -27.78 21.79
N GLY B 272 -11.18 -28.24 20.60
CA GLY B 272 -12.22 -27.57 19.81
C GLY B 272 -11.75 -26.31 19.08
N VAL B 273 -10.43 -26.19 18.89
CA VAL B 273 -9.78 -25.06 18.23
C VAL B 273 -9.68 -25.22 16.73
N GLY B 274 -9.96 -24.14 16.00
CA GLY B 274 -9.62 -24.06 14.57
C GLY B 274 -10.71 -24.12 13.56
N ARG B 275 -11.97 -24.04 14.01
CA ARG B 275 -13.11 -24.07 13.09
C ARG B 275 -13.38 -22.68 12.50
N LEU B 276 -13.70 -22.67 11.21
CA LEU B 276 -13.96 -21.47 10.45
C LEU B 276 -15.06 -21.74 9.45
N ASP B 277 -16.01 -20.84 9.34
CA ASP B 277 -17.11 -21.01 8.37
C ASP B 277 -17.17 -19.63 7.68
N MET B 278 -16.86 -19.58 6.39
CA MET B 278 -16.79 -18.33 5.69
C MET B 278 -17.11 -18.47 4.20
N VAL B 279 -17.39 -17.33 3.59
CA VAL B 279 -17.49 -17.25 2.11
C VAL B 279 -16.27 -16.48 1.66
N GLU B 280 -15.52 -17.12 0.77
CA GLU B 280 -14.29 -16.54 0.21
C GLU B 280 -14.48 -16.21 -1.28
N ASN B 281 -13.74 -15.21 -1.75
CA ASN B 281 -13.69 -14.95 -3.19
C ASN B 281 -12.66 -15.85 -3.85
N ARG B 282 -13.05 -16.55 -4.89
CA ARG B 282 -12.16 -17.45 -5.60
C ARG B 282 -11.32 -16.67 -6.62
N PHE B 283 -10.26 -17.33 -7.11
CA PHE B 283 -9.45 -16.81 -8.19
C PHE B 283 -10.07 -17.16 -9.53
N ILE B 284 -10.38 -18.43 -9.70
CA ILE B 284 -11.21 -18.89 -10.83
C ILE B 284 -12.58 -19.10 -10.24
N GLY B 285 -13.52 -18.29 -10.71
CA GLY B 285 -14.90 -18.33 -10.19
C GLY B 285 -15.17 -17.08 -9.35
N ILE B 286 -16.26 -17.08 -8.59
CA ILE B 286 -16.61 -15.85 -7.86
C ILE B 286 -16.52 -15.99 -6.34
N LYS B 287 -17.55 -16.60 -5.73
CA LYS B 287 -17.59 -16.79 -4.26
C LYS B 287 -17.89 -18.24 -3.96
N SER B 288 -17.40 -18.72 -2.83
CA SER B 288 -17.69 -20.09 -2.38
C SER B 288 -17.72 -20.12 -0.85
N ARG B 289 -18.62 -20.93 -0.29
CA ARG B 289 -18.76 -21.10 1.19
C ARG B 289 -17.98 -22.33 1.58
N GLY B 290 -17.12 -22.16 2.57
CA GLY B 290 -16.33 -23.29 3.00
C GLY B 290 -16.35 -23.37 4.51
N VAL B 291 -16.08 -24.59 5.01
CA VAL B 291 -15.92 -24.83 6.43
C VAL B 291 -14.58 -25.52 6.57
N TYR B 292 -13.72 -24.96 7.41
CA TYR B 292 -12.32 -25.36 7.53
C TYR B 292 -11.98 -25.69 8.97
N GLU B 293 -11.15 -26.72 9.18
CA GLU B 293 -10.72 -27.12 10.50
C GLU B 293 -9.20 -27.08 10.47
N THR B 294 -8.61 -26.14 11.20
CA THR B 294 -7.17 -25.90 11.15
C THR B 294 -6.65 -25.77 12.60
N PRO B 295 -6.65 -26.88 13.36
CA PRO B 295 -6.32 -26.81 14.79
C PRO B 295 -4.93 -26.29 15.14
N GLY B 296 -3.88 -26.85 14.57
CA GLY B 296 -2.54 -26.50 14.98
C GLY B 296 -2.15 -25.13 14.52
N ALA B 297 -2.38 -24.86 13.24
CA ALA B 297 -1.98 -23.59 12.73
C ALA B 297 -2.71 -22.43 13.36
N THR B 298 -3.98 -22.58 13.74
CA THR B 298 -4.71 -21.53 14.43
C THR B 298 -3.96 -21.11 15.69
N ILE B 299 -3.51 -22.11 16.43
CA ILE B 299 -2.68 -21.85 17.64
C ILE B 299 -1.37 -21.11 17.29
N LEU B 300 -0.65 -21.64 16.33
CA LEU B 300 0.64 -21.12 15.98
C LEU B 300 0.59 -19.69 15.47
N TRP B 301 -0.43 -19.39 14.68
CA TRP B 301 -0.57 -18.03 14.12
C TRP B 301 -0.83 -17.04 15.27
N ILE B 302 -1.71 -17.40 16.21
CA ILE B 302 -2.02 -16.55 17.33
C ILE B 302 -0.81 -16.29 18.24
N ALA B 303 -0.09 -17.36 18.56
CA ALA B 303 1.12 -17.22 19.33
C ALA B 303 2.18 -16.33 18.66
N HIS B 304 2.37 -16.56 17.37
CA HIS B 304 3.34 -15.84 16.61
C HIS B 304 3.06 -14.33 16.64
N ARG B 305 1.81 -13.93 16.35
CA ARG B 305 1.41 -12.53 16.36
C ARG B 305 1.65 -11.93 17.74
N ASP B 306 1.40 -12.70 18.80
CA ASP B 306 1.66 -12.18 20.14
C ASP B 306 3.14 -11.86 20.41
N LEU B 307 4.01 -12.75 19.97
CA LEU B 307 5.44 -12.51 20.10
C LEU B 307 5.89 -11.27 19.33
N GLU B 308 5.36 -11.11 18.13
CA GLU B 308 5.64 -9.91 17.33
C GLU B 308 5.36 -8.63 18.08
N GLY B 309 4.34 -8.67 18.92
CA GLY B 309 3.98 -7.53 19.77
C GLY B 309 5.12 -6.99 20.63
N ILE B 310 5.95 -7.88 21.17
CA ILE B 310 7.02 -7.51 22.05
C ILE B 310 8.37 -7.39 21.34
N THR B 311 8.44 -7.86 20.08
CA THR B 311 9.73 -7.92 19.41
C THR B 311 9.85 -7.00 18.19
N MET B 312 8.76 -6.79 17.47
CA MET B 312 8.88 -6.17 16.14
C MET B 312 8.81 -4.64 16.28
N ASP B 313 9.56 -3.95 15.42
CA ASP B 313 9.53 -2.48 15.36
C ASP B 313 8.14 -2.07 14.82
N LYS B 314 7.57 -1.01 15.40
CA LYS B 314 6.25 -0.53 14.98
C LYS B 314 6.11 -0.24 13.52
N GLU B 315 7.10 0.43 12.93
CA GLU B 315 7.01 0.81 11.51
C GLU B 315 7.15 -0.40 10.56
N VAL B 316 8.02 -1.34 10.91
CA VAL B 316 8.13 -2.60 10.17
C VAL B 316 6.80 -3.33 10.24
N MET B 317 6.25 -3.42 11.45
CA MET B 317 4.99 -4.14 11.61
C MET B 317 3.88 -3.50 10.76
N HIS B 318 3.84 -2.16 10.73
CA HIS B 318 2.82 -1.44 9.96
C HIS B 318 2.94 -1.72 8.46
N LEU B 319 4.15 -1.67 7.95
CA LEU B 319 4.37 -1.96 6.54
C LEU B 319 4.03 -3.44 6.20
N ARG B 320 4.50 -4.36 7.04
CA ARG B 320 4.24 -5.78 6.87
C ARG B 320 2.72 -5.99 6.86
N ASP B 321 2.01 -5.41 7.82
CA ASP B 321 0.55 -5.61 7.85
C ASP B 321 -0.19 -5.02 6.65
N MET B 322 0.31 -3.91 6.14
CA MET B 322 -0.23 -3.32 4.91
C MET B 322 -0.06 -4.25 3.75
N LEU B 323 1.03 -5.00 3.74
CA LEU B 323 1.34 -5.91 2.63
C LEU B 323 0.82 -7.33 2.83
N ALA B 324 0.32 -7.63 4.03
CA ALA B 324 -0.09 -8.99 4.36
C ALA B 324 -1.27 -9.46 3.49
N PRO B 325 -2.25 -8.62 3.18
CA PRO B 325 -3.29 -9.10 2.28
C PRO B 325 -2.76 -9.55 0.90
N LYS B 326 -1.82 -8.81 0.34
CA LYS B 326 -1.19 -9.16 -0.93
C LYS B 326 -0.40 -10.50 -0.78
N PHE B 327 0.30 -10.68 0.31
CA PHE B 327 1.03 -11.93 0.57
C PHE B 327 0.05 -13.09 0.60
N ALA B 328 -1.07 -12.95 1.30
CA ALA B 328 -2.07 -14.01 1.32
C ALA B 328 -2.70 -14.26 -0.05
N GLU B 329 -2.96 -13.20 -0.81
CA GLU B 329 -3.48 -13.30 -2.16
C GLU B 329 -2.57 -14.10 -3.06
N LEU B 330 -1.27 -13.82 -3.00
CA LEU B 330 -0.30 -14.54 -3.82
C LEU B 330 -0.38 -16.04 -3.51
N ILE B 331 -0.45 -16.37 -2.24
CA ILE B 331 -0.55 -17.79 -1.84
C ILE B 331 -1.84 -18.38 -2.36
N TYR B 332 -2.97 -17.72 -2.11
CA TYR B 332 -4.25 -18.24 -2.57
C TYR B 332 -4.31 -18.48 -4.06
N ASN B 333 -3.78 -17.54 -4.82
CA ASN B 333 -3.92 -17.56 -6.25
C ASN B 333 -2.96 -18.55 -6.90
N GLY B 334 -1.91 -19.02 -6.22
CA GLY B 334 -0.98 -19.94 -6.88
C GLY B 334 0.35 -19.35 -7.30
N PHE B 335 0.62 -18.16 -6.80
CA PHE B 335 1.87 -17.49 -7.13
C PHE B 335 2.99 -17.65 -6.10
N TRP B 336 3.02 -18.81 -5.49
CA TRP B 336 4.07 -19.16 -4.51
C TRP B 336 5.46 -18.96 -5.05
N PHE B 337 5.71 -19.38 -6.30
CA PHE B 337 7.04 -19.30 -6.91
C PHE B 337 7.27 -18.11 -7.85
N SER B 338 6.56 -17.03 -7.61
CA SER B 338 6.59 -15.85 -8.48
C SER B 338 7.63 -14.84 -8.05
N PRO B 339 8.03 -13.96 -8.97
CA PRO B 339 8.95 -12.90 -8.60
C PRO B 339 8.37 -11.97 -7.56
N GLU B 340 7.06 -11.67 -7.60
CA GLU B 340 6.47 -10.77 -6.64
C GLU B 340 6.44 -11.40 -5.22
N MET B 341 6.27 -12.73 -5.14
CA MET B 341 6.41 -13.40 -3.88
C MET B 341 7.86 -13.31 -3.34
N GLU B 342 8.86 -13.52 -4.20
CA GLU B 342 10.25 -13.37 -3.76
C GLU B 342 10.54 -12.00 -3.19
N PHE B 343 10.00 -11.00 -3.85
CA PHE B 343 10.11 -9.59 -3.45
C PHE B 343 9.56 -9.42 -2.02
N LEU B 344 8.33 -9.91 -1.80
CA LEU B 344 7.71 -9.77 -0.45
C LEU B 344 8.45 -10.59 0.60
N LEU B 345 8.82 -11.83 0.24
CA LEU B 345 9.55 -12.68 1.19
C LEU B 345 10.85 -12.10 1.67
N ALA B 346 11.60 -11.43 0.79
CA ALA B 346 12.82 -10.74 1.21
C ALA B 346 12.55 -9.80 2.39
N ALA B 347 11.51 -8.97 2.24
CA ALA B 347 11.15 -8.05 3.30
C ALA B 347 10.57 -8.77 4.52
N PHE B 348 9.68 -9.74 4.27
CA PHE B 348 8.95 -10.36 5.40
C PHE B 348 9.91 -11.17 6.27
N ARG B 349 10.90 -11.78 5.64
CA ARG B 349 11.95 -12.46 6.38
C ARG B 349 12.80 -11.51 7.20
N LYS B 350 13.16 -10.38 6.62
CA LYS B 350 13.90 -9.36 7.35
C LYS B 350 13.12 -8.91 8.59
N ALA B 351 11.81 -8.79 8.46
CA ALA B 351 10.95 -8.40 9.59
C ALA B 351 10.96 -9.39 10.73
N GLN B 352 11.24 -10.65 10.41
CA GLN B 352 11.23 -11.73 11.42
C GLN B 352 12.53 -11.89 12.20
N GLU B 353 13.61 -11.22 11.78
CA GLU B 353 14.90 -11.28 12.45
C GLU B 353 14.66 -10.86 13.89
N ASN B 354 15.11 -11.67 14.82
CA ASN B 354 14.85 -11.43 16.26
C ASN B 354 13.40 -11.45 16.81
N VAL B 355 12.45 -11.95 16.01
CA VAL B 355 11.17 -12.44 16.52
C VAL B 355 11.48 -13.77 17.23
N THR B 356 11.98 -13.62 18.45
CA THR B 356 12.65 -14.73 19.20
C THR B 356 12.27 -14.59 20.65
N GLY B 357 11.71 -15.64 21.19
CA GLY B 357 11.16 -15.61 22.53
C GLY B 357 10.16 -16.72 22.71
N LYS B 358 9.31 -16.57 23.72
CA LYS B 358 8.33 -17.57 24.05
C LYS B 358 7.01 -16.88 24.44
N VAL B 359 5.91 -17.57 24.13
CA VAL B 359 4.58 -17.12 24.39
C VAL B 359 3.86 -18.23 25.12
N THR B 360 3.13 -17.87 26.17
CA THR B 360 2.24 -18.82 26.87
C THR B 360 0.83 -18.54 26.43
N VAL B 361 0.20 -19.58 25.90
CA VAL B 361 -1.20 -19.54 25.46
C VAL B 361 -2.04 -20.49 26.30
N SER B 362 -3.19 -20.00 26.65
CA SER B 362 -4.26 -20.79 27.28
C SER B 362 -5.17 -21.29 26.20
N ILE B 363 -5.38 -22.61 26.17
CA ILE B 363 -6.24 -23.24 25.21
C ILE B 363 -7.41 -23.87 25.95
N TYR B 364 -8.61 -23.48 25.55
CA TYR B 364 -9.81 -23.85 26.30
C TYR B 364 -11.04 -23.68 25.42
N LYS B 365 -11.71 -24.80 25.14
CA LYS B 365 -12.96 -24.83 24.40
C LYS B 365 -13.03 -23.82 23.25
N GLY B 366 -12.13 -23.99 22.28
CA GLY B 366 -12.11 -23.20 21.08
C GLY B 366 -11.24 -21.93 21.18
N ASN B 367 -10.92 -21.49 22.40
CA ASN B 367 -10.18 -20.25 22.61
C ASN B 367 -8.69 -20.52 22.63
N VAL B 368 -7.93 -19.63 21.99
CA VAL B 368 -6.48 -19.63 22.08
C VAL B 368 -6.03 -18.23 22.53
N MET B 369 -5.68 -18.11 23.80
CA MET B 369 -5.48 -16.78 24.37
C MET B 369 -4.09 -16.59 24.90
N PRO B 370 -3.29 -15.70 24.32
CA PRO B 370 -2.00 -15.37 24.89
C PRO B 370 -2.20 -14.74 26.26
N VAL B 371 -1.48 -15.24 27.24
CA VAL B 371 -1.50 -14.68 28.59
C VAL B 371 -0.16 -14.21 29.12
N ALA B 372 0.96 -14.49 28.42
CA ALA B 372 2.30 -14.05 28.91
C ALA B 372 3.22 -14.23 27.72
N ARG B 373 4.27 -13.44 27.67
CA ARG B 373 5.33 -13.63 26.68
C ARG B 373 6.61 -12.98 27.13
N TYR B 374 7.72 -13.45 26.53
CA TYR B 374 9.03 -12.97 26.89
C TYR B 374 9.98 -13.06 25.70
N SER B 375 10.80 -12.03 25.54
CA SER B 375 11.88 -12.08 24.53
C SER B 375 13.15 -11.50 25.15
N PRO B 376 14.29 -12.15 24.91
CA PRO B 376 15.59 -11.53 25.22
C PRO B 376 15.87 -10.28 24.38
N TYR B 377 15.18 -10.13 23.27
CA TYR B 377 15.40 -9.00 22.36
C TYR B 377 14.30 -7.94 22.55
N SER B 378 14.11 -7.53 23.78
CA SER B 378 13.15 -6.45 24.08
C SER B 378 13.61 -5.67 25.30
N LEU B 379 13.05 -4.46 25.48
CA LEU B 379 13.40 -3.61 26.62
C LEU B 379 12.85 -4.18 27.92
N TYR B 380 12.04 -5.21 27.81
CA TYR B 380 11.59 -5.94 28.98
C TYR B 380 12.65 -6.98 29.46
N ASN B 381 13.64 -7.25 28.63
CA ASN B 381 14.83 -8.01 29.05
C ASN B 381 15.68 -7.11 29.97
N GLY B 392 13.37 6.79 27.97
CA GLY B 392 14.27 7.91 27.75
C GLY B 392 13.63 9.09 27.06
N PHE B 393 12.51 9.55 27.62
CA PHE B 393 11.93 10.81 27.24
C PHE B 393 11.15 11.43 28.41
N ASP B 394 10.75 12.68 28.24
CA ASP B 394 10.00 13.30 29.27
C ASP B 394 8.83 14.08 28.70
N ALA B 395 8.02 14.57 29.61
CA ALA B 395 6.78 15.22 29.25
C ALA B 395 7.01 16.42 28.37
N THR B 396 8.15 17.05 28.56
CA THR B 396 8.50 18.20 27.76
C THR B 396 8.66 17.75 26.31
N ASP B 397 9.24 16.57 26.12
CA ASP B 397 9.36 16.04 24.76
C ASP B 397 8.00 15.79 24.10
N SER B 398 7.06 15.18 24.85
CA SER B 398 5.69 15.01 24.29
C SER B 398 5.07 16.29 23.76
N LYS B 399 5.32 17.41 24.45
CA LYS B 399 4.73 18.70 24.09
C LYS B 399 5.21 19.10 22.69
N GLY B 400 6.51 19.00 22.47
CA GLY B 400 7.05 19.29 21.12
C GLY B 400 6.58 18.35 20.05
N PHE B 401 6.55 17.05 20.33
CA PHE B 401 6.09 16.04 19.41
C PHE B 401 4.65 16.38 19.00
N ILE B 402 3.80 16.60 20.00
CA ILE B 402 2.38 16.96 19.72
C ILE B 402 2.28 18.28 18.93
N ASN B 403 3.03 19.29 19.33
CA ASN B 403 2.91 20.60 18.65
C ASN B 403 3.28 20.54 17.17
N ILE B 404 4.36 19.83 16.86
CA ILE B 404 4.78 19.72 15.46
C ILE B 404 3.67 18.95 14.67
N HIS B 405 3.18 17.84 15.22
CA HIS B 405 2.15 17.07 14.50
C HIS B 405 0.88 17.90 14.32
N ALA B 406 0.54 18.71 15.31
CA ALA B 406 -0.66 19.52 15.29
C ALA B 406 -0.61 20.66 14.23
N LEU B 407 0.58 21.17 13.93
CA LEU B 407 0.73 22.30 12.98
C LEU B 407 -0.09 22.11 11.75
N ARG B 408 0.08 20.94 11.15
CA ARG B 408 -0.53 20.63 9.90
C ARG B 408 -2.05 20.60 9.99
N LEU B 409 -2.58 20.19 11.15
CA LEU B 409 -4.03 20.12 11.31
C LEU B 409 -4.61 21.52 11.48
N LYS B 410 -3.85 22.38 12.12
CA LYS B 410 -4.28 23.78 12.30
C LYS B 410 -4.38 24.48 10.92
N VAL B 411 -3.44 24.17 10.02
CA VAL B 411 -3.46 24.72 8.65
C VAL B 411 -4.68 24.27 7.90
N HIS B 412 -4.97 23.00 7.96
CA HIS B 412 -6.14 22.45 7.34
C HIS B 412 -7.44 23.11 7.84
N GLN B 413 -7.57 23.29 9.15
CA GLN B 413 -8.76 23.92 9.71
C GLN B 413 -8.96 25.32 9.15
N LEU B 414 -7.91 26.13 9.18
CA LEU B 414 -7.95 27.49 8.65
C LEU B 414 -8.20 27.57 7.13
N VAL B 415 -8.50 26.43 6.50
CA VAL B 415 -8.78 26.32 5.06
C VAL B 415 -10.12 25.58 4.76
N LYS B 416 -10.56 24.70 5.65
CA LYS B 416 -11.93 24.15 5.61
C LYS B 416 -12.99 25.13 6.11
N LYS B 417 -12.61 26.06 6.99
CA LYS B 417 -13.57 27.04 7.51
C LYS B 417 -13.93 28.08 6.42
N GLY B 418 -13.06 28.20 5.42
CA GLY B 418 -13.29 29.16 4.34
C GLY B 418 -14.50 28.91 3.47
N TYR B 419 -14.85 29.92 2.68
CA TYR B 419 -15.70 29.73 1.52
C TYR B 419 -15.06 28.61 0.68
N GLN B 420 -15.85 27.61 0.34
CA GLN B 420 -15.38 26.47 -0.45
C GLN B 420 -15.91 26.68 -1.87
N ARG B 421 -15.01 26.97 -2.79
CA ARG B 421 -15.45 27.21 -4.16
C ARG B 421 -15.51 25.92 -4.98
N LYS C 14 -32.07 -10.12 -39.50
CA LYS C 14 -32.93 -10.00 -38.27
C LYS C 14 -32.10 -9.55 -37.05
N GLU C 15 -31.13 -10.35 -36.64
CA GLU C 15 -30.33 -10.05 -35.46
C GLU C 15 -29.54 -8.78 -35.71
N LYS C 16 -29.54 -7.84 -34.75
CA LYS C 16 -28.79 -6.59 -34.87
C LYS C 16 -27.49 -6.69 -34.10
N VAL C 17 -26.43 -6.15 -34.68
CA VAL C 17 -25.16 -5.95 -34.02
C VAL C 17 -24.73 -4.48 -34.15
N VAL C 18 -24.28 -3.89 -33.04
CA VAL C 18 -23.62 -2.59 -33.07
C VAL C 18 -22.12 -2.86 -33.11
N LEU C 19 -21.48 -2.44 -34.21
CA LEU C 19 -20.07 -2.64 -34.42
C LEU C 19 -19.34 -1.35 -34.20
N ALA C 20 -18.31 -1.37 -33.35
CA ALA C 20 -17.41 -0.24 -33.24
C ALA C 20 -16.58 -0.19 -34.52
N TYR C 21 -16.92 0.80 -35.35
CA TYR C 21 -16.36 0.90 -36.69
C TYR C 21 -15.43 2.09 -36.86
N SER C 22 -14.18 1.81 -37.25
CA SER C 22 -13.13 2.84 -37.35
C SER C 22 -12.93 3.30 -38.79
N GLY C 23 -13.40 2.50 -39.75
CA GLY C 23 -13.18 2.79 -41.17
C GLY C 23 -11.96 2.12 -41.78
N GLY C 24 -11.13 1.50 -40.96
CA GLY C 24 -9.89 0.84 -41.41
C GLY C 24 -10.19 -0.53 -41.99
N LEU C 25 -9.14 -1.22 -42.43
CA LEU C 25 -9.28 -2.50 -43.12
C LEU C 25 -9.94 -3.56 -42.22
N ASP C 26 -9.43 -3.72 -41.00
CA ASP C 26 -10.02 -4.73 -40.07
C ASP C 26 -11.52 -4.59 -39.87
N THR C 27 -11.98 -3.42 -39.39
CA THR C 27 -13.40 -3.25 -39.15
C THR C 27 -14.25 -3.20 -40.38
N SER C 28 -13.68 -2.80 -41.52
CA SER C 28 -14.42 -2.90 -42.78
C SER C 28 -14.67 -4.36 -43.18
N VAL C 29 -13.64 -5.20 -43.07
CA VAL C 29 -13.78 -6.63 -43.35
C VAL C 29 -14.76 -7.25 -42.37
N ILE C 30 -14.61 -6.89 -41.09
CA ILE C 30 -15.54 -7.42 -40.09
C ILE C 30 -16.96 -7.03 -40.38
N LEU C 31 -17.18 -5.79 -40.79
CA LEU C 31 -18.52 -5.35 -41.09
C LEU C 31 -19.16 -6.16 -42.25
N LYS C 32 -18.39 -6.35 -43.32
CA LYS C 32 -18.85 -7.15 -44.46
C LYS C 32 -19.17 -8.57 -44.03
N TRP C 33 -18.22 -9.16 -43.32
CA TRP C 33 -18.30 -10.53 -42.83
C TRP C 33 -19.57 -10.78 -41.99
N LEU C 34 -19.91 -9.84 -41.11
CA LEU C 34 -21.10 -10.02 -40.28
C LEU C 34 -22.35 -9.90 -41.12
N CYS C 35 -22.33 -8.97 -42.07
CA CYS C 35 -23.44 -8.86 -43.02
C CYS C 35 -23.62 -10.18 -43.77
N GLU C 36 -22.51 -10.81 -44.15
CA GLU C 36 -22.53 -12.08 -44.94
C GLU C 36 -23.09 -13.24 -44.12
N LYS C 37 -22.86 -13.17 -42.81
CA LYS C 37 -23.40 -14.13 -41.84
C LYS C 37 -24.87 -13.88 -41.51
N GLY C 38 -25.45 -12.82 -42.03
CA GLY C 38 -26.88 -12.56 -41.88
C GLY C 38 -27.26 -11.53 -40.84
N PHE C 39 -26.27 -10.91 -40.19
CA PHE C 39 -26.56 -9.86 -39.21
C PHE C 39 -26.97 -8.56 -39.87
N ASP C 40 -27.92 -7.87 -39.24
CA ASP C 40 -28.17 -6.44 -39.46
C ASP C 40 -27.09 -5.61 -38.70
N VAL C 41 -26.09 -5.11 -39.41
CA VAL C 41 -25.00 -4.37 -38.74
C VAL C 41 -25.23 -2.84 -38.68
N ILE C 42 -25.25 -2.30 -37.45
CA ILE C 42 -25.20 -0.85 -37.24
C ILE C 42 -23.75 -0.41 -36.99
N ALA C 43 -23.26 0.54 -37.79
CA ALA C 43 -21.89 0.98 -37.63
C ALA C 43 -21.86 2.18 -36.68
N TYR C 44 -21.04 2.06 -35.62
CA TYR C 44 -20.91 3.11 -34.62
C TYR C 44 -19.51 3.71 -34.71
N VAL C 45 -19.46 4.99 -35.06
CA VAL C 45 -18.22 5.69 -35.31
C VAL C 45 -18.05 6.75 -34.21
N ALA C 46 -17.07 6.52 -33.36
CA ALA C 46 -16.84 7.38 -32.19
C ALA C 46 -15.78 8.45 -32.53
N ASN C 47 -16.17 9.72 -32.54
CA ASN C 47 -15.27 10.81 -32.76
C ASN C 47 -14.73 11.23 -31.42
N VAL C 48 -13.52 10.78 -31.10
CA VAL C 48 -12.83 11.18 -29.85
C VAL C 48 -11.62 12.07 -30.17
N GLY C 49 -11.70 12.75 -31.30
CA GLY C 49 -10.68 13.73 -31.71
C GLY C 49 -9.67 13.24 -32.73
N GLN C 50 -9.83 12.04 -33.24
CA GLN C 50 -8.97 11.61 -34.36
C GLN C 50 -9.18 12.51 -35.59
N LYS C 51 -8.13 12.71 -36.37
CA LYS C 51 -8.21 13.62 -37.50
C LYS C 51 -8.63 12.85 -38.73
N ASP C 52 -9.82 12.26 -38.64
CA ASP C 52 -10.36 11.40 -39.68
C ASP C 52 -11.48 12.13 -40.42
N ASP C 53 -11.76 11.68 -41.65
CA ASP C 53 -12.88 12.15 -42.44
C ASP C 53 -14.14 11.34 -42.12
N PHE C 54 -14.92 11.80 -41.17
CA PHE C 54 -16.08 11.06 -40.70
C PHE C 54 -17.17 10.94 -41.76
N VAL C 55 -17.26 11.94 -42.63
CA VAL C 55 -18.15 11.86 -43.79
C VAL C 55 -17.78 10.67 -44.68
N ALA C 56 -16.51 10.55 -45.05
CA ALA C 56 -16.02 9.38 -45.83
C ALA C 56 -16.22 8.05 -45.10
N ILE C 57 -15.98 8.03 -43.78
CA ILE C 57 -16.10 6.79 -43.02
C ILE C 57 -17.53 6.29 -43.02
N LYS C 58 -18.47 7.21 -42.85
CA LYS C 58 -19.86 6.83 -42.87
C LYS C 58 -20.26 6.30 -44.27
N GLU C 59 -19.76 6.93 -45.32
CA GLU C 59 -20.05 6.48 -46.70
C GLU C 59 -19.51 5.07 -46.89
N LYS C 60 -18.31 4.83 -46.39
CA LYS C 60 -17.65 3.53 -46.52
C LYS C 60 -18.44 2.45 -45.79
N ALA C 61 -18.86 2.75 -44.56
CA ALA C 61 -19.68 1.81 -43.82
C ALA C 61 -20.90 1.38 -44.63
N LEU C 62 -21.62 2.37 -45.16
CA LEU C 62 -22.84 2.13 -45.94
C LEU C 62 -22.56 1.34 -47.21
N LYS C 63 -21.50 1.71 -47.92
CA LYS C 63 -21.05 0.96 -49.13
C LYS C 63 -20.59 -0.47 -48.79
N THR C 64 -20.15 -0.67 -47.54
CA THR C 64 -19.73 -1.99 -47.08
C THR C 64 -20.92 -2.84 -46.60
N GLY C 65 -22.06 -2.21 -46.32
CA GLY C 65 -23.24 -2.95 -45.98
C GLY C 65 -23.94 -2.61 -44.67
N ALA C 66 -23.46 -1.57 -43.97
CA ALA C 66 -24.11 -1.21 -42.71
C ALA C 66 -25.49 -0.71 -43.02
N SER C 67 -26.45 -1.04 -42.17
CA SER C 67 -27.81 -0.58 -42.35
C SER C 67 -27.99 0.86 -41.94
N LYS C 68 -27.14 1.31 -41.01
CA LYS C 68 -27.30 2.61 -40.34
C LYS C 68 -25.96 2.94 -39.72
N VAL C 69 -25.60 4.22 -39.74
CA VAL C 69 -24.33 4.68 -39.16
C VAL C 69 -24.63 5.70 -38.04
N TYR C 70 -23.98 5.56 -36.88
CA TYR C 70 -24.01 6.62 -35.85
C TYR C 70 -22.63 7.24 -35.79
N VAL C 71 -22.50 8.54 -36.05
CA VAL C 71 -21.23 9.26 -35.87
C VAL C 71 -21.38 10.13 -34.61
N GLU C 72 -20.69 9.77 -33.54
CA GLU C 72 -20.95 10.33 -32.24
C GLU C 72 -19.81 11.27 -31.87
N ASP C 73 -20.11 12.54 -31.63
CA ASP C 73 -19.10 13.47 -31.18
C ASP C 73 -18.94 13.36 -29.68
N LEU C 74 -17.87 12.69 -29.25
CA LEU C 74 -17.65 12.38 -27.86
C LEU C 74 -16.48 13.22 -27.28
N ARG C 75 -16.03 14.25 -28.00
CA ARG C 75 -14.79 14.94 -27.64
C ARG C 75 -14.92 15.68 -26.30
N ARG C 76 -16.01 16.45 -26.12
CA ARG C 76 -16.16 17.18 -24.86
C ARG C 76 -16.30 16.27 -23.65
N GLU C 77 -17.10 15.23 -23.76
CA GLU C 77 -17.22 14.24 -22.71
C GLU C 77 -15.86 13.55 -22.40
N PHE C 78 -15.13 13.23 -23.45
CA PHE C 78 -13.79 12.62 -23.30
C PHE C 78 -12.93 13.48 -22.41
N VAL C 79 -12.94 14.77 -22.68
CA VAL C 79 -12.17 15.70 -21.88
C VAL C 79 -12.67 15.78 -20.45
N THR C 80 -13.95 16.12 -20.23
CA THR C 80 -14.41 16.44 -18.89
C THR C 80 -14.64 15.28 -17.97
N ASP C 81 -15.04 14.12 -18.51
CA ASP C 81 -15.37 12.98 -17.70
C ASP C 81 -14.38 11.84 -17.72
N TYR C 82 -13.39 11.92 -18.63
CA TYR C 82 -12.41 10.85 -18.81
C TYR C 82 -10.99 11.34 -18.61
N ILE C 83 -10.52 12.28 -19.44
CA ILE C 83 -9.17 12.81 -19.26
C ILE C 83 -9.07 13.50 -17.91
N PHE C 84 -10.04 14.39 -17.58
CA PHE C 84 -10.00 15.06 -16.30
C PHE C 84 -10.19 14.12 -15.11
N THR C 85 -10.83 12.97 -15.30
CA THR C 85 -10.87 11.98 -14.25
C THR C 85 -9.50 11.34 -14.01
N ALA C 86 -8.79 10.97 -15.07
CA ALA C 86 -7.43 10.44 -14.91
C ALA C 86 -6.53 11.45 -14.22
N LEU C 87 -6.76 12.74 -14.50
CA LEU C 87 -5.98 13.80 -13.94
C LEU C 87 -6.07 13.87 -12.41
N LEU C 88 -7.17 13.40 -11.88
CA LEU C 88 -7.39 13.38 -10.41
C LEU C 88 -6.27 12.62 -9.70
N GLY C 89 -5.72 11.56 -10.33
CA GLY C 89 -4.62 10.81 -9.76
C GLY C 89 -3.26 11.08 -10.38
N ASN C 90 -3.14 12.12 -11.21
CA ASN C 90 -1.99 12.31 -12.10
C ASN C 90 -1.65 10.98 -12.72
N ALA C 91 -2.63 10.28 -13.25
CA ALA C 91 -2.44 8.86 -13.58
C ALA C 91 -1.27 8.70 -14.56
N MET C 92 -0.33 7.83 -14.20
CA MET C 92 0.82 7.51 -15.05
C MET C 92 1.13 6.06 -14.82
N TYR C 93 1.06 5.28 -15.87
CA TYR C 93 1.24 3.84 -15.79
C TYR C 93 2.74 3.56 -15.88
N GLU C 94 3.22 2.79 -14.92
CA GLU C 94 4.62 2.36 -14.90
C GLU C 94 5.56 3.55 -14.94
N GLY C 95 5.15 4.59 -14.22
CA GLY C 95 5.98 5.77 -14.05
C GLY C 95 5.93 6.78 -15.16
N ARG C 96 5.31 6.48 -16.31
CA ARG C 96 5.59 7.19 -17.55
C ARG C 96 4.39 7.42 -18.50
N TYR C 97 3.55 6.41 -18.65
CA TYR C 97 2.56 6.43 -19.73
C TYR C 97 1.30 7.16 -19.26
N LEU C 98 0.88 8.16 -20.02
CA LEU C 98 -0.31 8.97 -19.65
C LEU C 98 -1.67 8.36 -20.10
N LEU C 99 -1.67 7.19 -20.68
CA LEU C 99 -2.84 6.30 -20.79
C LEU C 99 -3.81 6.78 -21.86
N GLY C 100 -3.31 7.49 -22.85
CA GLY C 100 -4.25 8.06 -23.85
C GLY C 100 -5.22 7.10 -24.52
N THR C 101 -4.81 5.89 -24.88
CA THR C 101 -5.75 4.96 -25.51
C THR C 101 -6.67 4.35 -24.45
N ALA C 102 -6.09 4.08 -23.29
CA ALA C 102 -6.84 3.45 -22.24
C ALA C 102 -7.97 4.31 -21.70
N ILE C 103 -7.78 5.62 -21.64
CA ILE C 103 -8.78 6.55 -21.11
C ILE C 103 -9.93 6.65 -22.12
N ALA C 104 -9.64 6.58 -23.41
CA ALA C 104 -10.71 6.70 -24.44
C ALA C 104 -11.61 5.47 -24.55
N ARG C 105 -11.06 4.28 -24.40
CA ARG C 105 -11.79 3.08 -24.72
C ARG C 105 -13.07 2.88 -23.87
N PRO C 106 -13.07 3.12 -22.56
CA PRO C 106 -14.31 2.96 -21.82
C PRO C 106 -15.42 3.89 -22.25
N LEU C 107 -15.09 5.13 -22.61
CA LEU C 107 -16.08 6.07 -23.14
C LEU C 107 -16.63 5.53 -24.44
N ILE C 108 -15.76 5.09 -25.33
CA ILE C 108 -16.20 4.54 -26.61
C ILE C 108 -17.11 3.30 -26.39
N ALA C 109 -16.74 2.42 -25.49
CA ALA C 109 -17.55 1.22 -25.25
C ALA C 109 -18.86 1.56 -24.55
N LYS C 110 -18.85 2.51 -23.63
CA LYS C 110 -20.08 2.85 -22.93
C LYS C 110 -21.15 3.33 -23.97
N ARG C 111 -20.72 4.23 -24.84
CA ARG C 111 -21.63 4.77 -25.86
C ARG C 111 -22.12 3.68 -26.79
N GLN C 112 -21.29 2.69 -27.07
CA GLN C 112 -21.65 1.56 -27.90
C GLN C 112 -22.79 0.79 -27.18
N VAL C 113 -22.66 0.62 -25.86
CA VAL C 113 -23.65 -0.09 -25.06
C VAL C 113 -24.99 0.68 -25.16
N GLU C 114 -24.91 1.99 -24.99
CA GLU C 114 -26.13 2.84 -25.02
C GLU C 114 -26.86 2.81 -26.39
N ILE C 115 -26.08 2.85 -27.47
CA ILE C 115 -26.62 2.66 -28.83
C ILE C 115 -27.25 1.29 -29.01
N ALA C 116 -26.62 0.24 -28.53
CA ALA C 116 -27.21 -1.11 -28.65
C ALA C 116 -28.54 -1.15 -27.91
N GLU C 117 -28.62 -0.48 -26.75
CA GLU C 117 -29.87 -0.47 -25.99
C GLU C 117 -30.92 0.33 -26.76
N LYS C 118 -30.53 1.43 -27.36
CA LYS C 118 -31.45 2.23 -28.15
C LYS C 118 -32.00 1.45 -29.33
N GLU C 119 -31.13 0.72 -30.01
CA GLU C 119 -31.52 -0.05 -31.20
C GLU C 119 -32.17 -1.42 -30.90
N GLY C 120 -32.21 -1.82 -29.63
CA GLY C 120 -32.67 -3.16 -29.30
C GLY C 120 -31.75 -4.23 -29.85
N ALA C 121 -30.47 -3.88 -30.03
CA ALA C 121 -29.53 -4.85 -30.55
C ALA C 121 -29.18 -5.78 -29.44
N GLN C 122 -28.94 -7.04 -29.78
CA GLN C 122 -28.58 -8.03 -28.76
C GLN C 122 -27.08 -8.27 -28.74
N TYR C 123 -26.37 -7.67 -29.69
CA TYR C 123 -24.96 -7.95 -29.88
C TYR C 123 -24.17 -6.64 -30.03
N VAL C 124 -22.98 -6.66 -29.48
CA VAL C 124 -21.96 -5.61 -29.72
C VAL C 124 -20.75 -6.32 -30.28
N ALA C 125 -20.04 -5.67 -31.22
CA ALA C 125 -18.87 -6.25 -31.80
C ALA C 125 -17.75 -5.22 -31.81
N HIS C 126 -16.53 -5.70 -31.79
CA HIS C 126 -15.40 -4.82 -32.01
C HIS C 126 -14.31 -5.54 -32.78
N GLY C 127 -13.40 -4.75 -33.36
CA GLY C 127 -12.31 -5.30 -34.14
C GLY C 127 -10.95 -5.22 -33.52
N ALA C 128 -10.87 -5.06 -32.18
CA ALA C 128 -9.62 -5.09 -31.52
C ALA C 128 -8.96 -6.46 -31.72
N THR C 129 -7.63 -6.46 -31.73
CA THR C 129 -6.90 -7.69 -31.99
C THR C 129 -6.95 -8.65 -30.83
N GLY C 130 -6.70 -9.91 -31.16
CA GLY C 130 -6.88 -10.99 -30.21
C GLY C 130 -5.75 -11.09 -29.24
N LYS C 131 -4.71 -10.29 -29.42
CA LYS C 131 -3.55 -10.37 -28.59
C LYS C 131 -3.10 -9.02 -28.01
N GLY C 132 -3.97 -8.01 -27.99
CA GLY C 132 -3.67 -6.73 -27.37
C GLY C 132 -4.53 -6.37 -26.16
N ASN C 133 -4.45 -5.11 -25.73
CA ASN C 133 -5.14 -4.60 -24.54
C ASN C 133 -6.53 -4.07 -24.86
N ASP C 134 -6.72 -3.52 -26.05
CA ASP C 134 -8.01 -2.82 -26.30
C ASP C 134 -9.20 -3.73 -26.21
N GLN C 135 -9.05 -4.98 -26.63
CA GLN C 135 -10.10 -5.98 -26.53
C GLN C 135 -10.62 -6.08 -25.09
N VAL C 136 -9.70 -5.98 -24.13
CA VAL C 136 -10.06 -6.13 -22.70
C VAL C 136 -10.83 -4.92 -22.24
N ARG C 137 -10.38 -3.76 -22.68
CA ARG C 137 -11.02 -2.50 -22.34
C ARG C 137 -12.44 -2.43 -22.89
N PHE C 138 -12.66 -2.91 -24.12
CA PHE C 138 -14.03 -3.00 -24.62
C PHE C 138 -14.86 -3.98 -23.76
N GLU C 139 -14.38 -5.20 -23.63
CA GLU C 139 -15.18 -6.29 -23.11
C GLU C 139 -15.45 -6.18 -21.62
N LEU C 140 -14.50 -5.62 -20.87
CA LEU C 140 -14.76 -5.39 -19.43
C LEU C 140 -15.81 -4.34 -19.26
N THR C 141 -15.85 -3.34 -20.14
CA THR C 141 -16.88 -2.32 -20.10
C THR C 141 -18.25 -2.89 -20.43
N TYR C 142 -18.33 -3.69 -21.50
CA TYR C 142 -19.60 -4.36 -21.85
C TYR C 142 -20.14 -5.14 -20.63
N ALA C 143 -19.26 -5.91 -20.00
CA ALA C 143 -19.61 -6.73 -18.85
C ALA C 143 -20.08 -5.92 -17.69
N ALA C 144 -19.42 -4.78 -17.46
CA ALA C 144 -19.77 -3.96 -16.30
C ALA C 144 -21.06 -3.21 -16.44
N LEU C 145 -21.43 -2.83 -17.67
CA LEU C 145 -22.60 -1.99 -17.97
C LEU C 145 -23.85 -2.76 -18.39
N ASN C 146 -23.69 -3.79 -19.20
CA ASN C 146 -24.81 -4.62 -19.56
C ASN C 146 -24.38 -6.03 -19.96
N PRO C 147 -24.32 -6.92 -18.96
CA PRO C 147 -23.91 -8.30 -19.18
C PRO C 147 -24.85 -9.13 -20.06
N ASN C 148 -25.99 -8.56 -20.41
CA ASN C 148 -26.95 -9.29 -21.24
C ASN C 148 -26.67 -9.17 -22.73
N LEU C 149 -25.84 -8.19 -23.12
CA LEU C 149 -25.41 -8.08 -24.49
C LEU C 149 -24.41 -9.16 -24.83
N LYS C 150 -24.56 -9.78 -25.98
CA LYS C 150 -23.67 -10.80 -26.40
C LYS C 150 -22.58 -10.09 -27.19
N VAL C 151 -21.38 -10.60 -27.04
CA VAL C 151 -20.20 -9.93 -27.58
C VAL C 151 -19.63 -10.72 -28.76
N ILE C 152 -19.41 -10.03 -29.87
CA ILE C 152 -18.73 -10.63 -31.03
C ILE C 152 -17.33 -10.03 -31.17
N SER C 153 -16.30 -10.89 -31.16
CA SER C 153 -14.91 -10.46 -31.29
C SER C 153 -14.30 -11.38 -32.35
N PRO C 154 -14.38 -10.99 -33.61
CA PRO C 154 -13.84 -11.84 -34.67
C PRO C 154 -12.39 -12.24 -34.53
N TRP C 155 -11.54 -11.40 -33.98
CA TRP C 155 -10.13 -11.76 -33.87
C TRP C 155 -9.89 -12.84 -32.80
N LYS C 156 -10.96 -13.28 -32.12
CA LYS C 156 -10.88 -14.43 -31.19
C LYS C 156 -11.82 -15.53 -31.66
N ASP C 157 -12.30 -15.44 -32.89
CA ASP C 157 -13.26 -16.42 -33.43
C ASP C 157 -12.47 -17.37 -34.30
N PRO C 158 -12.47 -18.68 -33.98
CA PRO C 158 -11.67 -19.65 -34.71
C PRO C 158 -11.86 -19.60 -36.22
N GLU C 159 -13.11 -19.47 -36.68
CA GLU C 159 -13.42 -19.41 -38.10
C GLU C 159 -12.77 -18.18 -38.73
N PHE C 160 -13.02 -17.01 -38.15
CA PHE C 160 -12.48 -15.75 -38.68
C PHE C 160 -10.97 -15.83 -38.70
N LEU C 161 -10.42 -16.37 -37.62
CA LEU C 161 -8.98 -16.45 -37.41
C LEU C 161 -8.25 -17.35 -38.44
N ALA C 162 -8.94 -18.38 -38.92
CA ALA C 162 -8.41 -19.25 -39.95
C ALA C 162 -8.45 -18.50 -41.27
N LYS C 163 -9.59 -17.90 -41.59
CA LYS C 163 -9.79 -17.20 -42.87
C LYS C 163 -8.79 -16.03 -43.05
N PHE C 164 -8.42 -15.37 -41.97
CA PHE C 164 -7.62 -14.15 -42.06
C PHE C 164 -6.29 -14.21 -41.30
N LYS C 165 -5.52 -15.26 -41.52
CA LYS C 165 -4.29 -15.51 -40.73
C LYS C 165 -3.38 -14.31 -40.66
N THR C 168 -2.13 -10.56 -46.16
CA THR C 168 -2.87 -10.31 -47.41
C THR C 168 -4.29 -10.91 -47.48
N ASP C 169 -4.71 -11.67 -46.48
CA ASP C 169 -6.04 -12.29 -46.58
C ASP C 169 -7.17 -11.27 -46.46
N LEU C 170 -6.94 -10.22 -45.68
CA LEU C 170 -7.94 -9.17 -45.48
C LEU C 170 -8.12 -8.36 -46.78
N ILE C 171 -7.02 -7.91 -47.37
CA ILE C 171 -7.11 -7.15 -48.65
C ILE C 171 -7.70 -8.00 -49.75
N ASN C 172 -7.30 -9.26 -49.83
CA ASN C 172 -7.90 -10.10 -50.86
C ASN C 172 -9.41 -10.19 -50.69
N TYR C 173 -9.89 -10.38 -49.46
CA TYR C 173 -11.32 -10.42 -49.21
C TYR C 173 -12.05 -9.09 -49.51
N ALA C 174 -11.42 -7.96 -49.16
CA ALA C 174 -12.00 -6.67 -49.50
C ALA C 174 -12.23 -6.58 -51.02
N MET C 175 -11.19 -6.90 -51.78
CA MET C 175 -11.26 -6.88 -53.27
C MET C 175 -12.39 -7.77 -53.75
N GLU C 176 -12.39 -8.99 -53.25
CA GLU C 176 -13.39 -9.97 -53.59
C GLU C 176 -14.81 -9.48 -53.29
N LYS C 177 -15.02 -8.77 -52.18
CA LYS C 177 -16.38 -8.48 -51.72
C LYS C 177 -16.87 -7.05 -51.97
N GLY C 178 -16.04 -6.26 -52.65
CA GLY C 178 -16.49 -4.95 -53.06
C GLY C 178 -16.38 -3.93 -51.93
N ILE C 179 -15.50 -4.20 -50.98
CA ILE C 179 -15.24 -3.27 -49.88
C ILE C 179 -14.24 -2.26 -50.39
N PRO C 180 -14.51 -0.96 -50.25
CA PRO C 180 -13.50 0.02 -50.64
C PRO C 180 -12.21 -0.16 -49.88
N ILE C 181 -11.08 0.05 -50.55
CA ILE C 181 -9.83 0.00 -49.84
C ILE C 181 -9.04 1.25 -50.06
N LYS C 182 -8.15 1.49 -49.11
CA LYS C 182 -7.38 2.72 -49.08
C LYS C 182 -6.66 2.96 -50.40
N VAL C 183 -6.64 4.20 -50.87
CA VAL C 183 -6.10 4.46 -52.22
C VAL C 183 -4.59 4.72 -52.25
N SER C 184 -3.94 4.55 -51.11
CA SER C 184 -2.53 4.83 -50.98
C SER C 184 -1.98 4.07 -49.78
N LYS C 185 -0.66 3.96 -49.74
CA LYS C 185 0.03 3.16 -48.74
C LYS C 185 -0.14 3.67 -47.34
N LYS C 186 -0.43 2.74 -46.43
CA LYS C 186 -0.53 3.09 -45.03
C LYS C 186 0.85 3.28 -44.42
N ARG C 187 0.94 4.16 -43.44
CA ARG C 187 2.17 4.29 -42.65
C ARG C 187 2.53 2.96 -42.01
N PRO C 188 3.83 2.62 -41.95
CA PRO C 188 4.24 1.28 -41.49
C PRO C 188 4.33 1.09 -39.99
N TYR C 189 3.38 1.70 -39.27
CA TYR C 189 3.25 1.53 -37.82
C TYR C 189 1.81 1.29 -37.48
N SER C 190 1.56 0.64 -36.37
CA SER C 190 0.19 0.59 -35.82
C SER C 190 -0.02 1.84 -35.00
N GLU C 191 -1.04 2.65 -35.34
CA GLU C 191 -1.18 3.94 -34.72
C GLU C 191 -2.62 4.12 -34.22
N ASP C 192 -2.80 4.75 -33.06
CA ASP C 192 -4.13 5.06 -32.52
C ASP C 192 -4.08 6.54 -32.26
N GLU C 193 -5.16 7.26 -32.53
CA GLU C 193 -5.14 8.71 -32.35
C GLU C 193 -6.44 9.17 -31.72
N ASN C 194 -6.33 10.09 -30.78
CA ASN C 194 -7.48 10.74 -30.15
C ASN C 194 -7.05 12.11 -29.68
N LEU C 195 -7.95 12.86 -29.05
CA LEU C 195 -7.64 14.19 -28.63
C LEU C 195 -6.51 14.23 -27.60
N MET C 196 -6.22 13.10 -26.94
CA MET C 196 -5.21 13.08 -25.89
C MET C 196 -3.83 12.72 -26.43
N HIS C 197 -3.78 11.77 -27.38
CA HIS C 197 -2.45 11.34 -27.87
C HIS C 197 -2.49 10.72 -29.24
N ILE C 198 -1.31 10.51 -29.83
CA ILE C 198 -1.16 9.54 -30.88
C ILE C 198 -0.13 8.50 -30.40
N SER C 199 -0.44 7.24 -30.61
CA SER C 199 0.52 6.13 -30.27
C SER C 199 1.06 5.56 -31.54
N HIS C 200 2.27 5.03 -31.45
CA HIS C 200 2.92 4.40 -32.62
C HIS C 200 3.60 3.13 -32.07
N GLU C 201 3.28 1.96 -32.64
CA GLU C 201 3.77 0.67 -32.20
C GLU C 201 4.04 -0.19 -33.42
N ALA C 202 4.75 -1.29 -33.20
CA ALA C 202 4.94 -2.31 -34.25
C ALA C 202 5.86 -1.84 -35.35
N GLY C 203 5.89 -2.57 -36.46
CA GLY C 203 6.88 -2.28 -37.45
C GLY C 203 8.27 -2.27 -36.83
N LYS C 204 9.09 -1.34 -37.27
CA LYS C 204 10.48 -1.22 -36.80
C LYS C 204 10.55 -0.91 -35.31
N LEU C 205 9.47 -0.34 -34.76
CA LEU C 205 9.47 0.01 -33.32
C LEU C 205 9.45 -1.22 -32.43
N GLU C 206 9.12 -2.38 -32.97
CA GLU C 206 8.98 -3.55 -32.18
C GLU C 206 10.31 -3.90 -31.46
N ASP C 207 11.44 -3.58 -32.12
CA ASP C 207 12.78 -3.80 -31.55
C ASP C 207 13.12 -2.64 -30.63
N PRO C 208 13.14 -2.82 -29.30
CA PRO C 208 13.39 -1.71 -28.42
C PRO C 208 14.77 -1.06 -28.55
N ALA C 209 15.70 -1.69 -29.28
CA ALA C 209 16.98 -1.05 -29.56
C ALA C 209 16.99 -0.19 -30.81
N HIS C 210 15.89 -0.19 -31.54
CA HIS C 210 15.74 0.64 -32.73
C HIS C 210 15.33 2.04 -32.30
N ILE C 211 16.14 3.03 -32.68
CA ILE C 211 15.83 4.42 -32.39
C ILE C 211 14.76 4.89 -33.36
N PRO C 212 13.66 5.47 -32.88
CA PRO C 212 12.62 5.96 -33.80
C PRO C 212 13.13 7.08 -34.67
N ASP C 213 12.87 7.00 -35.96
CA ASP C 213 13.18 8.15 -36.77
C ASP C 213 12.14 9.23 -36.64
N GLU C 214 12.49 10.41 -37.12
CA GLU C 214 11.59 11.55 -36.96
C GLU C 214 10.23 11.37 -37.62
N ASP C 215 10.16 10.58 -38.70
CA ASP C 215 8.88 10.33 -39.38
C ASP C 215 7.89 9.44 -38.60
N VAL C 216 8.35 8.85 -37.50
CA VAL C 216 7.42 8.13 -36.63
C VAL C 216 6.43 9.12 -36.02
N PHE C 217 6.89 10.33 -35.70
CA PHE C 217 6.11 11.33 -35.03
C PHE C 217 5.27 12.05 -36.05
N THR C 218 4.01 12.26 -35.67
CA THR C 218 3.03 12.93 -36.53
C THR C 218 2.27 14.09 -35.93
N TRP C 219 2.49 14.43 -34.66
CA TRP C 219 1.72 15.51 -34.06
C TRP C 219 2.66 16.59 -33.56
N THR C 220 3.54 16.20 -32.66
CA THR C 220 4.50 17.12 -32.09
C THR C 220 5.62 17.35 -33.07
N VAL C 221 6.14 18.58 -33.03
CA VAL C 221 7.43 18.82 -33.62
C VAL C 221 8.49 18.30 -32.66
N SER C 222 9.69 18.07 -33.14
CA SER C 222 10.74 17.66 -32.21
C SER C 222 11.20 18.88 -31.38
N PRO C 223 11.70 18.65 -30.17
CA PRO C 223 12.35 19.75 -29.43
C PRO C 223 13.38 20.48 -30.26
N LYS C 224 14.11 19.75 -31.10
CA LYS C 224 15.12 20.35 -31.99
C LYS C 224 14.54 21.34 -32.98
N ASP C 225 13.38 21.00 -33.55
CA ASP C 225 12.67 21.84 -34.50
C ASP C 225 11.77 22.89 -33.89
N ALA C 226 11.48 22.77 -32.60
CA ALA C 226 10.60 23.70 -31.93
C ALA C 226 11.25 25.10 -31.86
N PRO C 227 10.45 26.15 -31.78
CA PRO C 227 11.01 27.52 -31.79
C PRO C 227 11.93 27.84 -30.63
N ASP C 228 13.00 28.58 -30.90
CA ASP C 228 13.91 28.96 -29.87
C ASP C 228 13.39 30.19 -29.16
N GLU C 229 12.27 30.03 -28.45
CA GLU C 229 11.62 31.10 -27.74
C GLU C 229 10.72 30.44 -26.71
N GLU C 230 10.68 30.98 -25.50
CA GLU C 230 9.82 30.40 -24.47
C GLU C 230 8.42 30.97 -24.57
N THR C 231 7.44 30.14 -24.17
CA THR C 231 6.06 30.53 -24.00
C THR C 231 5.69 30.30 -22.55
N LEU C 232 5.11 31.28 -21.93
CA LEU C 232 4.59 31.19 -20.56
C LEU C 232 3.07 31.10 -20.58
N LEU C 233 2.55 30.07 -19.91
CA LEU C 233 1.14 29.87 -19.74
C LEU C 233 0.78 29.94 -18.26
N GLU C 234 -0.40 30.45 -17.97
CA GLU C 234 -1.01 30.35 -16.63
C GLU C 234 -2.20 29.35 -16.76
N ILE C 235 -2.19 28.31 -15.93
CA ILE C 235 -3.22 27.33 -15.96
C ILE C 235 -3.89 27.40 -14.61
N HIS C 236 -5.19 27.66 -14.66
CA HIS C 236 -6.06 27.78 -13.48
C HIS C 236 -6.87 26.51 -13.25
N PHE C 237 -6.96 26.11 -11.97
CA PHE C 237 -7.72 24.95 -11.54
C PHE C 237 -8.73 25.30 -10.43
N GLU C 238 -9.79 24.51 -10.38
CA GLU C 238 -10.77 24.54 -9.31
C GLU C 238 -11.09 23.11 -8.93
N ASN C 239 -10.77 22.77 -7.67
CA ASN C 239 -10.91 21.40 -7.14
C ASN C 239 -10.31 20.37 -8.06
N GLY C 240 -9.13 20.71 -8.55
CA GLY C 240 -8.36 19.84 -9.42
C GLY C 240 -8.76 19.79 -10.88
N ILE C 241 -9.74 20.57 -11.27
CA ILE C 241 -10.22 20.56 -12.64
C ILE C 241 -9.72 21.84 -13.33
N PRO C 242 -9.10 21.76 -14.51
CA PRO C 242 -8.65 22.94 -15.19
C PRO C 242 -9.86 23.78 -15.66
N VAL C 243 -9.79 25.07 -15.36
CA VAL C 243 -10.88 26.02 -15.70
C VAL C 243 -10.44 27.21 -16.57
N LYS C 244 -9.14 27.45 -16.75
CA LYS C 244 -8.70 28.57 -17.58
C LYS C 244 -7.24 28.32 -17.98
N VAL C 245 -6.92 28.65 -19.23
CA VAL C 245 -5.52 28.74 -19.72
C VAL C 245 -5.35 30.15 -20.28
N VAL C 246 -4.29 30.84 -19.86
CA VAL C 246 -3.93 32.19 -20.37
C VAL C 246 -2.50 32.15 -20.93
N ASN C 247 -2.29 32.59 -22.16
CA ASN C 247 -0.98 32.72 -22.73
C ASN C 247 -0.48 34.11 -22.33
N LEU C 248 0.55 34.16 -21.50
CA LEU C 248 1.06 35.44 -20.96
C LEU C 248 1.86 36.22 -22.01
N LYS C 249 2.22 35.60 -23.12
CA LYS C 249 3.00 36.25 -24.22
C LYS C 249 1.99 36.95 -25.11
N ASP C 250 1.02 36.19 -25.65
CA ASP C 250 0.11 36.73 -26.69
C ASP C 250 -1.31 37.05 -26.27
N GLY C 251 -1.63 36.82 -25.01
CA GLY C 251 -2.91 37.21 -24.47
C GLY C 251 -4.05 36.22 -24.63
N THR C 252 -3.86 35.14 -25.40
CA THR C 252 -4.89 34.14 -25.59
C THR C 252 -5.44 33.68 -24.24
N GLU C 253 -6.78 33.54 -24.16
CA GLU C 253 -7.45 33.05 -22.97
C GLU C 253 -8.48 32.04 -23.40
N LYS C 254 -8.50 30.90 -22.75
CA LYS C 254 -9.46 29.82 -23.02
C LYS C 254 -10.09 29.38 -21.70
N THR C 255 -11.43 29.39 -21.65
CA THR C 255 -12.19 28.89 -20.46
C THR C 255 -13.07 27.65 -20.70
N ASP C 256 -13.45 27.39 -21.93
CA ASP C 256 -14.25 26.22 -22.19
C ASP C 256 -13.33 24.96 -22.04
N PRO C 257 -13.73 23.90 -21.33
CA PRO C 257 -12.82 22.78 -21.12
C PRO C 257 -12.32 22.13 -22.40
N LEU C 258 -13.17 21.97 -23.40
CA LEU C 258 -12.70 21.39 -24.64
C LEU C 258 -11.72 22.32 -25.36
N GLU C 259 -12.06 23.61 -25.43
CA GLU C 259 -11.17 24.53 -26.14
C GLU C 259 -9.84 24.70 -25.41
N LEU C 260 -9.90 24.72 -24.08
CA LEU C 260 -8.65 24.86 -23.32
C LEU C 260 -7.75 23.66 -23.49
N PHE C 261 -8.35 22.47 -23.56
CA PHE C 261 -7.52 21.29 -23.69
C PHE C 261 -6.90 21.26 -25.10
N GLU C 262 -7.70 21.57 -26.13
CA GLU C 262 -7.20 21.68 -27.49
C GLU C 262 -6.09 22.71 -27.63
N TYR C 263 -6.20 23.81 -26.91
CA TYR C 263 -5.19 24.84 -26.92
C TYR C 263 -3.88 24.35 -26.31
N LEU C 264 -3.97 23.68 -25.17
CA LEU C 264 -2.78 23.02 -24.61
C LEU C 264 -2.15 22.05 -25.62
N ASN C 265 -2.97 21.30 -26.38
CA ASN C 265 -2.41 20.37 -27.41
C ASN C 265 -1.65 21.16 -28.42
N GLU C 266 -2.23 22.28 -28.86
CA GLU C 266 -1.57 23.15 -29.86
C GLU C 266 -0.24 23.70 -29.37
N VAL C 267 -0.25 24.29 -28.17
CA VAL C 267 0.97 24.89 -27.62
C VAL C 267 2.02 23.78 -27.44
N GLY C 268 1.60 22.65 -26.89
CA GLY C 268 2.53 21.59 -26.67
C GLY C 268 3.18 21.09 -27.93
N ALA C 269 2.36 20.83 -28.93
CA ALA C 269 2.85 20.24 -30.15
C ALA C 269 3.80 21.14 -30.87
N LYS C 270 3.46 22.42 -30.90
CA LYS C 270 4.33 23.43 -31.51
C LYS C 270 5.70 23.53 -30.85
N ASN C 271 5.73 23.27 -29.53
CA ASN C 271 6.91 23.43 -28.70
C ASN C 271 7.61 22.12 -28.34
N GLY C 272 7.26 21.01 -29.03
CA GLY C 272 8.02 19.77 -28.90
C GLY C 272 7.75 19.01 -27.60
N VAL C 273 6.61 19.30 -26.98
CA VAL C 273 6.25 18.71 -25.68
C VAL C 273 5.47 17.39 -25.87
N GLY C 274 5.82 16.39 -25.05
CA GLY C 274 5.00 15.22 -24.93
C GLY C 274 5.38 13.95 -25.58
N ARG C 275 6.64 13.81 -25.99
CA ARG C 275 7.10 12.58 -26.59
C ARG C 275 7.52 11.60 -25.49
N LEU C 276 7.17 10.33 -25.69
CA LEU C 276 7.56 9.24 -24.76
C LEU C 276 7.89 8.00 -25.59
N ASP C 277 9.00 7.35 -25.24
CA ASP C 277 9.42 6.09 -25.85
C ASP C 277 9.70 5.14 -24.68
N MET C 278 8.93 4.07 -24.58
CA MET C 278 9.08 3.14 -23.45
C MET C 278 8.65 1.76 -23.82
N VAL C 279 9.01 0.83 -22.95
CA VAL C 279 8.51 -0.54 -22.99
C VAL C 279 7.61 -0.69 -21.80
N GLU C 280 6.38 -1.09 -22.09
CA GLU C 280 5.35 -1.24 -21.07
C GLU C 280 4.98 -2.71 -20.94
N ASN C 281 4.48 -3.06 -19.77
CA ASN C 281 3.92 -4.41 -19.55
C ASN C 281 2.47 -4.40 -19.90
N ARG C 282 2.09 -5.28 -20.83
CA ARG C 282 0.70 -5.35 -21.23
C ARG C 282 -0.11 -6.16 -20.20
N PHE C 283 -1.42 -6.05 -20.29
CA PHE C 283 -2.27 -6.88 -19.41
C PHE C 283 -2.37 -8.29 -20.05
N ILE C 284 -2.53 -8.33 -21.37
CA ILE C 284 -2.57 -9.57 -22.18
C ILE C 284 -1.35 -9.50 -23.05
N GLY C 285 -0.43 -10.42 -22.81
CA GLY C 285 0.93 -10.35 -23.32
C GLY C 285 1.92 -9.96 -22.24
N ILE C 286 3.18 -9.75 -22.63
CA ILE C 286 4.20 -9.54 -21.66
C ILE C 286 4.60 -8.10 -21.78
N LYS C 287 5.36 -7.76 -22.84
CA LYS C 287 5.98 -6.41 -22.97
C LYS C 287 5.84 -5.90 -24.38
N SER C 288 5.74 -4.59 -24.53
CA SER C 288 5.56 -3.97 -25.85
C SER C 288 6.20 -2.61 -25.85
N ARG C 289 6.92 -2.27 -26.93
CA ARG C 289 7.55 -0.97 -27.07
C ARG C 289 6.60 -0.04 -27.82
N GLY C 290 6.39 1.13 -27.23
CA GLY C 290 5.50 2.16 -27.79
C GLY C 290 6.14 3.53 -27.79
N VAL C 291 5.75 4.35 -28.78
CA VAL C 291 6.12 5.72 -28.85
C VAL C 291 4.82 6.54 -28.83
N TYR C 292 4.75 7.48 -27.87
CA TYR C 292 3.54 8.23 -27.62
C TYR C 292 3.76 9.71 -27.68
N GLU C 293 2.77 10.42 -28.22
CA GLU C 293 2.79 11.85 -28.29
C GLU C 293 1.57 12.47 -27.61
N THR C 294 1.81 13.09 -26.47
CA THR C 294 0.77 13.55 -25.58
C THR C 294 0.93 15.03 -25.21
N PRO C 295 0.82 15.94 -26.17
CA PRO C 295 1.26 17.35 -25.94
C PRO C 295 0.51 18.10 -24.81
N GLY C 296 -0.80 18.08 -24.87
CA GLY C 296 -1.58 18.87 -23.95
C GLY C 296 -1.62 18.28 -22.56
N ALA C 297 -1.85 16.98 -22.48
CA ALA C 297 -1.98 16.33 -21.15
C ALA C 297 -0.64 16.34 -20.41
N THR C 298 0.46 16.26 -21.13
CA THR C 298 1.74 16.38 -20.51
C THR C 298 1.83 17.70 -19.71
N ILE C 299 1.44 18.79 -20.38
CA ILE C 299 1.42 20.10 -19.73
C ILE C 299 0.49 20.14 -18.51
N LEU C 300 -0.73 19.64 -18.67
CA LEU C 300 -1.71 19.66 -17.60
C LEU C 300 -1.32 18.85 -16.39
N TRP C 301 -0.78 17.65 -16.63
CA TRP C 301 -0.36 16.79 -15.51
C TRP C 301 0.75 17.46 -14.70
N ILE C 302 1.70 18.12 -15.39
CA ILE C 302 2.80 18.77 -14.70
C ILE C 302 2.31 19.97 -13.87
N ALA C 303 1.44 20.76 -14.47
CA ALA C 303 0.86 21.90 -13.79
C ALA C 303 0.04 21.49 -12.60
N HIS C 304 -0.74 20.43 -12.76
CA HIS C 304 -1.61 19.92 -11.72
C HIS C 304 -0.83 19.51 -10.50
N ARG C 305 0.20 18.69 -10.70
CA ARG C 305 1.11 18.26 -9.60
C ARG C 305 1.74 19.44 -8.87
N ASP C 306 2.14 20.46 -9.63
CA ASP C 306 2.71 21.66 -9.03
C ASP C 306 1.73 22.37 -8.11
N LEU C 307 0.46 22.54 -8.51
CA LEU C 307 -0.52 23.16 -7.62
C LEU C 307 -0.76 22.31 -6.39
N GLU C 308 -0.72 20.99 -6.54
CA GLU C 308 -0.94 20.12 -5.39
C GLU C 308 0.12 20.35 -4.34
N GLY C 309 1.31 20.74 -4.76
CA GLY C 309 2.39 21.01 -3.84
C GLY C 309 2.08 22.08 -2.83
N ILE C 310 1.37 23.10 -3.24
CA ILE C 310 0.98 24.18 -2.36
C ILE C 310 -0.39 24.02 -1.69
N THR C 311 -1.24 23.10 -2.16
CA THR C 311 -2.61 23.00 -1.66
C THR C 311 -2.87 21.73 -0.86
N MET C 312 -2.27 20.59 -1.20
CA MET C 312 -2.77 19.31 -0.65
C MET C 312 -2.04 19.07 0.68
N ASP C 313 -2.79 18.49 1.62
CA ASP C 313 -2.19 18.02 2.86
C ASP C 313 -1.18 16.91 2.58
N LYS C 314 -0.07 16.93 3.31
CA LYS C 314 1.04 16.02 3.16
C LYS C 314 0.68 14.53 3.24
N GLU C 315 -0.13 14.18 4.27
CA GLU C 315 -0.50 12.80 4.48
C GLU C 315 -1.51 12.28 3.46
N VAL C 316 -2.40 13.18 3.00
CA VAL C 316 -3.29 12.87 1.91
C VAL C 316 -2.48 12.61 0.61
N MET C 317 -1.52 13.47 0.35
CA MET C 317 -0.68 13.29 -0.86
C MET C 317 0.07 11.96 -0.80
N HIS C 318 0.61 11.64 0.35
CA HIS C 318 1.38 10.44 0.52
C HIS C 318 0.50 9.22 0.25
N LEU C 319 -0.70 9.18 0.81
CA LEU C 319 -1.60 8.04 0.58
C LEU C 319 -2.06 7.98 -0.88
N ARG C 320 -2.42 9.13 -1.44
CA ARG C 320 -2.80 9.18 -2.83
C ARG C 320 -1.68 8.67 -3.73
N ASP C 321 -0.46 9.13 -3.45
CA ASP C 321 0.67 8.68 -4.25
C ASP C 321 0.95 7.17 -4.13
N MET C 322 0.74 6.62 -2.95
CA MET C 322 0.83 5.19 -2.77
C MET C 322 -0.14 4.40 -3.60
N LEU C 323 -1.33 4.95 -3.78
CA LEU C 323 -2.39 4.29 -4.51
C LEU C 323 -2.43 4.64 -6.02
N ALA C 324 -1.62 5.63 -6.39
CA ALA C 324 -1.63 6.11 -7.77
C ALA C 324 -1.23 5.01 -8.77
N PRO C 325 -0.27 4.16 -8.47
CA PRO C 325 0.03 3.06 -9.39
C PRO C 325 -1.17 2.14 -9.65
N LYS C 326 -1.89 1.79 -8.59
CA LYS C 326 -3.14 1.03 -8.69
C LYS C 326 -4.19 1.72 -9.54
N PHE C 327 -4.38 3.01 -9.28
CA PHE C 327 -5.33 3.79 -10.09
C PHE C 327 -4.98 3.69 -11.59
N ALA C 328 -3.69 3.88 -11.94
CA ALA C 328 -3.23 3.80 -13.32
C ALA C 328 -3.41 2.42 -13.87
N GLU C 329 -3.13 1.41 -13.05
CA GLU C 329 -3.31 -0.02 -13.46
C GLU C 329 -4.73 -0.31 -13.84
N LEU C 330 -5.67 0.15 -13.02
CA LEU C 330 -7.09 -0.05 -13.27
C LEU C 330 -7.49 0.57 -14.62
N ILE C 331 -7.01 1.80 -14.87
CA ILE C 331 -7.26 2.42 -16.16
C ILE C 331 -6.65 1.60 -17.30
N TYR C 332 -5.36 1.27 -17.18
CA TYR C 332 -4.68 0.54 -18.27
C TYR C 332 -5.36 -0.78 -18.58
N ASN C 333 -5.78 -1.47 -17.54
CA ASN C 333 -6.29 -2.86 -17.70
C ASN C 333 -7.73 -2.95 -18.18
N GLY C 334 -8.44 -1.82 -18.12
CA GLY C 334 -9.82 -1.78 -18.52
C GLY C 334 -10.92 -1.80 -17.47
N PHE C 335 -10.55 -1.54 -16.23
CA PHE C 335 -11.46 -1.59 -15.07
C PHE C 335 -11.95 -0.19 -14.73
N TRP C 336 -12.14 0.62 -15.75
CA TRP C 336 -12.77 1.93 -15.53
C TRP C 336 -14.09 1.91 -14.78
N PHE C 337 -14.97 0.97 -15.14
CA PHE C 337 -16.30 0.88 -14.58
C PHE C 337 -16.34 -0.27 -13.58
N SER C 338 -15.45 -0.26 -12.62
CA SER C 338 -15.33 -1.36 -11.66
C SER C 338 -15.54 -0.83 -10.24
N PRO C 339 -15.97 -1.70 -9.32
CA PRO C 339 -16.14 -1.30 -7.94
C PRO C 339 -14.87 -0.74 -7.31
N GLU C 340 -13.73 -1.32 -7.65
CA GLU C 340 -12.50 -0.90 -7.07
C GLU C 340 -12.14 0.52 -7.57
N MET C 341 -12.43 0.82 -8.85
CA MET C 341 -12.21 2.18 -9.35
C MET C 341 -13.10 3.18 -8.61
N GLU C 342 -14.35 2.85 -8.35
CA GLU C 342 -15.25 3.71 -7.64
C GLU C 342 -14.72 3.98 -6.21
N PHE C 343 -14.19 2.92 -5.58
CA PHE C 343 -13.54 3.04 -4.24
C PHE C 343 -12.42 4.08 -4.25
N LEU C 344 -11.53 3.94 -5.21
CA LEU C 344 -10.37 4.87 -5.30
C LEU C 344 -10.86 6.25 -5.67
N LEU C 345 -11.82 6.35 -6.60
CA LEU C 345 -12.26 7.71 -7.01
C LEU C 345 -12.92 8.50 -5.87
N ALA C 346 -13.62 7.81 -4.99
CA ALA C 346 -14.21 8.46 -3.85
C ALA C 346 -13.13 9.21 -3.04
N ALA C 347 -12.04 8.49 -2.76
CA ALA C 347 -10.93 9.11 -2.03
C ALA C 347 -10.18 10.15 -2.89
N PHE C 348 -9.92 9.83 -4.17
CA PHE C 348 -9.08 10.70 -4.98
C PHE C 348 -9.78 12.04 -5.24
N ARG C 349 -11.09 11.98 -5.38
CA ARG C 349 -11.90 13.20 -5.50
C ARG C 349 -11.88 14.01 -4.25
N LYS C 350 -11.97 13.36 -3.10
CA LYS C 350 -11.83 14.05 -1.85
C LYS C 350 -10.48 14.77 -1.71
N ALA C 351 -9.40 14.14 -2.15
CA ALA C 351 -8.07 14.75 -2.13
C ALA C 351 -7.98 16.00 -2.99
N GLN C 352 -8.82 16.10 -4.03
CA GLN C 352 -8.78 17.27 -4.93
C GLN C 352 -9.59 18.48 -4.45
N GLU C 353 -10.38 18.33 -3.38
CA GLU C 353 -11.04 19.45 -2.80
C GLU C 353 -10.05 20.55 -2.41
N ASN C 354 -10.32 21.74 -2.91
CA ASN C 354 -9.45 22.91 -2.75
C ASN C 354 -8.10 22.87 -3.41
N VAL C 355 -7.90 21.95 -4.36
CA VAL C 355 -6.75 22.03 -5.28
C VAL C 355 -7.20 23.10 -6.29
N THR C 356 -7.07 24.33 -5.83
CA THR C 356 -7.64 25.50 -6.53
C THR C 356 -6.64 26.63 -6.56
N GLY C 357 -6.41 27.21 -7.73
CA GLY C 357 -5.39 28.22 -7.89
C GLY C 357 -4.85 28.19 -9.28
N LYS C 358 -3.64 28.71 -9.43
CA LYS C 358 -3.10 28.91 -10.76
C LYS C 358 -1.61 28.62 -10.74
N VAL C 359 -1.15 28.03 -11.82
CA VAL C 359 0.28 27.70 -12.01
C VAL C 359 0.79 28.36 -13.25
N THR C 360 1.99 28.94 -13.20
CA THR C 360 2.64 29.48 -14.40
C THR C 360 3.69 28.52 -14.85
N VAL C 361 3.60 28.06 -16.09
CA VAL C 361 4.54 27.12 -16.66
C VAL C 361 5.27 27.77 -17.82
N SER C 362 6.56 27.53 -17.84
CA SER C 362 7.42 27.93 -18.95
C SER C 362 7.54 26.74 -19.89
N ILE C 363 7.27 27.00 -21.17
CA ILE C 363 7.27 25.97 -22.18
C ILE C 363 8.30 26.33 -23.24
N TYR C 364 9.23 25.42 -23.51
CA TYR C 364 10.40 25.71 -24.33
C TYR C 364 11.02 24.40 -24.78
N LYS C 365 11.01 24.16 -26.10
CA LYS C 365 11.69 23.00 -26.66
C LYS C 365 11.61 21.75 -25.81
N GLY C 366 10.38 21.27 -25.59
CA GLY C 366 10.13 20.00 -24.93
C GLY C 366 9.99 20.09 -23.43
N ASN C 367 10.42 21.18 -22.83
CA ASN C 367 10.38 21.36 -21.38
C ASN C 367 9.10 22.05 -20.95
N VAL C 368 8.51 21.53 -19.87
CA VAL C 368 7.35 22.15 -19.24
C VAL C 368 7.77 22.37 -17.78
N MET C 369 8.08 23.62 -17.45
CA MET C 369 8.64 23.95 -16.15
C MET C 369 7.78 24.91 -15.31
N PRO C 370 7.18 24.43 -14.22
CA PRO C 370 6.50 25.30 -13.34
C PRO C 370 7.49 26.32 -12.78
N VAL C 371 7.10 27.57 -12.84
CA VAL C 371 7.91 28.70 -12.32
C VAL C 371 7.29 29.49 -11.21
N ALA C 372 5.97 29.38 -11.03
CA ALA C 372 5.26 30.14 -10.00
C ALA C 372 3.90 29.48 -9.82
N ARG C 373 3.36 29.61 -8.62
CA ARG C 373 2.01 29.11 -8.38
C ARG C 373 1.40 29.89 -7.22
N TYR C 374 0.08 29.89 -7.16
CA TYR C 374 -0.71 30.66 -6.20
C TYR C 374 -2.01 29.92 -5.90
N SER C 375 -2.41 29.87 -4.63
CA SER C 375 -3.71 29.34 -4.25
C SER C 375 -4.31 30.20 -3.12
N PRO C 376 -5.60 30.51 -3.20
CA PRO C 376 -6.31 31.12 -2.06
C PRO C 376 -6.40 30.21 -0.87
N TYR C 377 -6.18 28.92 -1.08
CA TYR C 377 -6.31 27.94 -0.01
C TYR C 377 -4.92 27.42 0.41
N SER C 378 -4.02 28.35 0.70
CA SER C 378 -2.69 27.98 1.20
C SER C 378 -2.27 28.99 2.25
N LEU C 379 -1.27 28.60 3.03
CA LEU C 379 -0.65 29.48 4.03
C LEU C 379 -0.03 30.73 3.41
N TYR C 380 0.28 30.66 2.12
CA TYR C 380 0.85 31.79 1.44
C TYR C 380 -0.18 32.80 0.94
N ASN C 381 -1.45 32.58 1.27
CA ASN C 381 -2.50 33.58 1.01
C ASN C 381 -2.30 34.78 1.96
N PRO C 382 -1.72 35.87 1.44
CA PRO C 382 -1.36 37.03 2.25
C PRO C 382 -2.53 37.98 2.50
N GLY C 391 5.86 27.76 11.17
CA GLY C 391 4.59 28.33 11.63
C GLY C 391 4.65 28.76 13.09
N GLY C 392 3.75 28.19 13.88
CA GLY C 392 3.75 28.36 15.32
C GLY C 392 4.44 27.18 15.95
N PHE C 393 5.77 27.16 15.84
CA PHE C 393 6.58 26.26 16.63
C PHE C 393 7.94 26.88 16.85
N ASP C 394 8.72 26.27 17.75
CA ASP C 394 10.07 26.75 18.01
C ASP C 394 11.04 25.60 18.18
N ALA C 395 12.29 25.96 18.40
CA ALA C 395 13.36 25.01 18.54
C ALA C 395 13.09 24.01 19.67
N THR C 396 12.42 24.45 20.73
CA THR C 396 12.01 23.54 21.80
C THR C 396 11.06 22.46 21.29
N ASP C 397 10.13 22.84 20.43
CA ASP C 397 9.21 21.82 19.90
C ASP C 397 9.97 20.81 19.04
N SER C 398 10.90 21.31 18.21
CA SER C 398 11.72 20.42 17.40
C SER C 398 12.47 19.40 18.24
N LYS C 399 12.99 19.83 19.37
CA LYS C 399 13.77 18.97 20.25
C LYS C 399 12.91 17.81 20.72
N GLY C 400 11.69 18.13 21.14
CA GLY C 400 10.77 17.06 21.56
C GLY C 400 10.36 16.10 20.49
N PHE C 401 10.02 16.65 19.34
CA PHE C 401 9.57 15.88 18.18
C PHE C 401 10.66 14.91 17.76
N ILE C 402 11.91 15.39 17.67
CA ILE C 402 13.04 14.52 17.39
C ILE C 402 13.25 13.46 18.46
N ASN C 403 13.21 13.85 19.73
CA ASN C 403 13.51 12.91 20.78
C ASN C 403 12.53 11.77 20.81
N ILE C 404 11.25 12.05 20.56
CA ILE C 404 10.25 10.99 20.60
C ILE C 404 10.49 10.07 19.38
N HIS C 405 10.74 10.63 18.21
CA HIS C 405 10.97 9.78 17.06
C HIS C 405 12.24 8.95 17.24
N ALA C 406 13.24 9.52 17.89
CA ALA C 406 14.54 8.88 18.04
C ALA C 406 14.47 7.67 18.99
N LEU C 407 13.54 7.72 19.95
CA LEU C 407 13.42 6.66 21.01
C LEU C 407 13.38 5.27 20.43
N ARG C 408 12.49 5.12 19.46
CA ARG C 408 12.30 3.88 18.78
C ARG C 408 13.57 3.36 18.12
N LEU C 409 14.35 4.27 17.55
CA LEU C 409 15.59 3.87 16.88
C LEU C 409 16.65 3.45 17.87
N LYS C 410 16.64 4.06 19.03
CA LYS C 410 17.64 3.70 20.07
C LYS C 410 17.36 2.29 20.54
N VAL C 411 16.10 1.97 20.74
CA VAL C 411 15.71 0.69 21.28
C VAL C 411 16.15 -0.38 20.35
N HIS C 412 15.90 -0.16 19.07
CA HIS C 412 16.27 -1.13 18.08
C HIS C 412 17.75 -1.43 18.17
N GLN C 413 18.53 -0.39 18.42
CA GLN C 413 19.98 -0.54 18.46
C GLN C 413 20.44 -1.24 19.74
N LEU C 414 19.91 -0.83 20.90
CA LEU C 414 20.25 -1.39 22.21
C LEU C 414 19.92 -2.89 22.34
N VAL C 415 18.97 -3.36 21.54
CA VAL C 415 18.74 -4.80 21.28
C VAL C 415 19.64 -5.35 20.13
N LYS C 416 19.18 -5.27 18.88
CA LYS C 416 19.87 -5.89 17.73
C LYS C 416 21.08 -5.12 17.18
N LYS D 14 38.85 17.06 29.42
CA LYS D 14 38.98 15.57 29.32
C LYS D 14 37.96 14.97 28.34
N GLU D 15 36.66 15.27 28.54
CA GLU D 15 35.59 14.74 27.70
C GLU D 15 35.70 15.19 26.22
N LYS D 16 35.66 14.23 25.30
CA LYS D 16 35.83 14.52 23.87
C LYS D 16 34.47 14.62 23.18
N VAL D 17 34.35 15.59 22.28
CA VAL D 17 33.21 15.78 21.39
C VAL D 17 33.71 15.77 19.93
N VAL D 18 33.02 15.05 19.05
CA VAL D 18 33.28 15.15 17.65
C VAL D 18 32.22 16.08 17.06
N LEU D 19 32.67 17.23 16.60
CA LEU D 19 31.82 18.24 15.99
C LEU D 19 31.85 18.17 14.46
N ALA D 20 30.65 18.10 13.83
CA ALA D 20 30.53 18.23 12.38
C ALA D 20 30.77 19.70 11.98
N TYR D 21 31.92 19.92 11.36
CA TYR D 21 32.48 21.25 11.22
C TYR D 21 32.52 21.59 9.77
N SER D 22 31.85 22.68 9.42
CA SER D 22 31.75 23.13 8.06
C SER D 22 32.77 24.22 7.71
N GLY D 23 33.30 24.90 8.72
CA GLY D 23 34.12 26.09 8.54
C GLY D 23 33.33 27.41 8.48
N GLY D 24 32.00 27.34 8.40
CA GLY D 24 31.18 28.55 8.40
C GLY D 24 31.15 29.19 9.78
N LEU D 25 30.41 30.27 9.91
CA LEU D 25 30.37 31.04 11.16
C LEU D 25 29.77 30.22 12.32
N ASP D 26 28.60 29.63 12.08
CA ASP D 26 27.90 28.84 13.10
C ASP D 26 28.82 27.81 13.71
N THR D 27 29.42 26.96 12.88
CA THR D 27 30.21 25.86 13.47
C THR D 27 31.54 26.32 14.00
N SER D 28 32.07 27.44 13.51
CA SER D 28 33.33 27.97 14.08
C SER D 28 33.07 28.52 15.49
N VAL D 29 31.95 29.25 15.63
CA VAL D 29 31.48 29.67 16.95
C VAL D 29 31.28 28.50 17.91
N ILE D 30 30.60 27.45 17.42
CA ILE D 30 30.29 26.34 18.26
C ILE D 30 31.59 25.65 18.70
N LEU D 31 32.52 25.52 17.77
CA LEU D 31 33.83 24.93 18.12
C LEU D 31 34.42 25.68 19.33
N LYS D 32 34.44 27.00 19.24
CA LYS D 32 35.08 27.80 20.30
C LYS D 32 34.32 27.62 21.60
N TRP D 33 33.01 27.73 21.50
CA TRP D 33 32.10 27.63 22.64
C TRP D 33 32.31 26.32 23.40
N LEU D 34 32.38 25.22 22.69
CA LEU D 34 32.60 23.91 23.33
C LEU D 34 33.99 23.86 24.00
N CYS D 35 34.99 24.41 23.31
CA CYS D 35 36.35 24.52 23.86
C CYS D 35 36.33 25.33 25.17
N GLU D 36 35.61 26.45 25.17
CA GLU D 36 35.43 27.29 26.39
C GLU D 36 34.72 26.54 27.53
N LYS D 37 33.87 25.59 27.19
CA LYS D 37 33.22 24.74 28.20
C LYS D 37 34.15 23.60 28.66
N GLY D 38 35.34 23.53 28.08
CA GLY D 38 36.35 22.58 28.51
C GLY D 38 36.32 21.24 27.79
N PHE D 39 35.58 21.16 26.67
CA PHE D 39 35.60 19.96 25.87
C PHE D 39 36.83 19.96 25.02
N ASP D 40 37.40 18.78 24.84
CA ASP D 40 38.37 18.54 23.79
C ASP D 40 37.56 18.27 22.50
N VAL D 41 37.61 19.20 21.56
CA VAL D 41 36.85 19.09 20.33
C VAL D 41 37.68 18.54 19.15
N ILE D 42 37.22 17.40 18.63
CA ILE D 42 37.70 16.90 17.37
C ILE D 42 36.81 17.50 16.27
N ALA D 43 37.40 18.21 15.31
CA ALA D 43 36.63 18.79 14.18
C ALA D 43 36.61 17.83 13.00
N TYR D 44 35.39 17.53 12.53
CA TYR D 44 35.17 16.60 11.45
C TYR D 44 34.60 17.36 10.23
N VAL D 45 35.35 17.29 9.15
CA VAL D 45 35.08 18.06 7.95
C VAL D 45 34.73 17.09 6.82
N ALA D 46 33.47 17.06 6.42
CA ALA D 46 33.09 16.10 5.39
C ALA D 46 33.04 16.70 4.01
N ASN D 47 33.82 16.10 3.12
CA ASN D 47 33.85 16.48 1.73
C ASN D 47 32.90 15.56 0.98
N VAL D 48 31.71 16.09 0.66
CA VAL D 48 30.72 15.36 -0.15
C VAL D 48 30.55 16.00 -1.53
N GLY D 49 31.58 16.73 -1.98
CA GLY D 49 31.52 17.34 -3.31
C GLY D 49 31.25 18.84 -3.35
N GLN D 50 31.17 19.46 -2.20
CA GLN D 50 30.97 20.91 -2.16
C GLN D 50 32.27 21.58 -2.63
N LYS D 51 32.16 22.85 -3.03
CA LYS D 51 33.33 23.61 -3.54
C LYS D 51 34.07 24.36 -2.46
N ASP D 52 34.62 23.67 -1.48
CA ASP D 52 35.28 24.38 -0.37
C ASP D 52 36.79 24.18 -0.32
N ASP D 53 37.49 25.06 0.38
CA ASP D 53 38.91 24.92 0.61
C ASP D 53 39.14 24.17 1.91
N PHE D 54 39.19 22.84 1.81
CA PHE D 54 39.32 22.01 2.98
C PHE D 54 40.65 22.21 3.71
N VAL D 55 41.67 22.68 3.00
CA VAL D 55 42.98 22.93 3.64
C VAL D 55 42.82 24.12 4.59
N ALA D 56 42.14 25.15 4.10
CA ALA D 56 41.84 26.35 4.88
C ALA D 56 41.02 26.03 6.11
N ILE D 57 39.94 25.28 5.89
CA ILE D 57 39.03 24.88 6.96
C ILE D 57 39.76 24.10 8.04
N LYS D 58 40.61 23.15 7.65
CA LYS D 58 41.44 22.41 8.64
C LYS D 58 42.26 23.37 9.48
N GLU D 59 42.92 24.31 8.83
CA GLU D 59 43.79 25.28 9.56
C GLU D 59 42.97 26.15 10.50
N LYS D 60 41.85 26.69 10.01
CA LYS D 60 40.92 27.44 10.88
C LYS D 60 40.44 26.66 12.12
N ALA D 61 40.10 25.40 11.91
CA ALA D 61 39.63 24.52 13.01
C ALA D 61 40.68 24.46 14.14
N LEU D 62 41.92 24.19 13.72
CA LEU D 62 43.04 24.07 14.63
C LEU D 62 43.27 25.38 15.36
N LYS D 63 43.25 26.49 14.62
CA LYS D 63 43.48 27.80 15.22
C LYS D 63 42.35 28.20 16.19
N THR D 64 41.15 27.70 15.94
CA THR D 64 39.96 28.00 16.75
C THR D 64 39.92 27.17 18.06
N GLY D 65 40.65 26.04 18.11
CA GLY D 65 40.69 25.22 19.35
C GLY D 65 40.71 23.69 19.18
N ALA D 66 40.53 23.19 17.97
CA ALA D 66 40.36 21.76 17.82
C ALA D 66 41.63 21.03 18.18
N SER D 67 41.51 19.99 18.99
CA SER D 67 42.70 19.18 19.27
C SER D 67 43.17 18.41 18.02
N LYS D 68 42.21 17.96 17.19
CA LYS D 68 42.50 17.19 15.99
C LYS D 68 41.44 17.50 14.95
N VAL D 69 41.81 17.38 13.68
CA VAL D 69 40.84 17.58 12.57
C VAL D 69 40.82 16.39 11.65
N TYR D 70 39.62 15.89 11.35
CA TYR D 70 39.46 14.88 10.31
C TYR D 70 38.87 15.55 9.06
N VAL D 71 39.55 15.42 7.93
CA VAL D 71 39.00 15.83 6.64
C VAL D 71 38.77 14.57 5.79
N GLU D 72 37.49 14.27 5.56
CA GLU D 72 37.06 13.00 5.04
C GLU D 72 36.53 13.19 3.62
N ASP D 73 37.17 12.51 2.68
CA ASP D 73 36.73 12.56 1.30
C ASP D 73 35.72 11.45 1.17
N LEU D 74 34.45 11.83 1.18
CA LEU D 74 33.38 10.85 1.23
C LEU D 74 32.69 10.78 -0.11
N ARG D 75 33.25 11.41 -1.12
CA ARG D 75 32.57 11.50 -2.45
C ARG D 75 32.23 10.16 -3.09
N ARG D 76 33.20 9.22 -3.10
CA ARG D 76 32.98 7.95 -3.77
C ARG D 76 31.91 7.12 -3.00
N GLU D 77 31.99 7.09 -1.69
CA GLU D 77 30.99 6.44 -0.85
C GLU D 77 29.58 7.05 -1.01
N PHE D 78 29.51 8.37 -1.11
CA PHE D 78 28.25 9.08 -1.36
C PHE D 78 27.60 8.54 -2.63
N VAL D 79 28.39 8.42 -3.69
CA VAL D 79 27.89 7.88 -4.93
C VAL D 79 27.50 6.41 -4.81
N THR D 80 28.40 5.55 -4.34
CA THR D 80 28.14 4.10 -4.45
C THR D 80 27.14 3.59 -3.43
N ASP D 81 27.14 4.16 -2.22
CA ASP D 81 26.36 3.60 -1.14
C ASP D 81 25.15 4.42 -0.71
N TYR D 82 25.01 5.62 -1.27
CA TYR D 82 23.94 6.55 -0.89
C TYR D 82 23.13 6.95 -2.11
N ILE D 83 23.76 7.64 -3.07
CA ILE D 83 23.02 8.01 -4.31
C ILE D 83 22.54 6.76 -5.04
N PHE D 84 23.42 5.77 -5.22
CA PHE D 84 23.03 4.53 -5.92
C PHE D 84 22.00 3.69 -5.12
N THR D 85 21.96 3.88 -3.82
CA THR D 85 20.92 3.25 -2.99
C THR D 85 19.52 3.91 -3.23
N ALA D 86 19.44 5.23 -3.28
CA ALA D 86 18.20 5.93 -3.60
C ALA D 86 17.74 5.53 -4.98
N LEU D 87 18.70 5.33 -5.91
CA LEU D 87 18.39 4.96 -7.28
C LEU D 87 17.61 3.64 -7.33
N LEU D 88 17.84 2.76 -6.36
CA LEU D 88 17.15 1.45 -6.32
C LEU D 88 15.65 1.59 -6.35
N GLY D 89 15.10 2.66 -5.77
CA GLY D 89 13.67 2.91 -5.80
C GLY D 89 13.22 4.01 -6.69
N ASN D 90 14.12 4.49 -7.60
CA ASN D 90 13.95 5.73 -8.35
C ASN D 90 13.44 6.81 -7.41
N ALA D 91 14.09 6.95 -6.25
CA ALA D 91 13.44 7.67 -5.16
C ALA D 91 13.14 9.10 -5.62
N MET D 92 11.87 9.52 -5.47
CA MET D 92 11.45 10.90 -5.78
C MET D 92 10.42 11.29 -4.73
N TYR D 93 10.73 12.32 -3.97
CA TYR D 93 9.82 12.75 -2.91
C TYR D 93 8.72 13.62 -3.50
N GLU D 94 7.47 13.28 -3.20
CA GLU D 94 6.32 14.03 -3.63
C GLU D 94 6.29 14.22 -5.16
N GLY D 95 6.70 13.16 -5.86
CA GLY D 95 6.67 13.13 -7.27
C GLY D 95 7.87 13.62 -8.03
N ARG D 96 8.71 14.42 -7.40
CA ARG D 96 9.57 15.34 -8.11
C ARG D 96 10.99 15.50 -7.54
N TYR D 97 11.09 15.50 -6.23
CA TYR D 97 12.32 15.89 -5.58
C TYR D 97 13.31 14.73 -5.44
N LEU D 98 14.53 14.91 -5.93
CA LEU D 98 15.50 13.82 -5.99
C LEU D 98 16.35 13.70 -4.72
N LEU D 99 16.06 14.48 -3.71
CA LEU D 99 16.56 14.24 -2.35
C LEU D 99 18.07 14.48 -2.14
N GLY D 100 18.64 15.38 -2.92
CA GLY D 100 20.09 15.61 -2.79
C GLY D 100 20.58 15.99 -1.41
N THR D 101 19.82 16.78 -0.70
CA THR D 101 20.27 17.11 0.67
C THR D 101 20.06 15.96 1.64
N ALA D 102 18.91 15.30 1.50
CA ALA D 102 18.58 14.19 2.41
C ALA D 102 19.49 12.98 2.27
N ILE D 103 19.96 12.67 1.05
CA ILE D 103 20.79 11.49 0.83
C ILE D 103 22.19 11.69 1.44
N ALA D 104 22.72 12.92 1.43
CA ALA D 104 24.09 13.13 1.96
C ALA D 104 24.18 13.07 3.48
N ARG D 105 23.15 13.53 4.18
CA ARG D 105 23.27 13.75 5.61
C ARG D 105 23.50 12.46 6.40
N PRO D 106 22.81 11.34 6.12
CA PRO D 106 23.09 10.11 6.89
C PRO D 106 24.52 9.63 6.72
N LEU D 107 25.10 9.83 5.56
CA LEU D 107 26.50 9.49 5.32
C LEU D 107 27.40 10.35 6.20
N ILE D 108 27.16 11.63 6.19
CA ILE D 108 28.00 12.53 6.97
C ILE D 108 27.87 12.15 8.45
N ALA D 109 26.63 11.97 8.91
CA ALA D 109 26.42 11.60 10.34
C ALA D 109 27.02 10.25 10.73
N LYS D 110 26.92 9.26 9.86
CA LYS D 110 27.50 7.96 10.14
C LYS D 110 29.03 8.05 10.34
N ARG D 111 29.71 8.73 9.44
CA ARG D 111 31.19 8.85 9.58
C ARG D 111 31.54 9.58 10.89
N GLN D 112 30.74 10.57 11.26
CA GLN D 112 30.90 11.27 12.53
C GLN D 112 30.83 10.30 13.72
N VAL D 113 29.83 9.41 13.69
CA VAL D 113 29.70 8.42 14.75
C VAL D 113 30.92 7.51 14.82
N GLU D 114 31.41 7.07 13.65
CA GLU D 114 32.58 6.17 13.58
C GLU D 114 33.85 6.81 14.14
N ILE D 115 34.01 8.10 13.86
CA ILE D 115 35.15 8.85 14.40
C ILE D 115 35.03 8.90 15.91
N ALA D 116 33.83 9.17 16.43
CA ALA D 116 33.63 9.25 17.87
C ALA D 116 33.96 7.92 18.49
N GLU D 117 33.55 6.83 17.85
CA GLU D 117 33.90 5.51 18.35
C GLU D 117 35.45 5.33 18.34
N LYS D 118 36.10 5.79 17.28
CA LYS D 118 37.56 5.66 17.14
C LYS D 118 38.31 6.44 18.18
N GLU D 119 37.86 7.66 18.40
CA GLU D 119 38.48 8.56 19.35
C GLU D 119 38.07 8.27 20.80
N GLY D 120 37.15 7.34 21.00
CA GLY D 120 36.53 7.14 22.31
C GLY D 120 35.86 8.42 22.80
N ALA D 121 35.27 9.19 21.89
CA ALA D 121 34.54 10.38 22.29
C ALA D 121 33.14 9.97 22.76
N GLN D 122 32.63 10.72 23.72
CA GLN D 122 31.36 10.44 24.39
C GLN D 122 30.22 11.29 23.83
N TYR D 123 30.60 12.39 23.15
CA TYR D 123 29.67 13.33 22.50
C TYR D 123 29.88 13.49 21.01
N VAL D 124 28.78 13.74 20.29
CA VAL D 124 28.81 14.26 18.93
C VAL D 124 28.01 15.53 18.94
N ALA D 125 28.36 16.48 18.08
CA ALA D 125 27.68 17.78 18.00
C ALA D 125 27.48 18.22 16.57
N HIS D 126 26.47 19.03 16.34
CA HIS D 126 26.21 19.53 15.01
C HIS D 126 25.62 20.90 15.08
N GLY D 127 25.76 21.62 13.99
CA GLY D 127 25.39 23.02 13.95
C GLY D 127 24.17 23.30 13.13
N ALA D 128 23.39 22.28 12.81
CA ALA D 128 22.18 22.52 12.02
C ALA D 128 21.17 23.32 12.81
N THR D 129 20.30 24.03 12.11
CA THR D 129 19.40 24.96 12.75
C THR D 129 18.24 24.27 13.46
N GLY D 130 17.64 25.04 14.35
CA GLY D 130 16.63 24.54 15.28
C GLY D 130 15.26 24.27 14.70
N LYS D 131 14.97 24.78 13.50
CA LYS D 131 13.63 24.58 12.87
C LYS D 131 13.64 23.99 11.46
N GLY D 132 14.74 23.34 11.08
CA GLY D 132 14.85 22.73 9.76
C GLY D 132 14.86 21.21 9.81
N ASN D 133 15.06 20.59 8.62
CA ASN D 133 15.04 19.13 8.47
C ASN D 133 16.40 18.49 8.79
N ASP D 134 17.50 19.19 8.53
CA ASP D 134 18.78 18.52 8.60
C ASP D 134 19.11 18.09 10.01
N GLN D 135 18.69 18.86 11.02
CA GLN D 135 18.93 18.43 12.38
C GLN D 135 18.32 17.05 12.66
N VAL D 136 17.16 16.80 12.07
CA VAL D 136 16.52 15.50 12.24
C VAL D 136 17.30 14.39 11.58
N ARG D 137 17.81 14.65 10.40
CA ARG D 137 18.62 13.67 9.73
C ARG D 137 19.93 13.35 10.48
N PHE D 138 20.61 14.35 11.02
CA PHE D 138 21.71 14.07 11.95
C PHE D 138 21.25 13.22 13.12
N GLU D 139 20.24 13.66 13.85
CA GLU D 139 19.98 13.07 15.16
C GLU D 139 19.36 11.70 15.10
N LEU D 140 18.54 11.43 14.06
CA LEU D 140 18.02 10.09 13.88
C LEU D 140 19.10 9.09 13.52
N THR D 141 20.14 9.54 12.81
CA THR D 141 21.29 8.67 12.50
C THR D 141 22.10 8.41 13.77
N TYR D 142 22.35 9.44 14.55
CA TYR D 142 23.03 9.21 15.83
C TYR D 142 22.29 8.16 16.67
N ALA D 143 20.97 8.33 16.76
CA ALA D 143 20.14 7.48 17.61
C ALA D 143 20.15 6.07 17.12
N ALA D 144 20.09 5.90 15.81
CA ALA D 144 20.01 4.61 15.22
C ALA D 144 21.35 3.83 15.31
N LEU D 145 22.47 4.53 15.23
CA LEU D 145 23.81 3.90 15.13
C LEU D 145 24.55 3.77 16.48
N ASN D 146 24.39 4.74 17.34
CA ASN D 146 25.01 4.65 18.66
C ASN D 146 24.29 5.51 19.68
N PRO D 147 23.24 4.96 20.26
CA PRO D 147 22.43 5.68 21.22
C PRO D 147 23.20 6.06 22.50
N ASN D 148 24.35 5.43 22.71
CA ASN D 148 25.18 5.75 23.89
C ASN D 148 25.86 7.08 23.74
N LEU D 149 26.00 7.56 22.51
CA LEU D 149 26.63 8.87 22.31
C LEU D 149 25.69 9.96 22.74
N LYS D 150 26.24 10.95 23.43
CA LYS D 150 25.43 12.08 23.89
C LYS D 150 25.47 13.08 22.78
N VAL D 151 24.39 13.82 22.56
CA VAL D 151 24.25 14.69 21.39
C VAL D 151 24.18 16.10 21.83
N ILE D 152 25.02 16.93 21.25
CA ILE D 152 25.00 18.36 21.50
C ILE D 152 24.49 19.12 20.27
N SER D 153 23.46 19.93 20.48
CA SER D 153 22.81 20.70 19.41
C SER D 153 22.58 22.12 19.91
N PRO D 154 23.60 22.97 19.77
CA PRO D 154 23.54 24.31 20.34
C PRO D 154 22.32 25.10 19.90
N TRP D 155 21.87 24.92 18.67
CA TRP D 155 20.73 25.69 18.19
C TRP D 155 19.39 25.20 18.79
N LYS D 156 19.43 24.17 19.62
CA LYS D 156 18.25 23.84 20.44
C LYS D 156 18.59 23.93 21.91
N ASP D 157 19.69 24.61 22.24
CA ASP D 157 20.15 24.76 23.65
C ASP D 157 19.75 26.14 24.18
N PRO D 158 18.93 26.20 25.23
CA PRO D 158 18.44 27.48 25.74
C PRO D 158 19.55 28.50 26.04
N GLU D 159 20.66 28.06 26.60
CA GLU D 159 21.73 28.99 26.91
C GLU D 159 22.35 29.55 25.65
N PHE D 160 22.62 28.67 24.69
CA PHE D 160 23.23 29.10 23.42
C PHE D 160 22.29 30.08 22.72
N LEU D 161 21.01 29.75 22.68
CA LEU D 161 19.99 30.60 22.07
C LEU D 161 19.81 31.94 22.76
N ALA D 162 20.00 31.97 24.09
CA ALA D 162 19.95 33.22 24.84
C ALA D 162 21.11 34.10 24.38
N LYS D 163 22.31 33.51 24.29
CA LYS D 163 23.54 34.26 23.99
C LYS D 163 23.67 34.71 22.54
N PHE D 164 23.18 33.91 21.61
CA PHE D 164 23.33 34.20 20.18
C PHE D 164 21.96 34.42 19.54
N LYS D 165 21.34 35.53 19.93
CA LYS D 165 20.00 35.88 19.44
C LYS D 165 20.00 36.26 17.97
N GLY D 166 21.15 36.75 17.46
CA GLY D 166 21.30 37.09 16.03
C GLY D 166 22.71 36.91 15.49
N ARG D 167 22.86 37.13 14.20
CA ARG D 167 24.17 37.03 13.53
C ARG D 167 25.23 37.97 14.13
N THR D 168 24.81 39.16 14.54
CA THR D 168 25.77 40.11 15.12
C THR D 168 26.36 39.52 16.37
N ASP D 169 25.59 38.67 17.09
CA ASP D 169 26.12 38.07 18.31
C ASP D 169 27.25 37.06 17.99
N LEU D 170 27.02 36.28 16.94
CA LEU D 170 27.98 35.28 16.46
C LEU D 170 29.25 35.99 16.02
N ILE D 171 29.05 37.05 15.25
CA ILE D 171 30.17 37.81 14.68
C ILE D 171 31.01 38.47 15.78
N ASN D 172 30.35 39.01 16.79
CA ASN D 172 31.03 39.70 17.87
C ASN D 172 31.82 38.73 18.75
N TYR D 173 31.21 37.60 19.00
CA TYR D 173 31.86 36.55 19.75
C TYR D 173 33.15 36.07 19.01
N ALA D 174 33.06 35.89 17.69
CA ALA D 174 34.22 35.46 16.91
C ALA D 174 35.35 36.46 17.08
N MET D 175 35.01 37.76 17.02
CA MET D 175 36.00 38.83 17.21
C MET D 175 36.60 38.79 18.62
N GLU D 176 35.74 38.79 19.64
CA GLU D 176 36.17 38.65 21.04
C GLU D 176 37.10 37.47 21.29
N LYS D 177 36.77 36.31 20.72
CA LYS D 177 37.49 35.07 21.00
C LYS D 177 38.62 34.80 20.01
N GLY D 178 38.79 35.69 19.04
CA GLY D 178 39.85 35.53 18.06
C GLY D 178 39.62 34.39 17.10
N ILE D 179 38.37 34.17 16.71
CA ILE D 179 38.06 33.19 15.67
C ILE D 179 38.29 33.87 14.31
N PRO D 180 39.08 33.24 13.45
CA PRO D 180 39.24 33.75 12.06
C PRO D 180 37.89 33.98 11.32
N ILE D 181 37.76 35.11 10.63
CA ILE D 181 36.46 35.63 10.12
C ILE D 181 35.36 35.60 11.19
N LYS D 186 27.12 36.15 0.61
CA LYS D 186 27.29 36.52 -0.82
C LYS D 186 25.99 36.49 -1.63
N ARG D 187 25.12 35.51 -1.36
CA ARG D 187 23.85 35.38 -2.12
C ARG D 187 22.64 35.49 -1.18
N PRO D 188 21.54 36.06 -1.66
CA PRO D 188 20.35 36.22 -0.84
C PRO D 188 19.44 34.97 -0.83
N TYR D 189 20.05 33.79 -0.88
CA TYR D 189 19.34 32.52 -0.78
C TYR D 189 20.11 31.63 0.17
N SER D 190 19.38 30.73 0.81
CA SER D 190 19.99 29.67 1.58
C SER D 190 20.25 28.54 0.58
N GLU D 191 21.47 28.02 0.53
CA GLU D 191 21.88 27.07 -0.50
C GLU D 191 22.68 25.94 0.14
N ASP D 192 22.45 24.73 -0.33
CA ASP D 192 23.16 23.52 0.11
C ASP D 192 23.77 22.98 -1.18
N GLU D 193 25.02 22.50 -1.13
CA GLU D 193 25.68 22.03 -2.32
C GLU D 193 26.46 20.76 -2.01
N ASN D 194 26.33 19.78 -2.89
CA ASN D 194 27.11 18.56 -2.82
C ASN D 194 27.25 17.99 -4.22
N LEU D 195 27.88 16.82 -4.32
CA LEU D 195 28.06 16.19 -5.65
C LEU D 195 26.75 15.92 -6.41
N MET D 196 25.63 15.79 -5.69
CA MET D 196 24.36 15.44 -6.29
C MET D 196 23.55 16.68 -6.70
N HIS D 197 23.62 17.76 -5.91
CA HIS D 197 22.77 18.89 -6.25
C HIS D 197 23.23 20.17 -5.67
N ILE D 198 22.65 21.26 -6.14
CA ILE D 198 22.61 22.51 -5.35
C ILE D 198 21.14 22.92 -5.15
N SER D 199 20.78 23.31 -3.92
CA SER D 199 19.45 23.82 -3.61
C SER D 199 19.53 25.29 -3.35
N HIS D 200 18.43 25.98 -3.61
CA HIS D 200 18.27 27.38 -3.38
C HIS D 200 16.87 27.58 -2.75
N GLU D 201 16.87 28.17 -1.57
CA GLU D 201 15.60 28.50 -0.89
C GLU D 201 15.66 29.83 -0.16
N ALA D 202 14.51 30.24 0.35
CA ALA D 202 14.41 31.45 1.21
C ALA D 202 14.69 32.70 0.42
N GLY D 203 14.85 33.85 1.08
CA GLY D 203 14.88 35.09 0.34
C GLY D 203 13.62 35.23 -0.50
N LYS D 204 13.78 35.75 -1.71
CA LYS D 204 12.66 36.04 -2.58
C LYS D 204 11.91 34.75 -2.99
N LEU D 205 12.65 33.64 -2.97
CA LEU D 205 12.07 32.34 -3.37
C LEU D 205 10.99 31.86 -2.43
N GLU D 206 10.98 32.42 -1.21
CA GLU D 206 10.08 31.96 -0.19
C GLU D 206 8.63 32.12 -0.64
N ASP D 207 8.39 33.15 -1.46
CA ASP D 207 7.06 33.40 -2.07
C ASP D 207 6.89 32.52 -3.30
N PRO D 208 6.04 31.49 -3.24
CA PRO D 208 5.94 30.58 -4.41
C PRO D 208 5.40 31.17 -5.67
N ALA D 209 4.83 32.39 -5.62
CA ALA D 209 4.39 33.08 -6.81
C ALA D 209 5.49 33.95 -7.45
N HIS D 210 6.67 33.97 -6.83
CA HIS D 210 7.83 34.70 -7.36
C HIS D 210 8.58 33.79 -8.32
N ILE D 211 8.73 34.24 -9.58
CA ILE D 211 9.46 33.52 -10.60
C ILE D 211 10.95 33.68 -10.33
N PRO D 212 11.69 32.59 -10.23
CA PRO D 212 13.14 32.73 -9.99
C PRO D 212 13.87 33.43 -11.16
N ASP D 213 14.69 34.46 -10.85
CA ASP D 213 15.61 35.04 -11.80
C ASP D 213 16.59 33.97 -12.30
N GLU D 214 17.01 34.05 -13.57
CA GLU D 214 18.04 33.16 -14.05
C GLU D 214 19.29 33.14 -13.15
N ASP D 215 19.58 34.26 -12.47
CA ASP D 215 20.72 34.34 -11.56
C ASP D 215 20.64 33.40 -10.37
N VAL D 216 19.45 32.86 -10.06
CA VAL D 216 19.29 31.92 -8.97
C VAL D 216 20.13 30.65 -9.27
N PHE D 217 20.18 30.27 -10.52
CA PHE D 217 20.83 29.01 -10.95
C PHE D 217 22.32 29.24 -11.03
N THR D 218 23.11 28.33 -10.47
CA THR D 218 24.55 28.53 -10.48
C THR D 218 25.34 27.35 -11.03
N TRP D 219 24.67 26.23 -11.29
CA TRP D 219 25.39 25.03 -11.75
C TRP D 219 25.03 24.74 -13.20
N THR D 220 23.74 24.56 -13.48
CA THR D 220 23.25 24.23 -14.80
C THR D 220 23.10 25.49 -15.64
N VAL D 221 23.44 25.41 -16.89
CA VAL D 221 23.13 26.48 -17.85
C VAL D 221 21.64 26.39 -18.12
N SER D 222 20.98 27.48 -18.52
CA SER D 222 19.57 27.30 -18.88
C SER D 222 19.44 26.51 -20.18
N PRO D 223 18.35 25.76 -20.33
CA PRO D 223 18.01 25.17 -21.61
C PRO D 223 18.15 26.18 -22.74
N LYS D 224 17.78 27.44 -22.50
CA LYS D 224 17.89 28.42 -23.56
C LYS D 224 19.33 28.64 -24.02
N ASP D 225 20.29 28.58 -23.10
CA ASP D 225 21.70 28.80 -23.45
C ASP D 225 22.50 27.57 -23.78
N ALA D 226 21.86 26.41 -23.66
CA ALA D 226 22.54 25.14 -23.88
C ALA D 226 22.76 24.90 -25.37
N PRO D 227 23.73 24.04 -25.74
CA PRO D 227 24.05 23.80 -27.15
C PRO D 227 22.88 23.34 -27.99
N ASP D 228 22.84 23.83 -29.24
CA ASP D 228 21.78 23.41 -30.15
C ASP D 228 22.06 22.12 -30.91
N GLU D 229 22.64 21.12 -30.26
CA GLU D 229 22.93 19.82 -30.87
C GLU D 229 22.71 18.81 -29.74
N GLU D 230 22.08 17.68 -30.01
CA GLU D 230 21.89 16.69 -28.97
C GLU D 230 23.18 15.93 -28.67
N THR D 231 23.29 15.49 -27.42
CA THR D 231 24.27 14.50 -27.00
C THR D 231 23.56 13.17 -26.80
N LEU D 232 24.16 12.12 -27.32
CA LEU D 232 23.67 10.78 -27.09
C LEU D 232 24.63 10.01 -26.15
N LEU D 233 24.09 9.51 -25.04
CA LEU D 233 24.84 8.71 -24.09
C LEU D 233 24.25 7.31 -24.05
N GLU D 234 25.12 6.30 -23.93
CA GLU D 234 24.71 4.95 -23.57
C GLU D 234 25.13 4.74 -22.11
N ILE D 235 24.16 4.39 -21.24
CA ILE D 235 24.37 4.22 -19.83
C ILE D 235 24.06 2.74 -19.58
N HIS D 236 25.05 2.06 -19.04
CA HIS D 236 25.00 0.64 -18.77
C HIS D 236 24.83 0.39 -17.29
N PHE D 237 24.00 -0.60 -16.97
CA PHE D 237 23.68 -0.97 -15.61
C PHE D 237 23.91 -2.47 -15.43
N GLU D 238 24.26 -2.84 -14.19
CA GLU D 238 24.27 -4.26 -13.74
C GLU D 238 23.56 -4.34 -12.40
N ASN D 239 22.50 -5.13 -12.35
CA ASN D 239 21.64 -5.24 -11.15
C ASN D 239 21.27 -3.87 -10.59
N GLY D 240 20.88 -2.98 -11.49
CA GLY D 240 20.41 -1.67 -11.11
C GLY D 240 21.46 -0.62 -10.75
N ILE D 241 22.73 -0.98 -10.89
CA ILE D 241 23.84 -0.13 -10.52
C ILE D 241 24.47 0.34 -11.83
N PRO D 242 24.66 1.65 -12.04
CA PRO D 242 25.37 2.14 -13.21
C PRO D 242 26.84 1.62 -13.19
N VAL D 243 27.28 1.08 -14.31
CA VAL D 243 28.65 0.60 -14.46
C VAL D 243 29.48 1.19 -15.60
N LYS D 244 28.83 1.89 -16.53
CA LYS D 244 29.53 2.49 -17.64
C LYS D 244 28.68 3.57 -18.26
N VAL D 245 29.34 4.63 -18.66
CA VAL D 245 28.75 5.68 -19.49
C VAL D 245 29.61 5.87 -20.74
N VAL D 246 28.98 5.81 -21.94
CA VAL D 246 29.69 6.05 -23.21
C VAL D 246 28.99 7.24 -23.92
N ASN D 247 29.80 8.18 -24.36
CA ASN D 247 29.33 9.26 -25.22
C ASN D 247 29.44 8.78 -26.66
N LEU D 248 28.30 8.65 -27.35
CA LEU D 248 28.22 8.02 -28.65
C LEU D 248 28.75 8.90 -29.75
N LYS D 249 28.87 10.19 -29.48
CA LYS D 249 29.41 11.06 -30.53
C LYS D 249 30.87 11.42 -30.32
N ASP D 250 31.33 11.61 -29.09
CA ASP D 250 32.74 11.97 -28.86
C ASP D 250 33.61 10.87 -28.28
N GLY D 251 33.01 9.75 -27.91
CA GLY D 251 33.75 8.58 -27.57
C GLY D 251 34.14 8.48 -26.10
N THR D 252 33.88 9.49 -25.31
CA THR D 252 34.18 9.44 -23.88
C THR D 252 33.57 8.17 -23.26
N GLU D 253 34.36 7.45 -22.47
CA GLU D 253 33.86 6.28 -21.70
C GLU D 253 34.29 6.43 -20.25
N LYS D 254 33.36 6.26 -19.31
CA LYS D 254 33.65 6.31 -17.89
C LYS D 254 33.16 5.02 -17.25
N THR D 255 34.03 4.35 -16.46
CA THR D 255 33.63 3.11 -15.77
C THR D 255 33.74 3.19 -14.26
N ASP D 256 34.58 4.06 -13.77
CA ASP D 256 34.63 4.27 -12.33
C ASP D 256 33.32 4.96 -11.85
N PRO D 257 32.71 4.49 -10.78
CA PRO D 257 31.41 5.05 -10.37
C PRO D 257 31.48 6.55 -10.03
N LEU D 258 32.53 7.01 -9.37
CA LEU D 258 32.64 8.41 -9.08
C LEU D 258 32.86 9.21 -10.38
N GLU D 259 33.78 8.77 -11.24
CA GLU D 259 34.02 9.48 -12.48
C GLU D 259 32.77 9.47 -13.40
N LEU D 260 32.05 8.35 -13.48
CA LEU D 260 30.88 8.32 -14.33
C LEU D 260 29.80 9.24 -13.82
N PHE D 261 29.64 9.30 -12.50
CA PHE D 261 28.62 10.19 -11.95
C PHE D 261 28.99 11.68 -12.21
N GLU D 262 30.25 12.06 -11.98
CA GLU D 262 30.69 13.41 -12.24
C GLU D 262 30.51 13.75 -13.73
N TYR D 263 30.72 12.79 -14.60
CA TYR D 263 30.56 13.00 -16.05
C TYR D 263 29.12 13.27 -16.40
N LEU D 264 28.20 12.51 -15.81
CA LEU D 264 26.77 12.82 -15.97
C LEU D 264 26.43 14.20 -15.48
N ASN D 265 27.00 14.61 -14.37
CA ASN D 265 26.84 15.97 -13.88
C ASN D 265 27.29 16.98 -14.93
N GLU D 266 28.45 16.76 -15.53
CA GLU D 266 28.98 17.71 -16.53
C GLU D 266 28.06 17.73 -17.76
N VAL D 267 27.65 16.57 -18.28
CA VAL D 267 26.81 16.55 -19.46
C VAL D 267 25.46 17.18 -19.14
N GLY D 268 24.87 16.87 -18.00
CA GLY D 268 23.61 17.50 -17.64
C GLY D 268 23.72 19.00 -17.50
N ALA D 269 24.73 19.46 -16.76
CA ALA D 269 24.86 20.91 -16.48
C ALA D 269 25.08 21.70 -17.76
N LYS D 270 25.94 21.18 -18.67
CA LYS D 270 26.24 21.89 -19.95
C LYS D 270 25.02 22.00 -20.82
N ASN D 271 24.10 21.03 -20.68
CA ASN D 271 22.91 20.90 -21.52
C ASN D 271 21.61 21.30 -20.86
N GLY D 272 21.67 21.96 -19.68
CA GLY D 272 20.46 22.52 -19.10
C GLY D 272 19.53 21.57 -18.41
N VAL D 273 20.03 20.39 -18.03
CA VAL D 273 19.26 19.35 -17.39
C VAL D 273 19.25 19.47 -15.87
N GLY D 274 18.08 19.22 -15.25
CA GLY D 274 18.06 19.01 -13.82
C GLY D 274 17.47 20.07 -12.95
N ARG D 275 16.86 21.10 -13.53
CA ARG D 275 16.24 22.13 -12.76
C ARG D 275 14.84 21.74 -12.32
N LEU D 276 14.53 22.05 -11.06
CA LEU D 276 13.24 21.78 -10.46
C LEU D 276 12.86 22.94 -9.54
N ASP D 277 11.60 23.37 -9.61
CA ASP D 277 11.08 24.47 -8.79
C ASP D 277 9.78 23.90 -8.21
N MET D 278 9.71 23.73 -6.92
CA MET D 278 8.56 23.09 -6.32
C MET D 278 8.37 23.53 -4.88
N VAL D 279 7.20 23.22 -4.37
CA VAL D 279 6.91 23.40 -2.94
C VAL D 279 6.76 22.02 -2.38
N GLU D 280 7.53 21.73 -1.34
CA GLU D 280 7.54 20.44 -0.70
C GLU D 280 7.00 20.54 0.73
N ASN D 281 6.41 19.46 1.22
CA ASN D 281 6.01 19.39 2.62
C ASN D 281 7.23 18.95 3.47
N ARG D 282 7.52 19.70 4.51
CA ARG D 282 8.67 19.41 5.37
C ARG D 282 8.29 18.39 6.41
N PHE D 283 9.31 17.83 7.06
CA PHE D 283 9.07 16.94 8.20
C PHE D 283 8.91 17.77 9.46
N ILE D 284 9.85 18.69 9.67
CA ILE D 284 9.68 19.72 10.70
C ILE D 284 9.36 20.98 9.97
N GLY D 285 8.16 21.47 10.24
CA GLY D 285 7.60 22.64 9.55
C GLY D 285 6.45 22.18 8.66
N ILE D 286 5.97 23.05 7.78
CA ILE D 286 4.82 22.65 6.98
C ILE D 286 5.18 22.54 5.50
N LYS D 287 5.33 23.69 4.84
CA LYS D 287 5.65 23.72 3.38
C LYS D 287 6.78 24.68 3.12
N SER D 288 7.63 24.37 2.13
CA SER D 288 8.77 25.26 1.75
C SER D 288 8.94 25.22 0.20
N ARG D 289 9.27 26.36 -0.41
CA ARG D 289 9.50 26.47 -1.87
C ARG D 289 11.02 26.36 -2.09
N GLY D 290 11.41 25.43 -2.95
CA GLY D 290 12.82 25.26 -3.25
C GLY D 290 13.08 25.16 -4.72
N VAL D 291 14.29 25.56 -5.12
CA VAL D 291 14.75 25.44 -6.47
C VAL D 291 16.01 24.58 -6.39
N TYR D 292 16.00 23.50 -7.18
CA TYR D 292 17.04 22.49 -7.11
C TYR D 292 17.66 22.25 -8.49
N GLU D 293 18.96 21.99 -8.48
CA GLU D 293 19.69 21.73 -9.72
C GLU D 293 20.42 20.39 -9.51
N THR D 294 19.97 19.33 -10.20
CA THR D 294 20.43 17.98 -9.98
C THR D 294 20.80 17.33 -11.35
N PRO D 295 21.84 17.79 -12.00
CA PRO D 295 22.03 17.42 -13.42
C PRO D 295 22.30 15.93 -13.67
N GLY D 296 23.23 15.36 -12.97
CA GLY D 296 23.58 13.99 -13.29
C GLY D 296 22.57 12.99 -12.83
N ALA D 297 22.07 13.13 -11.60
CA ALA D 297 21.10 12.17 -11.07
C ALA D 297 19.79 12.21 -11.87
N THR D 298 19.45 13.38 -12.42
CA THR D 298 18.26 13.45 -13.26
C THR D 298 18.37 12.49 -14.44
N ILE D 299 19.51 12.56 -15.09
CA ILE D 299 19.82 11.63 -16.18
C ILE D 299 19.76 10.16 -15.78
N LEU D 300 20.45 9.86 -14.69
CA LEU D 300 20.53 8.50 -14.17
C LEU D 300 19.19 7.90 -13.80
N TRP D 301 18.35 8.69 -13.13
CA TRP D 301 17.06 8.21 -12.70
C TRP D 301 16.21 7.87 -13.95
N ILE D 302 16.25 8.74 -14.98
CA ILE D 302 15.46 8.50 -16.17
C ILE D 302 15.89 7.27 -16.94
N ALA D 303 17.20 7.14 -17.08
CA ALA D 303 17.80 5.97 -17.73
C ALA D 303 17.47 4.70 -16.98
N HIS D 304 17.55 4.77 -15.68
CA HIS D 304 17.29 3.59 -14.87
C HIS D 304 15.85 3.08 -15.03
N ARG D 305 14.87 4.00 -14.93
CA ARG D 305 13.46 3.66 -15.13
C ARG D 305 13.25 3.04 -16.51
N ASP D 306 13.91 3.58 -17.54
CA ASP D 306 13.75 3.03 -18.86
C ASP D 306 14.22 1.54 -18.93
N LEU D 307 15.38 1.24 -18.38
CA LEU D 307 15.83 -0.15 -18.36
C LEU D 307 14.91 -1.07 -17.60
N GLU D 308 14.37 -0.60 -16.48
CA GLU D 308 13.38 -1.38 -15.73
C GLU D 308 12.22 -1.79 -16.62
N GLY D 309 11.87 -0.95 -17.58
CA GLY D 309 10.76 -1.24 -18.51
C GLY D 309 10.93 -2.53 -19.27
N ILE D 310 12.14 -2.84 -19.64
CA ILE D 310 12.42 -4.03 -20.39
C ILE D 310 12.90 -5.21 -19.54
N THR D 311 13.24 -4.98 -18.26
CA THR D 311 13.84 -6.03 -17.46
C THR D 311 12.93 -6.53 -16.32
N MET D 312 12.23 -5.63 -15.65
CA MET D 312 11.51 -5.96 -14.40
C MET D 312 10.18 -6.70 -14.64
N ASP D 313 9.86 -7.67 -13.76
CA ASP D 313 8.55 -8.28 -13.81
C ASP D 313 7.48 -7.23 -13.51
N LYS D 314 6.34 -7.31 -14.20
CA LYS D 314 5.28 -6.36 -13.98
C LYS D 314 4.76 -6.24 -12.56
N GLU D 315 4.58 -7.38 -11.90
CA GLU D 315 3.99 -7.37 -10.56
C GLU D 315 4.96 -6.86 -9.52
N VAL D 316 6.25 -7.21 -9.70
CA VAL D 316 7.31 -6.61 -8.90
C VAL D 316 7.27 -5.08 -9.05
N MET D 317 7.22 -4.61 -10.29
CA MET D 317 7.31 -3.17 -10.53
C MET D 317 6.13 -2.48 -9.87
N HIS D 318 4.94 -3.08 -10.01
CA HIS D 318 3.74 -2.49 -9.40
C HIS D 318 3.88 -2.37 -7.89
N LEU D 319 4.36 -3.40 -7.24
CA LEU D 319 4.51 -3.35 -5.79
C LEU D 319 5.58 -2.34 -5.39
N ARG D 320 6.69 -2.37 -6.11
CA ARG D 320 7.79 -1.46 -5.83
C ARG D 320 7.29 -0.03 -5.97
N ASP D 321 6.55 0.26 -7.05
CA ASP D 321 6.03 1.62 -7.28
C ASP D 321 5.03 2.06 -6.21
N MET D 322 4.21 1.12 -5.73
CA MET D 322 3.33 1.40 -4.64
C MET D 322 4.08 1.81 -3.40
N LEU D 323 5.26 1.23 -3.17
CA LEU D 323 6.02 1.46 -1.97
C LEU D 323 7.05 2.59 -2.12
N ALA D 324 7.22 3.06 -3.34
CA ALA D 324 8.25 4.05 -3.61
C ALA D 324 8.02 5.39 -2.89
N PRO D 325 6.79 5.89 -2.78
CA PRO D 325 6.58 7.09 -1.96
C PRO D 325 7.08 6.95 -0.48
N LYS D 326 6.82 5.81 0.13
CA LYS D 326 7.26 5.49 1.49
C LYS D 326 8.80 5.46 1.52
N PHE D 327 9.43 4.84 0.51
CA PHE D 327 10.90 4.79 0.44
C PHE D 327 11.49 6.22 0.40
N ALA D 328 10.92 7.08 -0.43
CA ALA D 328 11.34 8.49 -0.52
C ALA D 328 11.08 9.25 0.78
N GLU D 329 9.95 8.98 1.41
CA GLU D 329 9.61 9.63 2.70
C GLU D 329 10.61 9.30 3.77
N LEU D 330 11.03 8.05 3.84
CA LEU D 330 12.00 7.60 4.84
C LEU D 330 13.33 8.34 4.63
N ILE D 331 13.74 8.46 3.37
CA ILE D 331 14.96 9.19 3.04
C ILE D 331 14.78 10.66 3.46
N TYR D 332 13.69 11.27 3.03
CA TYR D 332 13.45 12.72 3.33
C TYR D 332 13.46 13.01 4.82
N ASN D 333 12.77 12.15 5.59
CA ASN D 333 12.58 12.39 7.03
C ASN D 333 13.80 12.06 7.89
N GLY D 334 14.78 11.33 7.34
CA GLY D 334 15.96 10.98 8.11
C GLY D 334 16.05 9.58 8.67
N PHE D 335 15.21 8.69 8.15
CA PHE D 335 15.12 7.33 8.60
C PHE D 335 15.97 6.37 7.75
N TRP D 336 17.08 6.87 7.24
CA TRP D 336 17.99 6.06 6.43
C TRP D 336 18.45 4.77 7.09
N PHE D 337 18.80 4.87 8.38
CA PHE D 337 19.27 3.72 9.17
C PHE D 337 18.21 2.99 10.02
N SER D 338 16.95 3.06 9.65
CA SER D 338 15.86 2.55 10.45
C SER D 338 15.50 1.12 10.06
N PRO D 339 14.83 0.39 10.95
CA PRO D 339 14.34 -0.93 10.62
C PRO D 339 13.43 -0.99 9.41
N GLU D 340 12.54 0.01 9.27
CA GLU D 340 11.61 0.01 8.16
C GLU D 340 12.34 0.28 6.84
N MET D 341 13.43 1.05 6.85
CA MET D 341 14.23 1.19 5.63
C MET D 341 14.90 -0.14 5.24
N GLU D 342 15.42 -0.85 6.23
CA GLU D 342 16.02 -2.16 6.01
C GLU D 342 15.03 -3.15 5.39
N PHE D 343 13.81 -3.07 5.84
CA PHE D 343 12.72 -3.93 5.36
C PHE D 343 12.48 -3.64 3.87
N LEU D 344 12.29 -2.35 3.56
CA LEU D 344 12.07 -1.97 2.15
C LEU D 344 13.28 -2.28 1.27
N LEU D 345 14.48 -1.98 1.74
CA LEU D 345 15.68 -2.28 0.91
C LEU D 345 15.86 -3.74 0.57
N ALA D 346 15.50 -4.62 1.48
CA ALA D 346 15.56 -6.05 1.20
C ALA D 346 14.77 -6.37 -0.06
N ALA D 347 13.54 -5.88 -0.10
CA ALA D 347 12.71 -6.08 -1.24
C ALA D 347 13.18 -5.30 -2.50
N PHE D 348 13.55 -4.04 -2.33
CA PHE D 348 13.91 -3.18 -3.47
C PHE D 348 15.19 -3.69 -4.15
N ARG D 349 16.13 -4.20 -3.38
CA ARG D 349 17.33 -4.81 -3.96
C ARG D 349 17.01 -6.06 -4.72
N LYS D 350 16.13 -6.86 -4.17
CA LYS D 350 15.66 -8.01 -4.86
C LYS D 350 15.06 -7.66 -6.22
N ALA D 351 14.22 -6.63 -6.27
CA ALA D 351 13.64 -6.18 -7.51
C ALA D 351 14.68 -5.77 -8.58
N GLN D 352 15.88 -5.38 -8.14
CA GLN D 352 16.89 -4.88 -9.08
C GLN D 352 17.76 -5.98 -9.64
N GLU D 353 17.60 -7.22 -9.15
CA GLU D 353 18.30 -8.32 -9.70
C GLU D 353 17.98 -8.43 -11.16
N ASN D 354 19.02 -8.49 -11.99
CA ASN D 354 18.93 -8.52 -13.44
C ASN D 354 18.37 -7.31 -14.17
N VAL D 355 18.28 -6.17 -13.47
CA VAL D 355 18.12 -4.86 -14.08
C VAL D 355 19.49 -4.54 -14.65
N THR D 356 19.74 -5.16 -15.79
CA THR D 356 21.11 -5.23 -16.39
C THR D 356 20.99 -5.01 -17.91
N GLY D 357 21.76 -4.08 -18.43
CA GLY D 357 21.64 -3.73 -19.83
C GLY D 357 22.11 -2.34 -20.06
N LYS D 358 21.67 -1.77 -21.18
CA LYS D 358 22.10 -0.42 -21.55
C LYS D 358 20.95 0.36 -22.14
N VAL D 359 20.97 1.65 -21.84
CA VAL D 359 19.94 2.55 -22.34
C VAL D 359 20.61 3.67 -23.11
N THR D 360 20.08 4.02 -24.28
CA THR D 360 20.58 5.21 -25.01
C THR D 360 19.66 6.36 -24.75
N VAL D 361 20.22 7.43 -24.24
CA VAL D 361 19.43 8.66 -23.94
C VAL D 361 19.93 9.85 -24.80
N SER D 362 19.00 10.58 -25.34
CA SER D 362 19.22 11.84 -26.07
C SER D 362 19.13 12.98 -25.05
N ILE D 363 20.18 13.80 -24.98
CA ILE D 363 20.25 14.91 -24.03
C ILE D 363 20.31 16.19 -24.85
N TYR D 364 19.34 17.09 -24.66
CA TYR D 364 19.20 18.27 -25.50
C TYR D 364 18.36 19.32 -24.75
N LYS D 365 18.97 20.46 -24.48
CA LYS D 365 18.28 21.60 -23.90
C LYS D 365 17.23 21.25 -22.85
N GLY D 366 17.71 20.63 -21.77
CA GLY D 366 16.88 20.26 -20.63
C GLY D 366 16.20 18.88 -20.73
N ASN D 367 16.13 18.30 -21.91
CA ASN D 367 15.40 17.08 -22.09
C ASN D 367 16.36 15.90 -21.93
N VAL D 368 15.88 14.83 -21.29
CA VAL D 368 16.57 13.57 -21.23
C VAL D 368 15.61 12.48 -21.72
N MET D 369 15.78 12.06 -22.95
CA MET D 369 14.83 11.16 -23.61
C MET D 369 15.47 9.81 -23.95
N PRO D 370 15.02 8.73 -23.30
CA PRO D 370 15.38 7.37 -23.76
C PRO D 370 14.87 7.16 -25.17
N VAL D 371 15.75 6.70 -26.05
CA VAL D 371 15.48 6.35 -27.44
C VAL D 371 15.72 4.92 -27.81
N ALA D 372 16.43 4.14 -26.98
CA ALA D 372 16.71 2.74 -27.32
C ALA D 372 17.22 2.11 -26.04
N ARG D 373 16.98 0.82 -25.91
CA ARG D 373 17.50 0.05 -24.79
C ARG D 373 17.65 -1.42 -25.14
N TYR D 374 18.51 -2.09 -24.36
CA TYR D 374 18.83 -3.51 -24.60
C TYR D 374 19.20 -4.18 -23.30
N SER D 375 18.71 -5.40 -23.10
CA SER D 375 19.14 -6.22 -21.96
C SER D 375 19.36 -7.64 -22.44
N PRO D 376 20.41 -8.26 -21.96
CA PRO D 376 20.55 -9.72 -22.17
C PRO D 376 19.52 -10.55 -21.37
N TYR D 377 18.82 -9.93 -20.43
CA TYR D 377 17.85 -10.61 -19.56
C TYR D 377 16.41 -10.14 -19.91
N SER D 378 16.09 -10.21 -21.21
CA SER D 378 14.74 -9.95 -21.70
C SER D 378 14.43 -10.87 -22.88
N LEU D 379 13.14 -10.97 -23.24
CA LEU D 379 12.71 -11.82 -24.35
C LEU D 379 12.98 -11.14 -25.71
N TYR D 380 13.60 -9.96 -25.68
CA TYR D 380 14.09 -9.34 -26.89
C TYR D 380 15.51 -9.79 -27.21
N ASN D 381 16.14 -10.47 -26.24
CA ASN D 381 17.43 -11.14 -26.45
C ASN D 381 17.23 -12.43 -27.29
N GLY D 392 3.91 -16.85 -26.65
CA GLY D 392 3.55 -18.14 -26.09
C GLY D 392 2.08 -18.25 -25.71
N PHE D 393 1.21 -17.60 -26.50
CA PHE D 393 -0.25 -17.71 -26.34
C PHE D 393 -0.97 -17.41 -27.65
N ASP D 394 -2.24 -17.80 -27.68
CA ASP D 394 -3.07 -17.55 -28.81
C ASP D 394 -4.31 -16.79 -28.39
N ALA D 395 -5.03 -16.29 -29.39
CA ALA D 395 -6.25 -15.50 -29.19
C ALA D 395 -7.29 -16.20 -28.39
N THR D 396 -7.36 -17.51 -28.53
CA THR D 396 -8.30 -18.28 -27.74
C THR D 396 -8.02 -18.07 -26.26
N ASP D 397 -6.74 -18.00 -25.88
CA ASP D 397 -6.40 -17.82 -24.46
C ASP D 397 -6.93 -16.50 -23.95
N SER D 398 -6.79 -15.45 -24.77
CA SER D 398 -7.31 -14.12 -24.37
C SER D 398 -8.79 -14.13 -24.04
N LYS D 399 -9.54 -14.96 -24.79
CA LYS D 399 -10.96 -15.07 -24.57
C LYS D 399 -11.24 -15.57 -23.16
N GLY D 400 -10.52 -16.60 -22.73
CA GLY D 400 -10.77 -17.12 -21.37
C GLY D 400 -10.33 -16.18 -20.30
N PHE D 401 -9.18 -15.55 -20.50
CA PHE D 401 -8.66 -14.59 -19.56
C PHE D 401 -9.64 -13.47 -19.34
N ILE D 402 -10.17 -12.93 -20.45
CA ILE D 402 -11.20 -11.88 -20.37
C ILE D 402 -12.47 -12.36 -19.68
N ASN D 403 -12.95 -13.54 -20.05
CA ASN D 403 -14.22 -14.00 -19.49
C ASN D 403 -14.19 -14.22 -17.99
N ILE D 404 -13.06 -14.74 -17.46
CA ILE D 404 -12.94 -14.97 -16.01
C ILE D 404 -12.87 -13.60 -15.33
N HIS D 405 -12.07 -12.68 -15.88
CA HIS D 405 -12.01 -11.35 -15.31
C HIS D 405 -13.35 -10.64 -15.33
N ALA D 406 -14.12 -10.83 -16.39
CA ALA D 406 -15.38 -10.13 -16.57
C ALA D 406 -16.51 -10.65 -15.62
N LEU D 407 -16.43 -11.93 -15.27
CA LEU D 407 -17.41 -12.55 -14.34
C LEU D 407 -17.78 -11.66 -13.22
N ARG D 408 -16.76 -11.18 -12.52
CA ARG D 408 -16.94 -10.45 -11.31
C ARG D 408 -17.68 -9.15 -11.57
N LEU D 409 -17.42 -8.57 -12.73
CA LEU D 409 -18.10 -7.32 -13.11
C LEU D 409 -19.54 -7.53 -13.46
N LYS D 410 -19.84 -8.65 -14.10
CA LYS D 410 -21.24 -8.97 -14.45
C LYS D 410 -22.04 -9.18 -13.15
N VAL D 411 -21.45 -9.83 -12.14
CA VAL D 411 -22.17 -10.02 -10.86
C VAL D 411 -22.49 -8.71 -10.19
N HIS D 412 -21.54 -7.79 -10.17
CA HIS D 412 -21.71 -6.51 -9.53
C HIS D 412 -22.90 -5.80 -10.15
N GLN D 413 -23.01 -5.90 -11.48
CA GLN D 413 -24.10 -5.25 -12.17
C GLN D 413 -25.42 -5.93 -11.86
N LEU D 414 -25.45 -7.26 -11.80
CA LEU D 414 -26.72 -8.00 -11.70
C LEU D 414 -27.32 -7.83 -10.32
N VAL D 415 -26.46 -7.57 -9.36
CA VAL D 415 -26.82 -7.53 -7.97
C VAL D 415 -27.11 -6.07 -7.56
N LYS D 416 -26.26 -5.15 -8.03
CA LYS D 416 -26.39 -3.73 -7.72
C LYS D 416 -27.12 -3.00 -8.85
#